data_9U46
# 
_entry.id   9U46 
# 
_audit_conform.dict_name       mmcif_pdbx.dic 
_audit_conform.dict_version    5.406 
_audit_conform.dict_location   http://mmcif.pdb.org/dictionaries/ascii/mmcif_pdbx.dic 
# 
loop_
_database_2.database_id 
_database_2.database_code 
_database_2.pdbx_database_accession 
_database_2.pdbx_DOI 
PDB   9U46         pdb_00009u46 10.2210/pdb9u46/pdb 
WWPDB D_1300057648 ?            ?                   
# 
loop_
_pdbx_audit_revision_history.ordinal 
_pdbx_audit_revision_history.data_content_type 
_pdbx_audit_revision_history.major_revision 
_pdbx_audit_revision_history.minor_revision 
_pdbx_audit_revision_history.revision_date 
_pdbx_audit_revision_history.part_number 
1 'Structure model' 1 0 2025-04-02 ? 
2 'Structure model' 1 1 2025-10-08 ? 
# 
_pdbx_audit_revision_details.ordinal             1 
_pdbx_audit_revision_details.revision_ordinal    1 
_pdbx_audit_revision_details.data_content_type   'Structure model' 
_pdbx_audit_revision_details.provider            repository 
_pdbx_audit_revision_details.type                'Initial release' 
_pdbx_audit_revision_details.description         ? 
_pdbx_audit_revision_details.details             ? 
# 
_pdbx_audit_revision_group.ordinal             1 
_pdbx_audit_revision_group.revision_ordinal    2 
_pdbx_audit_revision_group.data_content_type   'Structure model' 
_pdbx_audit_revision_group.group               'Database references' 
# 
loop_
_pdbx_audit_revision_category.ordinal 
_pdbx_audit_revision_category.revision_ordinal 
_pdbx_audit_revision_category.data_content_type 
_pdbx_audit_revision_category.category 
1 2 'Structure model' citation        
2 2 'Structure model' citation_author 
# 
loop_
_pdbx_audit_revision_item.ordinal 
_pdbx_audit_revision_item.revision_ordinal 
_pdbx_audit_revision_item.data_content_type 
_pdbx_audit_revision_item.item 
1  2 'Structure model' '_citation.country'                 
2  2 'Structure model' '_citation.journal_abbrev'          
3  2 'Structure model' '_citation.journal_id_ASTM'         
4  2 'Structure model' '_citation.journal_id_CSD'          
5  2 'Structure model' '_citation.journal_id_ISSN'         
6  2 'Structure model' '_citation.journal_volume'          
7  2 'Structure model' '_citation.page_first'              
8  2 'Structure model' '_citation.page_last'               
9  2 'Structure model' '_citation.pdbx_database_id_DOI'    
10 2 'Structure model' '_citation.pdbx_database_id_PubMed' 
11 2 'Structure model' '_citation.title'                   
12 2 'Structure model' '_citation.year'                    
# 
_pdbx_database_PDB_obs_spr.id               SPRSDE 
_pdbx_database_PDB_obs_spr.date             2025-04-02 
_pdbx_database_PDB_obs_spr.pdb_id           9U46 
_pdbx_database_PDB_obs_spr.replace_pdb_id   8X6J 
_pdbx_database_PDB_obs_spr.details          ? 
# 
_pdbx_database_status.status_code                     REL 
_pdbx_database_status.status_code_sf                  REL 
_pdbx_database_status.status_code_mr                  ? 
_pdbx_database_status.entry_id                        9U46 
_pdbx_database_status.recvd_initial_deposition_date   2025-03-19 
_pdbx_database_status.SG_entry                        N 
_pdbx_database_status.deposit_site                    PDBJ 
_pdbx_database_status.process_site                    PDBJ 
_pdbx_database_status.status_code_cs                  ? 
_pdbx_database_status.status_code_nmr_data            ? 
_pdbx_database_status.methods_development_category    ? 
_pdbx_database_status.pdb_format_compatible           Y 
# 
_pdbx_contact_author.id                 2 
_pdbx_contact_author.email              hori.hiroyuki.my@ehime-u.ac.jp 
_pdbx_contact_author.name_first         Hiroyuki 
_pdbx_contact_author.name_last          Hori 
_pdbx_contact_author.name_mi            ? 
_pdbx_contact_author.role               'principal investigator/group leader' 
_pdbx_contact_author.identifier_ORCID   0000-0003-4180-8551 
# 
loop_
_audit_author.name 
_audit_author.pdbx_ordinal 
_audit_author.identifier_ORCID 
'Fukumoto, S.'  1 ?                   
'Hasegawa, T.'  2 ?                   
'Ototake, M.'   3 ?                   
'Moriguchi, S.' 4 ?                   
'Namba, M.'     5 ?                   
'Yamagamai, R.' 6 ?                   
'Kawamura, T.'  7 ?                   
'Hirata, A.'    8 0000-0001-9941-3793 
'Hori, H.'      9 0000-0003-4180-8551 
# 
_citation.abstract                  ? 
_citation.abstract_id_CAS           ? 
_citation.book_id_ISBN              ? 
_citation.book_publisher            ? 
_citation.book_publisher_city       ? 
_citation.book_title                ? 
_citation.coordinate_linkage        ? 
_citation.country                   UK 
_citation.database_id_Medline       ? 
_citation.details                   ? 
_citation.id                        primary 
_citation.journal_abbrev            J.Mol.Biol. 
_citation.journal_id_ASTM           JMOBAK 
_citation.journal_id_CSD            0070 
_citation.journal_id_ISSN           1089-8638 
_citation.journal_full              ? 
_citation.journal_issue             ? 
_citation.journal_volume            437 
_citation.language                  ? 
_citation.page_first                169328 
_citation.page_last                 169328 
_citation.title                     
;Transfer RNA Recognition Mechanism of Thermoplasma acidophilum Trm56, a SPOUT tRNA Methyltransferase that Possesses an Unusually Long C-terminal Region.
;
_citation.year                      2025 
_citation.database_id_CSD           ? 
_citation.pdbx_database_id_DOI      10.1016/j.jmb.2025.169328 
_citation.pdbx_database_id_PubMed   40664129 
_citation.pdbx_database_id_patent   ? 
_citation.unpublished_flag          ? 
# 
loop_
_citation_author.citation_id 
_citation_author.name 
_citation_author.ordinal 
_citation_author.identifier_ORCID 
primary 'Hidetaka, S.'  1  ? 
primary 'Fukumoto, S.'  2  ? 
primary 'Hasegawa, T.'  3  ? 
primary 'Kawamura, T.'  4  ? 
primary 'Ototake, M.'   5  ? 
primary 'Moriguchi, S.' 6  ? 
primary 'Namba, M.'     7  ? 
primary 'Tomikawa, C.'  8  ? 
primary 'Yamagami, R.'  9  ? 
primary 'Hirata, A.'    10 ? 
primary 'Hori, H.'      11 ? 
# 
loop_
_entity.id 
_entity.type 
_entity.src_method 
_entity.pdbx_description 
_entity.formula_weight 
_entity.pdbx_number_of_molecules 
_entity.pdbx_ec 
_entity.pdbx_mutation 
_entity.pdbx_fragment 
_entity.details 
1 polymer     man 
;tRNA (cytidine(56)-2'-O)-methyltransferase
;
17373.775 1  2.1.1.206 ? ? ? 
2 non-polymer syn "5'-DEOXY-5'-METHYLTHIOADENOSINE"            297.334   1  ?         ? ? ? 
3 water       nat water                                        18.015    53 ?         ? ? ? 
# 
_entity_name_com.entity_id   1 
_entity_name_com.name        
;tRNA ribose 2'-O-methyltransferase aTrm56
;
# 
_entity_poly.entity_id                      1 
_entity_poly.type                           'polypeptide(L)' 
_entity_poly.nstd_linkage                   no 
_entity_poly.nstd_monomer                   yes 
_entity_poly.pdbx_seq_one_letter_code       
;MITVLRINHRPYRDKRITTHVALTARAFGASAILVDERDETLENTIRGVISNFGGSFSIKTG(CME)NWIQEFKHFQGIR
VHLTMYGRRINDVIDEIRNSGKDVMVLVGSEKVPIEAYEIADYNVSVTNQPISEVSALAIFLDRYFQGKEFEFEF
;
_entity_poly.pdbx_seq_one_letter_code_can   
;MITVLRINHRPYRDKRITTHVALTARAFGASAILVDERDETLENTIRGVISNFGGSFSIKTGCNWIQEFKHFQGIRVHLT
MYGRRINDVIDEIRNSGKDVMVLVGSEKVPIEAYEIADYNVSVTNQPISEVSALAIFLDRYFQGKEFEFEF
;
_entity_poly.pdbx_strand_id                 A 
_entity_poly.pdbx_target_identifier         ? 
# 
loop_
_pdbx_entity_nonpoly.entity_id 
_pdbx_entity_nonpoly.name 
_pdbx_entity_nonpoly.comp_id 
2 "5'-DEOXY-5'-METHYLTHIOADENOSINE" MTA 
3 water                             HOH 
# 
loop_
_entity_poly_seq.entity_id 
_entity_poly_seq.num 
_entity_poly_seq.mon_id 
_entity_poly_seq.hetero 
1 1   MET n 
1 2   ILE n 
1 3   THR n 
1 4   VAL n 
1 5   LEU n 
1 6   ARG n 
1 7   ILE n 
1 8   ASN n 
1 9   HIS n 
1 10  ARG n 
1 11  PRO n 
1 12  TYR n 
1 13  ARG n 
1 14  ASP n 
1 15  LYS n 
1 16  ARG n 
1 17  ILE n 
1 18  THR n 
1 19  THR n 
1 20  HIS n 
1 21  VAL n 
1 22  ALA n 
1 23  LEU n 
1 24  THR n 
1 25  ALA n 
1 26  ARG n 
1 27  ALA n 
1 28  PHE n 
1 29  GLY n 
1 30  ALA n 
1 31  SER n 
1 32  ALA n 
1 33  ILE n 
1 34  LEU n 
1 35  VAL n 
1 36  ASP n 
1 37  GLU n 
1 38  ARG n 
1 39  ASP n 
1 40  GLU n 
1 41  THR n 
1 42  LEU n 
1 43  GLU n 
1 44  ASN n 
1 45  THR n 
1 46  ILE n 
1 47  ARG n 
1 48  GLY n 
1 49  VAL n 
1 50  ILE n 
1 51  SER n 
1 52  ASN n 
1 53  PHE n 
1 54  GLY n 
1 55  GLY n 
1 56  SER n 
1 57  PHE n 
1 58  SER n 
1 59  ILE n 
1 60  LYS n 
1 61  THR n 
1 62  GLY n 
1 63  CME n 
1 64  ASN n 
1 65  TRP n 
1 66  ILE n 
1 67  GLN n 
1 68  GLU n 
1 69  PHE n 
1 70  LYS n 
1 71  HIS n 
1 72  PHE n 
1 73  GLN n 
1 74  GLY n 
1 75  ILE n 
1 76  ARG n 
1 77  VAL n 
1 78  HIS n 
1 79  LEU n 
1 80  THR n 
1 81  MET n 
1 82  TYR n 
1 83  GLY n 
1 84  ARG n 
1 85  ARG n 
1 86  ILE n 
1 87  ASN n 
1 88  ASP n 
1 89  VAL n 
1 90  ILE n 
1 91  ASP n 
1 92  GLU n 
1 93  ILE n 
1 94  ARG n 
1 95  ASN n 
1 96  SER n 
1 97  GLY n 
1 98  LYS n 
1 99  ASP n 
1 100 VAL n 
1 101 MET n 
1 102 VAL n 
1 103 LEU n 
1 104 VAL n 
1 105 GLY n 
1 106 SER n 
1 107 GLU n 
1 108 LYS n 
1 109 VAL n 
1 110 PRO n 
1 111 ILE n 
1 112 GLU n 
1 113 ALA n 
1 114 TYR n 
1 115 GLU n 
1 116 ILE n 
1 117 ALA n 
1 118 ASP n 
1 119 TYR n 
1 120 ASN n 
1 121 VAL n 
1 122 SER n 
1 123 VAL n 
1 124 THR n 
1 125 ASN n 
1 126 GLN n 
1 127 PRO n 
1 128 ILE n 
1 129 SER n 
1 130 GLU n 
1 131 VAL n 
1 132 SER n 
1 133 ALA n 
1 134 LEU n 
1 135 ALA n 
1 136 ILE n 
1 137 PHE n 
1 138 LEU n 
1 139 ASP n 
1 140 ARG n 
1 141 TYR n 
1 142 PHE n 
1 143 GLN n 
1 144 GLY n 
1 145 LYS n 
1 146 GLU n 
1 147 PHE n 
1 148 GLU n 
1 149 PHE n 
1 150 GLU n 
1 151 PHE n 
# 
_entity_src_gen.entity_id                          1 
_entity_src_gen.pdbx_src_id                        1 
_entity_src_gen.pdbx_alt_source_flag               sample 
_entity_src_gen.pdbx_seq_type                      'Biological sequence' 
_entity_src_gen.pdbx_beg_seq_num                   1 
_entity_src_gen.pdbx_end_seq_num                   151 
_entity_src_gen.gene_src_common_name               ? 
_entity_src_gen.gene_src_genus                     ? 
_entity_src_gen.pdbx_gene_src_gene                 Ta0931 
_entity_src_gen.gene_src_species                   ? 
_entity_src_gen.gene_src_strain                    'DSM 1728' 
_entity_src_gen.gene_src_tissue                    ? 
_entity_src_gen.gene_src_tissue_fraction           ? 
_entity_src_gen.gene_src_details                   ? 
_entity_src_gen.pdbx_gene_src_fragment             ? 
_entity_src_gen.pdbx_gene_src_scientific_name      'Thermoplasma acidophilum DSM 1728' 
_entity_src_gen.pdbx_gene_src_ncbi_taxonomy_id     273075 
_entity_src_gen.pdbx_gene_src_variant              ? 
_entity_src_gen.pdbx_gene_src_cell_line            ? 
_entity_src_gen.pdbx_gene_src_atcc                 ? 
_entity_src_gen.pdbx_gene_src_organ                ? 
_entity_src_gen.pdbx_gene_src_organelle            ? 
_entity_src_gen.pdbx_gene_src_cell                 ? 
_entity_src_gen.pdbx_gene_src_cellular_location    ? 
_entity_src_gen.host_org_common_name               ? 
_entity_src_gen.pdbx_host_org_scientific_name      'Escherichia coli BL21(DE3)' 
_entity_src_gen.pdbx_host_org_ncbi_taxonomy_id     469008 
_entity_src_gen.host_org_genus                     ? 
_entity_src_gen.pdbx_host_org_gene                 ? 
_entity_src_gen.pdbx_host_org_organ                ? 
_entity_src_gen.host_org_species                   ? 
_entity_src_gen.pdbx_host_org_tissue               ? 
_entity_src_gen.pdbx_host_org_tissue_fraction      ? 
_entity_src_gen.pdbx_host_org_strain               'BL21(DE3)' 
_entity_src_gen.pdbx_host_org_variant              Rosetta2 
_entity_src_gen.pdbx_host_org_cell_line            ? 
_entity_src_gen.pdbx_host_org_atcc                 ? 
_entity_src_gen.pdbx_host_org_culture_collection   ? 
_entity_src_gen.pdbx_host_org_cell                 ? 
_entity_src_gen.pdbx_host_org_organelle            ? 
_entity_src_gen.pdbx_host_org_cellular_location    ? 
_entity_src_gen.pdbx_host_org_vector_type          ? 
_entity_src_gen.pdbx_host_org_vector               ? 
_entity_src_gen.host_org_details                   ? 
_entity_src_gen.expression_system_id               ? 
_entity_src_gen.plasmid_name                       ? 
_entity_src_gen.plasmid_details                    ? 
_entity_src_gen.pdbx_description                   ? 
# 
loop_
_chem_comp.id 
_chem_comp.type 
_chem_comp.mon_nstd_flag 
_chem_comp.name 
_chem_comp.pdbx_synonyms 
_chem_comp.formula 
_chem_comp.formula_weight 
ALA 'L-peptide linking' y ALANINE                            ? 'C3 H7 N O2'      89.093  
ARG 'L-peptide linking' y ARGININE                           ? 'C6 H15 N4 O2 1'  175.209 
ASN 'L-peptide linking' y ASPARAGINE                         ? 'C4 H8 N2 O3'     132.118 
ASP 'L-peptide linking' y 'ASPARTIC ACID'                    ? 'C4 H7 N O4'      133.103 
CME 'L-peptide linking' n 'S,S-(2-HYDROXYETHYL)THIOCYSTEINE' ? 'C5 H11 N O3 S2'  197.276 
GLN 'L-peptide linking' y GLUTAMINE                          ? 'C5 H10 N2 O3'    146.144 
GLU 'L-peptide linking' y 'GLUTAMIC ACID'                    ? 'C5 H9 N O4'      147.129 
GLY 'peptide linking'   y GLYCINE                            ? 'C2 H5 N O2'      75.067  
HIS 'L-peptide linking' y HISTIDINE                          ? 'C6 H10 N3 O2 1'  156.162 
HOH non-polymer         . WATER                              ? 'H2 O'            18.015  
ILE 'L-peptide linking' y ISOLEUCINE                         ? 'C6 H13 N O2'     131.173 
LEU 'L-peptide linking' y LEUCINE                            ? 'C6 H13 N O2'     131.173 
LYS 'L-peptide linking' y LYSINE                             ? 'C6 H15 N2 O2 1'  147.195 
MET 'L-peptide linking' y METHIONINE                         ? 'C5 H11 N O2 S'   149.211 
MTA non-polymer         . "5'-DEOXY-5'-METHYLTHIOADENOSINE"  ? 'C11 H15 N5 O3 S' 297.334 
PHE 'L-peptide linking' y PHENYLALANINE                      ? 'C9 H11 N O2'     165.189 
PRO 'L-peptide linking' y PROLINE                            ? 'C5 H9 N O2'      115.130 
SER 'L-peptide linking' y SERINE                             ? 'C3 H7 N O3'      105.093 
THR 'L-peptide linking' y THREONINE                          ? 'C4 H9 N O3'      119.119 
TRP 'L-peptide linking' y TRYPTOPHAN                         ? 'C11 H12 N2 O2'   204.225 
TYR 'L-peptide linking' y TYROSINE                           ? 'C9 H11 N O3'     181.189 
VAL 'L-peptide linking' y VALINE                             ? 'C5 H11 N O2'     117.146 
# 
loop_
_pdbx_poly_seq_scheme.asym_id 
_pdbx_poly_seq_scheme.entity_id 
_pdbx_poly_seq_scheme.seq_id 
_pdbx_poly_seq_scheme.mon_id 
_pdbx_poly_seq_scheme.ndb_seq_num 
_pdbx_poly_seq_scheme.pdb_seq_num 
_pdbx_poly_seq_scheme.auth_seq_num 
_pdbx_poly_seq_scheme.pdb_mon_id 
_pdbx_poly_seq_scheme.auth_mon_id 
_pdbx_poly_seq_scheme.pdb_strand_id 
_pdbx_poly_seq_scheme.pdb_ins_code 
_pdbx_poly_seq_scheme.hetero 
A 1 1   MET 1   1   1   MET MET A . n 
A 1 2   ILE 2   2   2   ILE ILE A . n 
A 1 3   THR 3   3   3   THR THR A . n 
A 1 4   VAL 4   4   4   VAL VAL A . n 
A 1 5   LEU 5   5   5   LEU LEU A . n 
A 1 6   ARG 6   6   6   ARG ARG A . n 
A 1 7   ILE 7   7   7   ILE ILE A . n 
A 1 8   ASN 8   8   8   ASN ASN A . n 
A 1 9   HIS 9   9   9   HIS HIS A . n 
A 1 10  ARG 10  10  10  ARG ARG A . n 
A 1 11  PRO 11  11  11  PRO PRO A . n 
A 1 12  TYR 12  12  12  TYR TYR A . n 
A 1 13  ARG 13  13  13  ARG ARG A . n 
A 1 14  ASP 14  14  14  ASP ASP A . n 
A 1 15  LYS 15  15  15  LYS LYS A . n 
A 1 16  ARG 16  16  16  ARG ARG A . n 
A 1 17  ILE 17  17  17  ILE ILE A . n 
A 1 18  THR 18  18  18  THR THR A . n 
A 1 19  THR 19  19  19  THR THR A . n 
A 1 20  HIS 20  20  20  HIS HIS A . n 
A 1 21  VAL 21  21  21  VAL VAL A . n 
A 1 22  ALA 22  22  22  ALA ALA A . n 
A 1 23  LEU 23  23  23  LEU LEU A . n 
A 1 24  THR 24  24  24  THR THR A . n 
A 1 25  ALA 25  25  25  ALA ALA A . n 
A 1 26  ARG 26  26  26  ARG ARG A . n 
A 1 27  ALA 27  27  27  ALA ALA A . n 
A 1 28  PHE 28  28  28  PHE PHE A . n 
A 1 29  GLY 29  29  29  GLY GLY A . n 
A 1 30  ALA 30  30  30  ALA ALA A . n 
A 1 31  SER 31  31  31  SER SER A . n 
A 1 32  ALA 32  32  32  ALA ALA A . n 
A 1 33  ILE 33  33  33  ILE ILE A . n 
A 1 34  LEU 34  34  34  LEU LEU A . n 
A 1 35  VAL 35  35  35  VAL VAL A . n 
A 1 36  ASP 36  36  36  ASP ASP A . n 
A 1 37  GLU 37  37  37  GLU GLU A . n 
A 1 38  ARG 38  38  38  ARG ARG A . n 
A 1 39  ASP 39  39  39  ASP ASP A . n 
A 1 40  GLU 40  40  40  GLU GLU A . n 
A 1 41  THR 41  41  41  THR THR A . n 
A 1 42  LEU 42  42  42  LEU LEU A . n 
A 1 43  GLU 43  43  43  GLU GLU A . n 
A 1 44  ASN 44  44  44  ASN ASN A . n 
A 1 45  THR 45  45  45  THR THR A . n 
A 1 46  ILE 46  46  46  ILE ILE A . n 
A 1 47  ARG 47  47  47  ARG ARG A . n 
A 1 48  GLY 48  48  48  GLY GLY A . n 
A 1 49  VAL 49  49  49  VAL VAL A . n 
A 1 50  ILE 50  50  50  ILE ILE A . n 
A 1 51  SER 51  51  51  SER SER A . n 
A 1 52  ASN 52  52  52  ASN ASN A . n 
A 1 53  PHE 53  53  53  PHE PHE A . n 
A 1 54  GLY 54  54  54  GLY GLY A . n 
A 1 55  GLY 55  55  55  GLY GLY A . n 
A 1 56  SER 56  56  56  SER SER A . n 
A 1 57  PHE 57  57  57  PHE PHE A . n 
A 1 58  SER 58  58  58  SER SER A . n 
A 1 59  ILE 59  59  59  ILE ILE A . n 
A 1 60  LYS 60  60  60  LYS LYS A . n 
A 1 61  THR 61  61  61  THR THR A . n 
A 1 62  GLY 62  62  62  GLY GLY A . n 
A 1 63  CME 63  63  63  CME CYS A . n 
A 1 64  ASN 64  64  64  ASN ASN A . n 
A 1 65  TRP 65  65  65  TRP TRP A . n 
A 1 66  ILE 66  66  66  ILE ILE A . n 
A 1 67  GLN 67  67  67  GLN GLN A . n 
A 1 68  GLU 68  68  68  GLU GLU A . n 
A 1 69  PHE 69  69  69  PHE PHE A . n 
A 1 70  LYS 70  70  70  LYS LYS A . n 
A 1 71  HIS 71  71  71  HIS HIS A . n 
A 1 72  PHE 72  72  72  PHE PHE A . n 
A 1 73  GLN 73  73  73  GLN GLN A . n 
A 1 74  GLY 74  74  74  GLY GLY A . n 
A 1 75  ILE 75  75  75  ILE ILE A . n 
A 1 76  ARG 76  76  76  ARG ARG A . n 
A 1 77  VAL 77  77  77  VAL VAL A . n 
A 1 78  HIS 78  78  78  HIS HIS A . n 
A 1 79  LEU 79  79  79  LEU LEU A . n 
A 1 80  THR 80  80  80  THR THR A . n 
A 1 81  MET 81  81  81  MET MET A . n 
A 1 82  TYR 82  82  82  TYR TYR A . n 
A 1 83  GLY 83  83  83  GLY GLY A . n 
A 1 84  ARG 84  84  84  ARG ARG A . n 
A 1 85  ARG 85  85  85  ARG ARG A . n 
A 1 86  ILE 86  86  86  ILE ILE A . n 
A 1 87  ASN 87  87  87  ASN ASN A . n 
A 1 88  ASP 88  88  88  ASP ASP A . n 
A 1 89  VAL 89  89  89  VAL VAL A . n 
A 1 90  ILE 90  90  90  ILE ILE A . n 
A 1 91  ASP 91  91  91  ASP ASP A . n 
A 1 92  GLU 92  92  92  GLU GLU A . n 
A 1 93  ILE 93  93  93  ILE ILE A . n 
A 1 94  ARG 94  94  94  ARG ARG A . n 
A 1 95  ASN 95  95  95  ASN ASN A . n 
A 1 96  SER 96  96  96  SER SER A . n 
A 1 97  GLY 97  97  97  GLY GLY A . n 
A 1 98  LYS 98  98  98  LYS LYS A . n 
A 1 99  ASP 99  99  99  ASP ASP A . n 
A 1 100 VAL 100 100 100 VAL VAL A . n 
A 1 101 MET 101 101 101 MET MET A . n 
A 1 102 VAL 102 102 102 VAL VAL A . n 
A 1 103 LEU 103 103 103 LEU LEU A . n 
A 1 104 VAL 104 104 104 VAL VAL A . n 
A 1 105 GLY 105 105 105 GLY GLY A . n 
A 1 106 SER 106 106 106 SER SER A . n 
A 1 107 GLU 107 107 107 GLU GLU A . n 
A 1 108 LYS 108 108 108 LYS LYS A . n 
A 1 109 VAL 109 109 109 VAL VAL A . n 
A 1 110 PRO 110 110 110 PRO PRO A . n 
A 1 111 ILE 111 111 111 ILE ILE A . n 
A 1 112 GLU 112 112 112 GLU GLU A . n 
A 1 113 ALA 113 113 113 ALA ALA A . n 
A 1 114 TYR 114 114 114 TYR TYR A . n 
A 1 115 GLU 115 115 115 GLU GLU A . n 
A 1 116 ILE 116 116 116 ILE ILE A . n 
A 1 117 ALA 117 117 117 ALA ALA A . n 
A 1 118 ASP 118 118 118 ASP ASP A . n 
A 1 119 TYR 119 119 119 TYR TYR A . n 
A 1 120 ASN 120 120 120 ASN ASN A . n 
A 1 121 VAL 121 121 121 VAL VAL A . n 
A 1 122 SER 122 122 122 SER SER A . n 
A 1 123 VAL 123 123 123 VAL VAL A . n 
A 1 124 THR 124 124 124 THR THR A . n 
A 1 125 ASN 125 125 125 ASN ASN A . n 
A 1 126 GLN 126 126 126 GLN GLN A . n 
A 1 127 PRO 127 127 127 PRO PRO A . n 
A 1 128 ILE 128 128 128 ILE ILE A . n 
A 1 129 SER 129 129 129 SER SER A . n 
A 1 130 GLU 130 130 130 GLU GLU A . n 
A 1 131 VAL 131 131 131 VAL VAL A . n 
A 1 132 SER 132 132 132 SER SER A . n 
A 1 133 ALA 133 133 133 ALA ALA A . n 
A 1 134 LEU 134 134 134 LEU LEU A . n 
A 1 135 ALA 135 135 135 ALA ALA A . n 
A 1 136 ILE 136 136 136 ILE ILE A . n 
A 1 137 PHE 137 137 137 PHE PHE A . n 
A 1 138 LEU 138 138 138 LEU LEU A . n 
A 1 139 ASP 139 139 139 ASP ASP A . n 
A 1 140 ARG 140 140 140 ARG ARG A . n 
A 1 141 TYR 141 141 141 TYR TYR A . n 
A 1 142 PHE 142 142 142 PHE PHE A . n 
A 1 143 GLN 143 143 143 GLN GLN A . n 
A 1 144 GLY 144 144 144 GLY GLY A . n 
A 1 145 LYS 145 145 145 LYS LYS A . n 
A 1 146 GLU 146 146 146 GLU GLU A . n 
A 1 147 PHE 147 147 147 PHE PHE A . n 
A 1 148 GLU 148 148 148 GLU GLU A . n 
A 1 149 PHE 149 149 149 PHE PHE A . n 
A 1 150 GLU 150 150 150 GLU GLU A . n 
A 1 151 PHE 151 151 151 PHE PHE A . n 
# 
_pdbx_entity_instance_feature.ordinal        1 
_pdbx_entity_instance_feature.comp_id        MTA 
_pdbx_entity_instance_feature.asym_id        ? 
_pdbx_entity_instance_feature.seq_num        ? 
_pdbx_entity_instance_feature.auth_comp_id   MTA 
_pdbx_entity_instance_feature.auth_asym_id   ? 
_pdbx_entity_instance_feature.auth_seq_num   ? 
_pdbx_entity_instance_feature.feature_type   'SUBJECT OF INVESTIGATION' 
_pdbx_entity_instance_feature.details        ? 
# 
loop_
_pdbx_nonpoly_scheme.asym_id 
_pdbx_nonpoly_scheme.entity_id 
_pdbx_nonpoly_scheme.mon_id 
_pdbx_nonpoly_scheme.ndb_seq_num 
_pdbx_nonpoly_scheme.pdb_seq_num 
_pdbx_nonpoly_scheme.auth_seq_num 
_pdbx_nonpoly_scheme.pdb_mon_id 
_pdbx_nonpoly_scheme.auth_mon_id 
_pdbx_nonpoly_scheme.pdb_strand_id 
_pdbx_nonpoly_scheme.pdb_ins_code 
B 2 MTA 1  201 1  MTA SAM A . 
C 3 HOH 1  301 42 HOH HOH A . 
C 3 HOH 2  302 17 HOH HOH A . 
C 3 HOH 3  303 41 HOH HOH A . 
C 3 HOH 4  304 37 HOH HOH A . 
C 3 HOH 5  305 39 HOH HOH A . 
C 3 HOH 6  306 46 HOH HOH A . 
C 3 HOH 7  307 18 HOH HOH A . 
C 3 HOH 8  308 6  HOH HOH A . 
C 3 HOH 9  309 45 HOH HOH A . 
C 3 HOH 10 310 22 HOH HOH A . 
C 3 HOH 11 311 34 HOH HOH A . 
C 3 HOH 12 312 40 HOH HOH A . 
C 3 HOH 13 313 36 HOH HOH A . 
C 3 HOH 14 314 38 HOH HOH A . 
C 3 HOH 15 315 20 HOH HOH A . 
C 3 HOH 16 316 28 HOH HOH A . 
C 3 HOH 17 317 15 HOH HOH A . 
C 3 HOH 18 318 4  HOH HOH A . 
C 3 HOH 19 319 2  HOH HOH A . 
C 3 HOH 20 320 5  HOH HOH A . 
C 3 HOH 21 321 1  HOH HOH A . 
C 3 HOH 22 322 11 HOH HOH A . 
C 3 HOH 23 323 31 HOH HOH A . 
C 3 HOH 24 324 47 HOH HOH A . 
C 3 HOH 25 325 14 HOH HOH A . 
C 3 HOH 26 326 8  HOH HOH A . 
C 3 HOH 27 327 21 HOH HOH A . 
C 3 HOH 28 328 27 HOH HOH A . 
C 3 HOH 29 329 24 HOH HOH A . 
C 3 HOH 30 330 35 HOH HOH A . 
C 3 HOH 31 331 30 HOH HOH A . 
C 3 HOH 32 332 9  HOH HOH A . 
C 3 HOH 33 333 44 HOH HOH A . 
C 3 HOH 34 334 16 HOH HOH A . 
C 3 HOH 35 335 10 HOH HOH A . 
C 3 HOH 36 336 32 HOH HOH A . 
C 3 HOH 37 337 13 HOH HOH A . 
C 3 HOH 38 338 12 HOH HOH A . 
C 3 HOH 39 339 25 HOH HOH A . 
C 3 HOH 40 340 7  HOH HOH A . 
C 3 HOH 41 341 3  HOH HOH A . 
C 3 HOH 42 342 43 HOH HOH A . 
C 3 HOH 43 343 53 HOH HOH A . 
C 3 HOH 44 344 26 HOH HOH A . 
C 3 HOH 45 345 48 HOH HOH A . 
C 3 HOH 46 346 29 HOH HOH A . 
C 3 HOH 47 347 19 HOH HOH A . 
C 3 HOH 48 348 23 HOH HOH A . 
C 3 HOH 49 349 50 HOH HOH A . 
C 3 HOH 50 350 51 HOH HOH A . 
C 3 HOH 51 351 49 HOH HOH A . 
C 3 HOH 52 352 33 HOH HOH A . 
C 3 HOH 53 353 52 HOH HOH A . 
# 
loop_
_software.citation_id 
_software.classification 
_software.compiler_name 
_software.compiler_version 
_software.contact_author 
_software.contact_author_email 
_software.date 
_software.description 
_software.dependencies 
_software.hardware 
_software.language 
_software.location 
_software.mods 
_software.name 
_software.os 
_software.os_version 
_software.type 
_software.version 
_software.pdbx_ordinal 
? refinement       ? ? ? ? ? ? ? ? ? ? ? REFMAC ? ? ? 5.8.0352 1 
? 'data reduction' ? ? ? ? ? ? ? ? ? ? ? XDS    ? ? ? .        2 
? 'data scaling'   ? ? ? ? ? ? ? ? ? ? ? XDS    ? ? ? .        3 
? phasing          ? ? ? ? ? ? ? ? ? ? ? PHASER ? ? ? .        4 
# 
_cell.angle_alpha                  90.000 
_cell.angle_alpha_esd              ? 
_cell.angle_beta                   90.000 
_cell.angle_beta_esd               ? 
_cell.angle_gamma                  90.000 
_cell.angle_gamma_esd              ? 
_cell.entry_id                     9U46 
_cell.details                      ? 
_cell.formula_units_Z              ? 
_cell.length_a                     46.700 
_cell.length_a_esd                 ? 
_cell.length_b                     71.400 
_cell.length_b_esd                 ? 
_cell.length_c                     86.990 
_cell.length_c_esd                 ? 
_cell.volume                       ? 
_cell.volume_esd                   ? 
_cell.Z_PDB                        8 
_cell.reciprocal_angle_alpha       ? 
_cell.reciprocal_angle_beta        ? 
_cell.reciprocal_angle_gamma       ? 
_cell.reciprocal_angle_alpha_esd   ? 
_cell.reciprocal_angle_beta_esd    ? 
_cell.reciprocal_angle_gamma_esd   ? 
_cell.reciprocal_length_a          ? 
_cell.reciprocal_length_b          ? 
_cell.reciprocal_length_c          ? 
_cell.reciprocal_length_a_esd      ? 
_cell.reciprocal_length_b_esd      ? 
_cell.reciprocal_length_c_esd      ? 
_cell.pdbx_unique_axis             ? 
_cell.pdbx_esd_method              ? 
# 
_symmetry.entry_id                         9U46 
_symmetry.cell_setting                     ? 
_symmetry.Int_Tables_number                20 
_symmetry.space_group_name_Hall            ? 
_symmetry.space_group_name_H-M             'C 2 2 21' 
_symmetry.pdbx_full_space_group_name_H-M   ? 
# 
_exptl.absorpt_coefficient_mu     ? 
_exptl.absorpt_correction_T_max   ? 
_exptl.absorpt_correction_T_min   ? 
_exptl.absorpt_correction_type    ? 
_exptl.absorpt_process_details    ? 
_exptl.entry_id                   9U46 
_exptl.crystals_number            1 
_exptl.details                    ? 
_exptl.method                     'X-RAY DIFFRACTION' 
_exptl.method_details             ? 
# 
_exptl_crystal.colour                       ? 
_exptl_crystal.density_diffrn               ? 
_exptl_crystal.density_Matthews             2.92 
_exptl_crystal.density_method               ? 
_exptl_crystal.density_percent_sol          57.85 
_exptl_crystal.description                  ? 
_exptl_crystal.F_000                        ? 
_exptl_crystal.id                           1 
_exptl_crystal.preparation                  ? 
_exptl_crystal.size_max                     ? 
_exptl_crystal.size_mid                     ? 
_exptl_crystal.size_min                     ? 
_exptl_crystal.size_rad                     ? 
_exptl_crystal.colour_lustre                ? 
_exptl_crystal.colour_modifier              ? 
_exptl_crystal.colour_primary               ? 
_exptl_crystal.density_meas                 ? 
_exptl_crystal.density_meas_esd             ? 
_exptl_crystal.density_meas_gt              ? 
_exptl_crystal.density_meas_lt              ? 
_exptl_crystal.density_meas_temp            ? 
_exptl_crystal.density_meas_temp_esd        ? 
_exptl_crystal.density_meas_temp_gt         ? 
_exptl_crystal.density_meas_temp_lt         ? 
_exptl_crystal.pdbx_crystal_image_url       ? 
_exptl_crystal.pdbx_crystal_image_format    ? 
_exptl_crystal.pdbx_mosaicity               ? 
_exptl_crystal.pdbx_mosaicity_esd           ? 
_exptl_crystal.pdbx_mosaic_method           ? 
_exptl_crystal.pdbx_mosaic_block_size       ? 
_exptl_crystal.pdbx_mosaic_block_size_esd   ? 
# 
_exptl_crystal_grow.apparatus       ? 
_exptl_crystal_grow.atmosphere      ? 
_exptl_crystal_grow.crystal_id      1 
_exptl_crystal_grow.details         ? 
_exptl_crystal_grow.method          'VAPOR DIFFUSION, HANGING DROP' 
_exptl_crystal_grow.method_ref      ? 
_exptl_crystal_grow.pH              5.5 
_exptl_crystal_grow.pressure        ? 
_exptl_crystal_grow.pressure_esd    ? 
_exptl_crystal_grow.seeding         ? 
_exptl_crystal_grow.seeding_ref     ? 
_exptl_crystal_grow.temp_details    ? 
_exptl_crystal_grow.temp_esd        ? 
_exptl_crystal_grow.time            ? 
_exptl_crystal_grow.pdbx_details    'PEG3350, Bis-Tris' 
_exptl_crystal_grow.pdbx_pH_range   ? 
_exptl_crystal_grow.temp            293 
# 
_diffrn.ambient_environment              ? 
_diffrn.ambient_temp                     100 
_diffrn.ambient_temp_details             ? 
_diffrn.ambient_temp_esd                 ? 
_diffrn.crystal_id                       1 
_diffrn.crystal_support                  ? 
_diffrn.crystal_treatment                ? 
_diffrn.details                          ? 
_diffrn.id                               1 
_diffrn.ambient_pressure                 ? 
_diffrn.ambient_pressure_esd             ? 
_diffrn.ambient_pressure_gt              ? 
_diffrn.ambient_pressure_lt              ? 
_diffrn.ambient_temp_gt                  ? 
_diffrn.ambient_temp_lt                  ? 
_diffrn.pdbx_serial_crystal_experiment   N 
# 
_diffrn_detector.details                      ? 
_diffrn_detector.detector                     PIXEL 
_diffrn_detector.diffrn_id                    1 
_diffrn_detector.type                         'DECTRIS EIGER X 16M' 
_diffrn_detector.area_resol_mean              ? 
_diffrn_detector.dtime                        ? 
_diffrn_detector.pdbx_frames_total            ? 
_diffrn_detector.pdbx_collection_time_total   ? 
_diffrn_detector.pdbx_collection_date         2023-02-05 
_diffrn_detector.pdbx_frequency               ? 
_diffrn_detector.id                           ? 
_diffrn_detector.number_of_axes               ? 
# 
_diffrn_radiation.collimation                      ? 
_diffrn_radiation.diffrn_id                        1 
_diffrn_radiation.filter_edge                      ? 
_diffrn_radiation.inhomogeneity                    ? 
_diffrn_radiation.monochromator                    ? 
_diffrn_radiation.polarisn_norm                    ? 
_diffrn_radiation.polarisn_ratio                   ? 
_diffrn_radiation.probe                            ? 
_diffrn_radiation.type                             ? 
_diffrn_radiation.xray_symbol                      ? 
_diffrn_radiation.wavelength_id                    1 
_diffrn_radiation.pdbx_monochromatic_or_laue_m_l   M 
_diffrn_radiation.pdbx_wavelength_list             ? 
_diffrn_radiation.pdbx_wavelength                  ? 
_diffrn_radiation.pdbx_diffrn_protocol             'SINGLE WAVELENGTH' 
_diffrn_radiation.pdbx_analyzer                    ? 
_diffrn_radiation.pdbx_scattering_type             x-ray 
# 
_diffrn_radiation_wavelength.id           1 
_diffrn_radiation_wavelength.wavelength   1.0 
_diffrn_radiation_wavelength.wt           1.0 
# 
_diffrn_source.current                     ? 
_diffrn_source.details                     ? 
_diffrn_source.diffrn_id                   1 
_diffrn_source.power                       ? 
_diffrn_source.size                        ? 
_diffrn_source.source                      SYNCHROTRON 
_diffrn_source.target                      ? 
_diffrn_source.type                        'SPRING-8 BEAMLINE BL41XU' 
_diffrn_source.voltage                     ? 
_diffrn_source.take-off_angle              ? 
_diffrn_source.pdbx_wavelength_list        1.0 
_diffrn_source.pdbx_wavelength             ? 
_diffrn_source.pdbx_synchrotron_beamline   BL41XU 
_diffrn_source.pdbx_synchrotron_site       SPring-8 
# 
_reflns.B_iso_Wilson_estimate                          ? 
_reflns.entry_id                                       9U46 
_reflns.data_reduction_details                         ? 
_reflns.data_reduction_method                          ? 
_reflns.d_resolution_high                              1.99 
_reflns.d_resolution_low                               50 
_reflns.details                                        ? 
_reflns.limit_h_max                                    ? 
_reflns.limit_h_min                                    ? 
_reflns.limit_k_max                                    ? 
_reflns.limit_k_min                                    ? 
_reflns.limit_l_max                                    ? 
_reflns.limit_l_min                                    ? 
_reflns.number_all                                     ? 
_reflns.number_obs                                     10241 
_reflns.observed_criterion                             ? 
_reflns.observed_criterion_F_max                       ? 
_reflns.observed_criterion_F_min                       ? 
_reflns.observed_criterion_I_max                       ? 
_reflns.observed_criterion_I_min                       ? 
_reflns.observed_criterion_sigma_F                     ? 
_reflns.observed_criterion_sigma_I                     ? 
_reflns.percent_possible_obs                           99.4 
_reflns.R_free_details                                 ? 
_reflns.Rmerge_F_all                                   ? 
_reflns.Rmerge_F_obs                                   ? 
_reflns.Friedel_coverage                               ? 
_reflns.number_gt                                      ? 
_reflns.threshold_expression                           ? 
_reflns.pdbx_redundancy                                5.9 
_reflns.pdbx_netI_over_av_sigmaI                       ? 
_reflns.pdbx_netI_over_sigmaI                          22.19 
_reflns.pdbx_res_netI_over_av_sigmaI_2                 ? 
_reflns.pdbx_res_netI_over_sigmaI_2                    ? 
_reflns.pdbx_chi_squared                               ? 
_reflns.pdbx_scaling_rejects                           ? 
_reflns.pdbx_d_res_high_opt                            ? 
_reflns.pdbx_d_res_low_opt                             ? 
_reflns.pdbx_d_res_opt_method                          ? 
_reflns.phase_calculation_details                      ? 
_reflns.pdbx_Rrim_I_all                                ? 
_reflns.pdbx_Rpim_I_all                                ? 
_reflns.pdbx_d_opt                                     ? 
_reflns.pdbx_number_measured_all                       ? 
_reflns.pdbx_diffrn_id                                 1 
_reflns.pdbx_ordinal                                   1 
_reflns.pdbx_CC_half                                   1 
_reflns.pdbx_CC_star                                   ? 
_reflns.pdbx_R_split                                   ? 
_reflns.pdbx_Rmerge_I_obs                              0.069 
_reflns.pdbx_Rmerge_I_all                              ? 
_reflns.pdbx_Rsym_value                                ? 
_reflns.pdbx_CC_split_method                           ? 
_reflns.pdbx_aniso_diffraction_limit_axis_1_ortho[1]   ? 
_reflns.pdbx_aniso_diffraction_limit_axis_1_ortho[2]   ? 
_reflns.pdbx_aniso_diffraction_limit_axis_1_ortho[3]   ? 
_reflns.pdbx_aniso_diffraction_limit_axis_2_ortho[1]   ? 
_reflns.pdbx_aniso_diffraction_limit_axis_2_ortho[2]   ? 
_reflns.pdbx_aniso_diffraction_limit_axis_2_ortho[3]   ? 
_reflns.pdbx_aniso_diffraction_limit_axis_3_ortho[1]   ? 
_reflns.pdbx_aniso_diffraction_limit_axis_3_ortho[2]   ? 
_reflns.pdbx_aniso_diffraction_limit_axis_3_ortho[3]   ? 
_reflns.pdbx_aniso_diffraction_limit_1                 ? 
_reflns.pdbx_aniso_diffraction_limit_2                 ? 
_reflns.pdbx_aniso_diffraction_limit_3                 ? 
_reflns.pdbx_aniso_B_tensor_eigenvector_1_ortho[1]     ? 
_reflns.pdbx_aniso_B_tensor_eigenvector_1_ortho[2]     ? 
_reflns.pdbx_aniso_B_tensor_eigenvector_1_ortho[3]     ? 
_reflns.pdbx_aniso_B_tensor_eigenvector_2_ortho[1]     ? 
_reflns.pdbx_aniso_B_tensor_eigenvector_2_ortho[2]     ? 
_reflns.pdbx_aniso_B_tensor_eigenvector_2_ortho[3]     ? 
_reflns.pdbx_aniso_B_tensor_eigenvector_3_ortho[1]     ? 
_reflns.pdbx_aniso_B_tensor_eigenvector_3_ortho[2]     ? 
_reflns.pdbx_aniso_B_tensor_eigenvector_3_ortho[3]     ? 
_reflns.pdbx_aniso_B_tensor_eigenvalue_1               ? 
_reflns.pdbx_aniso_B_tensor_eigenvalue_2               ? 
_reflns.pdbx_aniso_B_tensor_eigenvalue_3               ? 
_reflns.pdbx_orthogonalization_convention              ? 
_reflns.pdbx_percent_possible_ellipsoidal              ? 
_reflns.pdbx_percent_possible_spherical                ? 
_reflns.pdbx_percent_possible_ellipsoidal_anomalous    ? 
_reflns.pdbx_percent_possible_spherical_anomalous      ? 
_reflns.pdbx_redundancy_anomalous                      ? 
_reflns.pdbx_CC_half_anomalous                         ? 
_reflns.pdbx_absDiff_over_sigma_anomalous              ? 
_reflns.pdbx_percent_possible_anomalous                ? 
_reflns.pdbx_observed_signal_threshold                 ? 
_reflns.pdbx_signal_type                               ? 
_reflns.pdbx_signal_details                            ? 
_reflns.pdbx_signal_software_id                        ? 
# 
_reflns_shell.d_res_high                                    1.99 
_reflns_shell.d_res_low                                     2.11 
_reflns_shell.meanI_over_sigI_all                           ? 
_reflns_shell.meanI_over_sigI_obs                           8.57 
_reflns_shell.number_measured_all                           ? 
_reflns_shell.number_measured_obs                           ? 
_reflns_shell.number_possible                               ? 
_reflns_shell.number_unique_all                             ? 
_reflns_shell.number_unique_obs                             1613 
_reflns_shell.percent_possible_obs                          ? 
_reflns_shell.Rmerge_F_all                                  ? 
_reflns_shell.Rmerge_F_obs                                  ? 
_reflns_shell.meanI_over_sigI_gt                            ? 
_reflns_shell.meanI_over_uI_all                             ? 
_reflns_shell.meanI_over_uI_gt                              ? 
_reflns_shell.number_measured_gt                            ? 
_reflns_shell.number_unique_gt                              ? 
_reflns_shell.percent_possible_gt                           ? 
_reflns_shell.Rmerge_F_gt                                   ? 
_reflns_shell.Rmerge_I_gt                                   ? 
_reflns_shell.pdbx_redundancy                               ? 
_reflns_shell.pdbx_chi_squared                              ? 
_reflns_shell.pdbx_netI_over_sigmaI_all                     ? 
_reflns_shell.pdbx_netI_over_sigmaI_obs                     ? 
_reflns_shell.pdbx_Rrim_I_all                               ? 
_reflns_shell.pdbx_Rpim_I_all                               ? 
_reflns_shell.pdbx_rejects                                  ? 
_reflns_shell.pdbx_ordinal                                  1 
_reflns_shell.pdbx_diffrn_id                                1 
_reflns_shell.pdbx_CC_half                                  0.97 
_reflns_shell.pdbx_CC_star                                  ? 
_reflns_shell.pdbx_R_split                                  ? 
_reflns_shell.percent_possible_all                          98 
_reflns_shell.Rmerge_I_all                                  ? 
_reflns_shell.Rmerge_I_obs                                  0.28 
_reflns_shell.pdbx_Rsym_value                               ? 
_reflns_shell.pdbx_percent_possible_ellipsoidal             ? 
_reflns_shell.pdbx_percent_possible_spherical               ? 
_reflns_shell.pdbx_percent_possible_ellipsoidal_anomalous   ? 
_reflns_shell.pdbx_percent_possible_spherical_anomalous     ? 
_reflns_shell.pdbx_redundancy_anomalous                     ? 
_reflns_shell.pdbx_CC_half_anomalous                        ? 
_reflns_shell.pdbx_absDiff_over_sigma_anomalous             ? 
_reflns_shell.pdbx_percent_possible_anomalous               ? 
# 
_refine.aniso_B[1][1]                            -1.054 
_refine.aniso_B[1][2]                            -0.000 
_refine.aniso_B[1][3]                            -0.000 
_refine.aniso_B[2][2]                            2.160 
_refine.aniso_B[2][3]                            0.000 
_refine.aniso_B[3][3]                            -1.106 
_refine.B_iso_max                                ? 
_refine.B_iso_mean                               24.892 
_refine.B_iso_min                                ? 
_refine.correlation_coeff_Fo_to_Fc               0.959 
_refine.correlation_coeff_Fo_to_Fc_free          0.941 
_refine.details                                  'Hydrogens have been added in their riding positions' 
_refine.diff_density_max                         ? 
_refine.diff_density_max_esd                     ? 
_refine.diff_density_min                         ? 
_refine.diff_density_min_esd                     ? 
_refine.diff_density_rms                         ? 
_refine.diff_density_rms_esd                     ? 
_refine.entry_id                                 9U46 
_refine.pdbx_refine_id                           'X-RAY DIFFRACTION' 
_refine.ls_abs_structure_details                 ? 
_refine.ls_abs_structure_Flack                   ? 
_refine.ls_abs_structure_Flack_esd               ? 
_refine.ls_abs_structure_Rogers                  ? 
_refine.ls_abs_structure_Rogers_esd              ? 
_refine.ls_d_res_high                            1.992 
_refine.ls_d_res_low                             39.083 
_refine.ls_extinction_coef                       ? 
_refine.ls_extinction_coef_esd                   ? 
_refine.ls_extinction_expression                 ? 
_refine.ls_extinction_method                     ? 
_refine.ls_goodness_of_fit_all                   ? 
_refine.ls_goodness_of_fit_all_esd               ? 
_refine.ls_goodness_of_fit_obs                   ? 
_refine.ls_goodness_of_fit_obs_esd               ? 
_refine.ls_hydrogen_treatment                    ? 
_refine.ls_matrix_type                           ? 
_refine.ls_number_constraints                    ? 
_refine.ls_number_parameters                     ? 
_refine.ls_number_reflns_all                     ? 
_refine.ls_number_reflns_obs                     10241 
_refine.ls_number_reflns_R_free                  512 
_refine.ls_number_reflns_R_work                  9729 
_refine.ls_number_restraints                     ? 
_refine.ls_percent_reflns_obs                    99.485 
_refine.ls_percent_reflns_R_free                 5.000 
_refine.ls_R_factor_all                          0.173 
_refine.ls_R_factor_obs                          ? 
_refine.ls_R_factor_R_free                       0.2243 
_refine.ls_R_factor_R_free_error                 ? 
_refine.ls_R_factor_R_free_error_details         ? 
_refine.ls_R_factor_R_work                       0.1709 
_refine.ls_R_Fsqd_factor_obs                     ? 
_refine.ls_R_I_factor_obs                        ? 
_refine.ls_redundancy_reflns_all                 ? 
_refine.ls_redundancy_reflns_obs                 ? 
_refine.ls_restrained_S_all                      ? 
_refine.ls_restrained_S_obs                      ? 
_refine.ls_shift_over_esd_max                    ? 
_refine.ls_shift_over_esd_mean                   ? 
_refine.ls_structure_factor_coef                 ? 
_refine.ls_weighting_details                     ? 
_refine.ls_weighting_scheme                      ? 
_refine.ls_wR_factor_all                         ? 
_refine.ls_wR_factor_obs                         ? 
_refine.ls_wR_factor_R_free                      ? 
_refine.ls_wR_factor_R_work                      ? 
_refine.occupancy_max                            ? 
_refine.occupancy_min                            ? 
_refine.solvent_model_details                    'MASK BULK SOLVENT' 
_refine.solvent_model_param_bsol                 ? 
_refine.solvent_model_param_ksol                 ? 
_refine.correlation_coeff_I_to_Fcsqd_work        ? 
_refine.correlation_coeff_I_to_Fcsqd_free        ? 
_refine.pdbx_R_complete                          ? 
_refine.ls_R_factor_gt                           ? 
_refine.ls_goodness_of_fit_gt                    ? 
_refine.ls_goodness_of_fit_ref                   ? 
_refine.ls_shift_over_su_max                     ? 
_refine.ls_shift_over_su_max_lt                  ? 
_refine.ls_shift_over_su_mean                    ? 
_refine.ls_shift_over_su_mean_lt                 ? 
_refine.pdbx_ls_sigma_I                          ? 
_refine.pdbx_ls_sigma_F                          ? 
_refine.pdbx_ls_sigma_Fsqd                       ? 
_refine.pdbx_data_cutoff_high_absF               ? 
_refine.pdbx_data_cutoff_high_rms_absF           ? 
_refine.pdbx_data_cutoff_low_absF                ? 
_refine.pdbx_isotropic_thermal_model             ? 
_refine.pdbx_ls_cross_valid_method               'FREE R-VALUE' 
_refine.pdbx_method_to_determine_struct          'MOLECULAR REPLACEMENT' 
_refine.pdbx_starting_model                      2YY8 
_refine.pdbx_stereochemistry_target_values       ? 
_refine.pdbx_R_Free_selection_details            ? 
_refine.pdbx_stereochem_target_val_spec_case     ? 
_refine.pdbx_overall_ESU_R                       0.185 
_refine.pdbx_overall_ESU_R_Free                  0.166 
_refine.pdbx_solvent_vdw_probe_radii             1.200 
_refine.pdbx_solvent_ion_probe_radii             0.800 
_refine.pdbx_solvent_shrinkage_radii             0.800 
_refine.pdbx_real_space_R                        ? 
_refine.pdbx_density_correlation                 ? 
_refine.pdbx_pd_number_of_powder_patterns        ? 
_refine.pdbx_pd_number_of_points                 ? 
_refine.pdbx_pd_meas_number_of_points            ? 
_refine.pdbx_pd_proc_ls_prof_R_factor            ? 
_refine.pdbx_pd_proc_ls_prof_wR_factor           ? 
_refine.pdbx_pd_Marquardt_correlation_coeff      ? 
_refine.pdbx_pd_Fsqrd_R_factor                   ? 
_refine.pdbx_pd_ls_matrix_band_width             ? 
_refine.pdbx_overall_phase_error                 ? 
_refine.pdbx_overall_SU_R_free_Cruickshank_DPI   ? 
_refine.pdbx_overall_SU_R_free_Blow_DPI          ? 
_refine.pdbx_overall_SU_R_Blow_DPI               ? 
_refine.pdbx_TLS_residual_ADP_flag               ? 
_refine.pdbx_diffrn_id                           1 
_refine.overall_SU_B                             3.388 
_refine.overall_SU_ML                            0.097 
_refine.overall_SU_R_Cruickshank_DPI             ? 
_refine.overall_SU_R_free                        ? 
_refine.overall_FOM_free_R_set                   ? 
_refine.overall_FOM_work_R_set                   ? 
_refine.pdbx_average_fsc_overall                 ? 
_refine.pdbx_average_fsc_work                    ? 
_refine.pdbx_average_fsc_free                    ? 
# 
_refine_hist.pdbx_refine_id                   'X-RAY DIFFRACTION' 
_refine_hist.cycle_id                         LAST 
_refine_hist.pdbx_number_atoms_protein        1222 
_refine_hist.pdbx_number_atoms_nucleic_acid   0 
_refine_hist.pdbx_number_atoms_ligand         20 
_refine_hist.number_atoms_solvent             53 
_refine_hist.number_atoms_total               1295 
_refine_hist.d_res_high                       1.992 
_refine_hist.d_res_low                        39.083 
# 
loop_
_refine_ls_restr.pdbx_refine_id 
_refine_ls_restr.criterion 
_refine_ls_restr.dev_ideal 
_refine_ls_restr.dev_ideal_target 
_refine_ls_restr.number 
_refine_ls_restr.rejects 
_refine_ls_restr.type 
_refine_ls_restr.weight 
_refine_ls_restr.pdbx_restraint_function 
'X-RAY DIFFRACTION' ? 0.008  0.012  1266 ? r_bond_refined_d               ? ? 
'X-RAY DIFFRACTION' ? 0.001  0.016  1152 ? r_bond_other_d                 ? ? 
'X-RAY DIFFRACTION' ? 1.595  1.639  1709 ? r_angle_refined_deg            ? ? 
'X-RAY DIFFRACTION' ? 0.560  1.552  2671 ? r_angle_other_deg              ? ? 
'X-RAY DIFFRACTION' ? 7.170  5.000  150  ? r_dihedral_angle_1_deg         ? ? 
'X-RAY DIFFRACTION' ? 27.012 10.000 12   ? r_dihedral_angle_2_deg         ? ? 
'X-RAY DIFFRACTION' ? 15.402 10.000 217  ? r_dihedral_angle_3_deg         ? ? 
'X-RAY DIFFRACTION' ? 16.490 10.000 64   ? r_dihedral_angle_6_deg         ? ? 
'X-RAY DIFFRACTION' ? 0.075  0.200  191  ? r_chiral_restr                 ? ? 
'X-RAY DIFFRACTION' ? 0.008  0.020  1446 ? r_gen_planes_refined           ? ? 
'X-RAY DIFFRACTION' ? 0.001  0.020  271  ? r_gen_planes_other             ? ? 
'X-RAY DIFFRACTION' ? 0.236  0.200  252  ? r_nbd_refined                  ? ? 
'X-RAY DIFFRACTION' ? 0.197  0.200  1119 ? r_symmetry_nbd_other           ? ? 
'X-RAY DIFFRACTION' ? 0.187  0.200  642  ? r_nbtor_refined                ? ? 
'X-RAY DIFFRACTION' ? 0.080  0.200  695  ? r_symmetry_nbtor_other         ? ? 
'X-RAY DIFFRACTION' ? 0.218  0.200  52   ? r_xyhbond_nbd_refined          ? ? 
'X-RAY DIFFRACTION' ? 0.080  0.200  1    ? r_symmetry_xyhbond_nbd_other   ? ? 
'X-RAY DIFFRACTION' ? 0.236  0.200  17   ? r_symmetry_nbd_refined         ? ? 
'X-RAY DIFFRACTION' ? 0.186  0.200  72   ? r_nbd_other                    ? ? 
'X-RAY DIFFRACTION' ? 0.225  0.200  13   ? r_symmetry_xyhbond_nbd_refined ? ? 
'X-RAY DIFFRACTION' ? 2.347  2.365  603  ? r_mcbond_it                    ? ? 
'X-RAY DIFFRACTION' ? 2.338  2.365  603  ? r_mcbond_other                 ? ? 
'X-RAY DIFFRACTION' ? 3.319  3.537  752  ? r_mcangle_it                   ? ? 
'X-RAY DIFFRACTION' ? 3.317  3.540  753  ? r_mcangle_other                ? ? 
'X-RAY DIFFRACTION' ? 3.761  2.886  663  ? r_scbond_it                    ? ? 
'X-RAY DIFFRACTION' ? 3.758  2.889  664  ? r_scbond_other                 ? ? 
'X-RAY DIFFRACTION' ? 5.325  4.137  957  ? r_scangle_it                   ? ? 
'X-RAY DIFFRACTION' ? 5.322  4.140  958  ? r_scangle_other                ? ? 
'X-RAY DIFFRACTION' ? 7.145  35.491 1440 ? r_lrange_it                    ? ? 
'X-RAY DIFFRACTION' ? 7.142  35.480 1440 ? r_lrange_other                 ? ? 
# 
loop_
_refine_ls_shell.pdbx_refine_id 
_refine_ls_shell.d_res_high 
_refine_ls_shell.d_res_low 
_refine_ls_shell.number_reflns_all 
_refine_ls_shell.number_reflns_obs 
_refine_ls_shell.number_reflns_R_free 
_refine_ls_shell.number_reflns_R_work 
_refine_ls_shell.percent_reflns_obs 
_refine_ls_shell.percent_reflns_R_free 
_refine_ls_shell.R_factor_all 
_refine_ls_shell.R_factor_obs 
_refine_ls_shell.R_factor_R_free_error 
_refine_ls_shell.R_factor_R_work 
_refine_ls_shell.redundancy_reflns_all 
_refine_ls_shell.redundancy_reflns_obs 
_refine_ls_shell.wR_factor_all 
_refine_ls_shell.wR_factor_obs 
_refine_ls_shell.wR_factor_R_free 
_refine_ls_shell.wR_factor_R_work 
_refine_ls_shell.pdbx_R_complete 
_refine_ls_shell.correlation_coeff_Fo_to_Fc 
_refine_ls_shell.correlation_coeff_Fo_to_Fc_free 
_refine_ls_shell.correlation_coeff_I_to_Fcsqd_work 
_refine_ls_shell.correlation_coeff_I_to_Fcsqd_free 
_refine_ls_shell.pdbx_total_number_of_bins_used 
_refine_ls_shell.pdbx_phase_error 
_refine_ls_shell.pdbx_fsc_work 
_refine_ls_shell.pdbx_fsc_free 
_refine_ls_shell.R_factor_R_free 
'X-RAY DIFFRACTION' 1.992 2.043  750 . 36 690 96.8000  . 0.169 . . 0.165 . . . . . 0.142 . . . . . 20 . 0.982 0.969 0.237 
'X-RAY DIFFRACTION' 2.043 2.099  723 . 36 686 99.8617  . 0.168 . . 0.169 . . . . . 0.150 . . . . . 20 . 0.981 0.979 0.160 
'X-RAY DIFFRACTION' 2.099 2.160  710 . 35 675 100.0000 . 0.174 . . 0.169 . . . . . 0.148 . . . . . 20 . 0.981 0.957 0.257 
'X-RAY DIFFRACTION' 2.160 2.226  692 . 35 657 100.0000 . 0.178 . . 0.172 . . . . . 0.153 . . . . . 20 . 0.981 0.953 0.294 
'X-RAY DIFFRACTION' 2.226 2.299  671 . 34 636 99.8510  . 0.161 . . 0.159 . . . . . 0.140 . . . . . 20 . 0.984 0.975 0.197 
'X-RAY DIFFRACTION' 2.299 2.379  646 . 32 613 99.8452  . 0.154 . . 0.150 . . . . . 0.135 . . . . . 20 . 0.985 0.965 0.222 
'X-RAY DIFFRACTION' 2.379 2.468  618 . 31 587 100.0000 . 0.165 . . 0.159 . . . . . 0.143 . . . . . 20 . 0.984 0.949 0.294 
'X-RAY DIFFRACTION' 2.468 2.569  601 . 30 571 100.0000 . 0.182 . . 0.179 . . . . . 0.168 . . . . . 20 . 0.980 0.956 0.239 
'X-RAY DIFFRACTION' 2.569 2.683  580 . 29 551 100.0000 . 0.184 . . 0.182 . . . . . 0.167 . . . . . 20 . 0.979 0.969 0.212 
'X-RAY DIFFRACTION' 2.683 2.813  563 . 28 534 99.8224  . 0.171 . . 0.167 . . . . . 0.157 . . . . . 20 . 0.983 0.962 0.253 
'X-RAY DIFFRACTION' 2.813 2.964  517 . 26 491 100.0000 . 0.176 . . 0.175 . . . . . 0.169 . . . . . 20 . 0.981 0.972 0.193 
'X-RAY DIFFRACTION' 2.964 3.143  510 . 25 485 100.0000 . 0.185 . . 0.180 . . . . . 0.177 . . . . . 20 . 0.981 0.942 0.334 
'X-RAY DIFFRACTION' 3.143 3.358  476 . 24 451 99.7899  . 0.204 . . 0.199 . . . . . 0.202 . . . . . 20 . 0.975 0.955 0.295 
'X-RAY DIFFRACTION' 3.358 3.625  445 . 22 420 99.3258  . 0.183 . . 0.180 . . . . . 0.189 . . . . . 20 . 0.981 0.966 0.228 
'X-RAY DIFFRACTION' 3.625 3.968  415 . 21 393 99.7590  . 0.164 . . 0.163 . . . . . 0.176 . . . . . 20 . 0.985 0.984 0.177 
'X-RAY DIFFRACTION' 3.968 4.430  367 . 18 346 99.1826  . 0.151 . . 0.150 . . . . . 0.169 . . . . . 20 . 0.987 0.982 0.169 
'X-RAY DIFFRACTION' 4.430 5.105  345 . 17 326 99.4203  . 0.162 . . 0.161 . . . . . 0.184 . . . . . 20 . 0.988 0.981 0.186 
'X-RAY DIFFRACTION' 5.105 6.225  285 . 14 268 98.9474  . 0.210 . . 0.210 . . . . . 0.234 . . . . . 20 . 0.979 0.989 0.202 
'X-RAY DIFFRACTION' 6.225 8.695  234 . 12 217 97.8632  . 0.174 . . 0.172 . . . . . 0.187 . . . . . 20 . 0.983 0.981 0.216 
'X-RAY DIFFRACTION' 8.695 39.083 145 . 7  132 95.8621  . 0.154 . . 0.150 . . . . . 0.203 . . . . . 20 . 0.969 0.981 0.239 
# 
_struct.entry_id                     9U46 
_struct.title                        
;The X-ray structure of N-terminal catalytic domain of Thermoplasma acidophilum tRNA methyltransferase Trm56 (Ta0931) in complex with 5'-Methylthioadenosine
;
_struct.pdbx_model_details           ? 
_struct.pdbx_formula_weight          ? 
_struct.pdbx_formula_weight_method   ? 
_struct.pdbx_model_type_details      ? 
_struct.pdbx_CASP_flag               N 
# 
_struct_keywords.entry_id        9U46 
_struct_keywords.text            
;2'-O methylation, SPOUT superfamily, Archaea, TRANSFERASE
;
_struct_keywords.pdbx_keywords   TRANSFERASE 
# 
loop_
_struct_asym.id 
_struct_asym.pdbx_blank_PDB_chainid_flag 
_struct_asym.pdbx_modified 
_struct_asym.entity_id 
_struct_asym.details 
A N N 1 ? 
B N N 2 ? 
C N N 3 ? 
# 
_struct_ref.id                         1 
_struct_ref.db_name                    UNP 
_struct_ref.db_code                    TRM56_THEAC 
_struct_ref.pdbx_db_accession          Q9HJN6 
_struct_ref.pdbx_db_isoform            ? 
_struct_ref.entity_id                  1 
_struct_ref.pdbx_seq_one_letter_code   
;MITVLRINHRPYRDKRITTHVALTARAFGASAILVDERDETLENTIRGVISNFGGSFSIKTGCNWIQEFKHFQGIRVHLT
MYGRRINDVIDEIRNSGKDVMVLVGSEKVPIEAYEIADYNVSVTNQPISEVSALAIFLDRYFQGKEFEFEF
;
_struct_ref.pdbx_align_begin           1 
# 
_struct_ref_seq.align_id                      1 
_struct_ref_seq.ref_id                        1 
_struct_ref_seq.pdbx_PDB_id_code              9U46 
_struct_ref_seq.pdbx_strand_id                A 
_struct_ref_seq.seq_align_beg                 1 
_struct_ref_seq.pdbx_seq_align_beg_ins_code   ? 
_struct_ref_seq.seq_align_end                 151 
_struct_ref_seq.pdbx_seq_align_end_ins_code   ? 
_struct_ref_seq.pdbx_db_accession             Q9HJN6 
_struct_ref_seq.db_align_beg                  1 
_struct_ref_seq.pdbx_db_align_beg_ins_code    ? 
_struct_ref_seq.db_align_end                  151 
_struct_ref_seq.pdbx_db_align_end_ins_code    ? 
_struct_ref_seq.pdbx_auth_seq_align_beg       1 
_struct_ref_seq.pdbx_auth_seq_align_end       151 
# 
_pdbx_struct_assembly.id                   1 
_pdbx_struct_assembly.details              author_and_software_defined_assembly 
_pdbx_struct_assembly.method_details       PISA 
_pdbx_struct_assembly.oligomeric_details   dimeric 
_pdbx_struct_assembly.oligomeric_count     2 
# 
loop_
_pdbx_struct_assembly_prop.biol_id 
_pdbx_struct_assembly_prop.type 
_pdbx_struct_assembly_prop.value 
_pdbx_struct_assembly_prop.details 
1 'ABSA (A^2)' 4100  ? 
1 MORE         -15   ? 
1 'SSA (A^2)'  12750 ? 
# 
_pdbx_struct_assembly_gen.assembly_id       1 
_pdbx_struct_assembly_gen.oper_expression   1,2 
_pdbx_struct_assembly_gen.asym_id_list      A,B,C 
# 
_pdbx_struct_assembly_auth_evidence.id                     1 
_pdbx_struct_assembly_auth_evidence.assembly_id            1 
_pdbx_struct_assembly_auth_evidence.experimental_support   'gel filtration' 
_pdbx_struct_assembly_auth_evidence.details                ? 
# 
loop_
_pdbx_struct_oper_list.id 
_pdbx_struct_oper_list.type 
_pdbx_struct_oper_list.name 
_pdbx_struct_oper_list.symmetry_operation 
_pdbx_struct_oper_list.matrix[1][1] 
_pdbx_struct_oper_list.matrix[1][2] 
_pdbx_struct_oper_list.matrix[1][3] 
_pdbx_struct_oper_list.vector[1] 
_pdbx_struct_oper_list.matrix[2][1] 
_pdbx_struct_oper_list.matrix[2][2] 
_pdbx_struct_oper_list.matrix[2][3] 
_pdbx_struct_oper_list.vector[2] 
_pdbx_struct_oper_list.matrix[3][1] 
_pdbx_struct_oper_list.matrix[3][2] 
_pdbx_struct_oper_list.matrix[3][3] 
_pdbx_struct_oper_list.vector[3] 
1 'identity operation'         1_555 x,y,z         1.0000000000  0.0000000000  0.0000000000  0.0000000000   0.0000000000  1.0000000000  0.0000000000 0.0000000000   0.0000000000  0.0000000000 1.0000000000 0.0000000000  
2 'crystal symmetry operation' 3_655 -x+1,y,-z+1/2 -0.2053973167 -0.1530088068 -0.9666438058 -10.6951811897 -0.1530088068 -0.9705366022 0.1861370700 -19.4792638086 -0.9666438058 0.1861370700 0.1759339189 -5.7083288864 
# 
loop_
_struct_conf.conf_type_id 
_struct_conf.id 
_struct_conf.pdbx_PDB_helix_id 
_struct_conf.beg_label_comp_id 
_struct_conf.beg_label_asym_id 
_struct_conf.beg_label_seq_id 
_struct_conf.pdbx_beg_PDB_ins_code 
_struct_conf.end_label_comp_id 
_struct_conf.end_label_asym_id 
_struct_conf.end_label_seq_id 
_struct_conf.pdbx_end_PDB_ins_code 
_struct_conf.beg_auth_comp_id 
_struct_conf.beg_auth_asym_id 
_struct_conf.beg_auth_seq_id 
_struct_conf.end_auth_comp_id 
_struct_conf.end_auth_asym_id 
_struct_conf.end_auth_seq_id 
_struct_conf.pdbx_PDB_helix_class 
_struct_conf.details 
_struct_conf.pdbx_PDB_helix_length 
HELX_P HELX_P1 AA1 ASP A 14  ? PHE A 28  ? ASP A 14  PHE A 28  1 ? 15 
HELX_P HELX_P2 AA2 ASP A 39  ? GLY A 54  ? ASP A 39  GLY A 54  1 ? 16 
HELX_P HELX_P3 AA3 ASN A 64  ? PHE A 72  ? ASN A 64  PHE A 72  1 ? 9  
HELX_P HELX_P4 AA4 ILE A 86  ? SER A 96  ? ILE A 86  SER A 96  1 ? 11 
HELX_P HELX_P5 AA5 PRO A 110 ? ALA A 117 ? PRO A 110 ALA A 117 1 ? 8  
HELX_P HELX_P6 AA6 SER A 129 ? PHE A 142 ? SER A 129 PHE A 142 1 ? 14 
HELX_P HELX_P7 AA7 GLY A 144 ? PHE A 149 ? GLY A 144 PHE A 149 5 ? 6  
# 
_struct_conf_type.id          HELX_P 
_struct_conf_type.criteria    ? 
_struct_conf_type.reference   ? 
# 
loop_
_struct_conn.id 
_struct_conn.conn_type_id 
_struct_conn.pdbx_leaving_atom_flag 
_struct_conn.pdbx_PDB_id 
_struct_conn.ptnr1_label_asym_id 
_struct_conn.ptnr1_label_comp_id 
_struct_conn.ptnr1_label_seq_id 
_struct_conn.ptnr1_label_atom_id 
_struct_conn.pdbx_ptnr1_label_alt_id 
_struct_conn.pdbx_ptnr1_PDB_ins_code 
_struct_conn.pdbx_ptnr1_standard_comp_id 
_struct_conn.ptnr1_symmetry 
_struct_conn.ptnr2_label_asym_id 
_struct_conn.ptnr2_label_comp_id 
_struct_conn.ptnr2_label_seq_id 
_struct_conn.ptnr2_label_atom_id 
_struct_conn.pdbx_ptnr2_label_alt_id 
_struct_conn.pdbx_ptnr2_PDB_ins_code 
_struct_conn.ptnr1_auth_asym_id 
_struct_conn.ptnr1_auth_comp_id 
_struct_conn.ptnr1_auth_seq_id 
_struct_conn.ptnr2_auth_asym_id 
_struct_conn.ptnr2_auth_comp_id 
_struct_conn.ptnr2_auth_seq_id 
_struct_conn.ptnr2_symmetry 
_struct_conn.pdbx_ptnr3_label_atom_id 
_struct_conn.pdbx_ptnr3_label_seq_id 
_struct_conn.pdbx_ptnr3_label_comp_id 
_struct_conn.pdbx_ptnr3_label_asym_id 
_struct_conn.pdbx_ptnr3_label_alt_id 
_struct_conn.pdbx_ptnr3_PDB_ins_code 
_struct_conn.details 
_struct_conn.pdbx_dist_value 
_struct_conn.pdbx_value_order 
_struct_conn.pdbx_role 
covale1 covale both ? A GLY 62 C ? ? ? 1_555 A CME 63 N ? ? A GLY 62 A CME 63 1_555 ? ? ? ? ? ? ? 1.325 ? ? 
covale2 covale both ? A CME 63 C ? ? ? 1_555 A ASN 64 N ? ? A CME 63 A ASN 64 1_555 ? ? ? ? ? ? ? 1.339 ? ? 
# 
_struct_conn_type.id          covale 
_struct_conn_type.criteria    ? 
_struct_conn_type.reference   ? 
# 
_pdbx_modification_feature.ordinal                            1 
_pdbx_modification_feature.label_comp_id                      CME 
_pdbx_modification_feature.label_asym_id                      A 
_pdbx_modification_feature.label_seq_id                       63 
_pdbx_modification_feature.label_alt_id                       ? 
_pdbx_modification_feature.modified_residue_label_comp_id     . 
_pdbx_modification_feature.modified_residue_label_asym_id     . 
_pdbx_modification_feature.modified_residue_label_seq_id      . 
_pdbx_modification_feature.modified_residue_label_alt_id      . 
_pdbx_modification_feature.auth_comp_id                       CME 
_pdbx_modification_feature.auth_asym_id                       A 
_pdbx_modification_feature.auth_seq_id                        63 
_pdbx_modification_feature.PDB_ins_code                       ? 
_pdbx_modification_feature.symmetry                           1_555 
_pdbx_modification_feature.modified_residue_auth_comp_id      . 
_pdbx_modification_feature.modified_residue_auth_asym_id      . 
_pdbx_modification_feature.modified_residue_auth_seq_id       . 
_pdbx_modification_feature.modified_residue_PDB_ins_code      . 
_pdbx_modification_feature.modified_residue_symmetry          . 
_pdbx_modification_feature.comp_id_linking_atom               . 
_pdbx_modification_feature.modified_residue_id_linking_atom   . 
_pdbx_modification_feature.modified_residue_id                CYS 
_pdbx_modification_feature.ref_pcm_id                         1 
_pdbx_modification_feature.ref_comp_id                        CME 
_pdbx_modification_feature.type                               Beta-mercaptoethanol 
_pdbx_modification_feature.category                           'Named protein modification' 
# 
_struct_sheet.id               AA1 
_struct_sheet.type             ? 
_struct_sheet.number_strands   7 
_struct_sheet.details          ? 
# 
loop_
_struct_sheet_order.sheet_id 
_struct_sheet_order.range_id_1 
_struct_sheet_order.range_id_2 
_struct_sheet_order.offset 
_struct_sheet_order.sense 
AA1 1 2 ? parallel 
AA1 2 3 ? parallel 
AA1 3 4 ? parallel 
AA1 4 5 ? parallel 
AA1 5 6 ? parallel 
AA1 6 7 ? parallel 
# 
loop_
_struct_sheet_range.sheet_id 
_struct_sheet_range.id 
_struct_sheet_range.beg_label_comp_id 
_struct_sheet_range.beg_label_asym_id 
_struct_sheet_range.beg_label_seq_id 
_struct_sheet_range.pdbx_beg_PDB_ins_code 
_struct_sheet_range.end_label_comp_id 
_struct_sheet_range.end_label_asym_id 
_struct_sheet_range.end_label_seq_id 
_struct_sheet_range.pdbx_end_PDB_ins_code 
_struct_sheet_range.beg_auth_comp_id 
_struct_sheet_range.beg_auth_asym_id 
_struct_sheet_range.beg_auth_seq_id 
_struct_sheet_range.end_auth_comp_id 
_struct_sheet_range.end_auth_asym_id 
_struct_sheet_range.end_auth_seq_id 
AA1 1 SER A 58  ? THR A 61  ? SER A 58  THR A 61  
AA1 2 ALA A 32  ? VAL A 35  ? ALA A 32  VAL A 35  
AA1 3 ILE A 2   ? ARG A 6   ? ILE A 2   ARG A 6   
AA1 4 VAL A 100 ? VAL A 104 ? VAL A 100 VAL A 104 
AA1 5 ILE A 75  ? LEU A 79  ? ILE A 75  LEU A 79  
AA1 6 TYR A 119 ? SER A 122 ? TYR A 119 SER A 122 
AA1 7 ARG A 84  ? ARG A 85  ? ARG A 84  ARG A 85  
# 
loop_
_pdbx_struct_sheet_hbond.sheet_id 
_pdbx_struct_sheet_hbond.range_id_1 
_pdbx_struct_sheet_hbond.range_id_2 
_pdbx_struct_sheet_hbond.range_1_label_atom_id 
_pdbx_struct_sheet_hbond.range_1_label_comp_id 
_pdbx_struct_sheet_hbond.range_1_label_asym_id 
_pdbx_struct_sheet_hbond.range_1_label_seq_id 
_pdbx_struct_sheet_hbond.range_1_PDB_ins_code 
_pdbx_struct_sheet_hbond.range_1_auth_atom_id 
_pdbx_struct_sheet_hbond.range_1_auth_comp_id 
_pdbx_struct_sheet_hbond.range_1_auth_asym_id 
_pdbx_struct_sheet_hbond.range_1_auth_seq_id 
_pdbx_struct_sheet_hbond.range_2_label_atom_id 
_pdbx_struct_sheet_hbond.range_2_label_comp_id 
_pdbx_struct_sheet_hbond.range_2_label_asym_id 
_pdbx_struct_sheet_hbond.range_2_label_seq_id 
_pdbx_struct_sheet_hbond.range_2_PDB_ins_code 
_pdbx_struct_sheet_hbond.range_2_auth_atom_id 
_pdbx_struct_sheet_hbond.range_2_auth_comp_id 
_pdbx_struct_sheet_hbond.range_2_auth_asym_id 
_pdbx_struct_sheet_hbond.range_2_auth_seq_id 
AA1 1 2 O LYS A 60  ? O LYS A 60  N VAL A 35  ? N VAL A 35  
AA1 2 3 O LEU A 34  ? O LEU A 34  N VAL A 4   ? N VAL A 4   
AA1 3 4 N LEU A 5   ? N LEU A 5   O VAL A 102 ? O VAL A 102 
AA1 4 5 O MET A 101 ? O MET A 101 N VAL A 77  ? N VAL A 77  
AA1 5 6 N HIS A 78  ? N HIS A 78  O VAL A 121 ? O VAL A 121 
AA1 6 7 O ASN A 120 ? O ASN A 120 N ARG A 84  ? N ARG A 84  
# 
_pdbx_entry_details.entry_id                   9U46 
_pdbx_entry_details.nonpolymer_details         ? 
_pdbx_entry_details.sequence_details           ? 
_pdbx_entry_details.compound_details           ? 
_pdbx_entry_details.source_details             ? 
_pdbx_entry_details.has_ligand_of_interest     Y 
_pdbx_entry_details.has_protein_modification   Y 
# 
_pdbx_validate_close_contact.id               1 
_pdbx_validate_close_contact.PDB_model_num    1 
_pdbx_validate_close_contact.auth_atom_id_1   NH1 
_pdbx_validate_close_contact.auth_asym_id_1   A 
_pdbx_validate_close_contact.auth_comp_id_1   ARG 
_pdbx_validate_close_contact.auth_seq_id_1    76 
_pdbx_validate_close_contact.PDB_ins_code_1   ? 
_pdbx_validate_close_contact.label_alt_id_1   ? 
_pdbx_validate_close_contact.auth_atom_id_2   OD2 
_pdbx_validate_close_contact.auth_asym_id_2   A 
_pdbx_validate_close_contact.auth_comp_id_2   ASP 
_pdbx_validate_close_contact.auth_seq_id_2    118 
_pdbx_validate_close_contact.PDB_ins_code_2   ? 
_pdbx_validate_close_contact.label_alt_id_2   ? 
_pdbx_validate_close_contact.dist             2.16 
# 
loop_
_pdbx_validate_torsion.id 
_pdbx_validate_torsion.PDB_model_num 
_pdbx_validate_torsion.auth_comp_id 
_pdbx_validate_torsion.auth_asym_id 
_pdbx_validate_torsion.auth_seq_id 
_pdbx_validate_torsion.PDB_ins_code 
_pdbx_validate_torsion.label_alt_id 
_pdbx_validate_torsion.phi 
_pdbx_validate_torsion.psi 
1 1 ARG A 13  ? ? -134.98 -42.81  
2 1 GLU A 107 ? ? 68.15   -35.63  
3 1 THR A 124 ? ? 65.53   161.05  
4 1 ILE A 128 ? ? -126.05 -159.61 
# 
loop_
_pdbx_validate_planes.id 
_pdbx_validate_planes.PDB_model_num 
_pdbx_validate_planes.auth_comp_id 
_pdbx_validate_planes.auth_asym_id 
_pdbx_validate_planes.auth_seq_id 
_pdbx_validate_planes.PDB_ins_code 
_pdbx_validate_planes.label_alt_id 
_pdbx_validate_planes.rmsd 
_pdbx_validate_planes.type 
1 1 ARG A 6  ? ? 0.283 'SIDE CHAIN' 
2 1 ARG A 38 ? ? 0.225 'SIDE CHAIN' 
3 1 ARG A 84 ? ? 0.161 'SIDE CHAIN' 
# 
_pdbx_struct_mod_residue.id               1 
_pdbx_struct_mod_residue.label_asym_id    A 
_pdbx_struct_mod_residue.label_comp_id    CME 
_pdbx_struct_mod_residue.label_seq_id     63 
_pdbx_struct_mod_residue.auth_asym_id     A 
_pdbx_struct_mod_residue.auth_comp_id     CME 
_pdbx_struct_mod_residue.auth_seq_id      63 
_pdbx_struct_mod_residue.PDB_ins_code     ? 
_pdbx_struct_mod_residue.parent_comp_id   CYS 
_pdbx_struct_mod_residue.details          'modified residue' 
# 
loop_
_chem_comp_atom.comp_id 
_chem_comp_atom.atom_id 
_chem_comp_atom.type_symbol 
_chem_comp_atom.pdbx_aromatic_flag 
_chem_comp_atom.pdbx_stereo_config 
_chem_comp_atom.pdbx_ordinal 
ALA N      N N N 1   
ALA CA     C N S 2   
ALA C      C N N 3   
ALA O      O N N 4   
ALA CB     C N N 5   
ALA OXT    O N N 6   
ALA H      H N N 7   
ALA H2     H N N 8   
ALA HA     H N N 9   
ALA HB1    H N N 10  
ALA HB2    H N N 11  
ALA HB3    H N N 12  
ALA HXT    H N N 13  
ARG N      N N N 14  
ARG CA     C N S 15  
ARG C      C N N 16  
ARG O      O N N 17  
ARG CB     C N N 18  
ARG CG     C N N 19  
ARG CD     C N N 20  
ARG NE     N N N 21  
ARG CZ     C N N 22  
ARG NH1    N N N 23  
ARG NH2    N N N 24  
ARG OXT    O N N 25  
ARG H      H N N 26  
ARG H2     H N N 27  
ARG HA     H N N 28  
ARG HB2    H N N 29  
ARG HB3    H N N 30  
ARG HG2    H N N 31  
ARG HG3    H N N 32  
ARG HD2    H N N 33  
ARG HD3    H N N 34  
ARG HE     H N N 35  
ARG HH11   H N N 36  
ARG HH12   H N N 37  
ARG HH21   H N N 38  
ARG HH22   H N N 39  
ARG HXT    H N N 40  
ASN N      N N N 41  
ASN CA     C N S 42  
ASN C      C N N 43  
ASN O      O N N 44  
ASN CB     C N N 45  
ASN CG     C N N 46  
ASN OD1    O N N 47  
ASN ND2    N N N 48  
ASN OXT    O N N 49  
ASN H      H N N 50  
ASN H2     H N N 51  
ASN HA     H N N 52  
ASN HB2    H N N 53  
ASN HB3    H N N 54  
ASN HD21   H N N 55  
ASN HD22   H N N 56  
ASN HXT    H N N 57  
ASP N      N N N 58  
ASP CA     C N S 59  
ASP C      C N N 60  
ASP O      O N N 61  
ASP CB     C N N 62  
ASP CG     C N N 63  
ASP OD1    O N N 64  
ASP OD2    O N N 65  
ASP OXT    O N N 66  
ASP H      H N N 67  
ASP H2     H N N 68  
ASP HA     H N N 69  
ASP HB2    H N N 70  
ASP HB3    H N N 71  
ASP HD2    H N N 72  
ASP HXT    H N N 73  
CME N      N N N 74  
CME CA     C N R 75  
CME CB     C N N 76  
CME SG     S N N 77  
CME SD     S N N 78  
CME CE     C N N 79  
CME CZ     C N N 80  
CME OH     O N N 81  
CME C      C N N 82  
CME O      O N N 83  
CME OXT    O N N 84  
CME H      H N N 85  
CME H2     H N N 86  
CME HA     H N N 87  
CME HB2    H N N 88  
CME HB3    H N N 89  
CME HE2    H N N 90  
CME HE3    H N N 91  
CME HZ2    H N N 92  
CME HZ3    H N N 93  
CME HH     H N N 94  
CME HXT    H N N 95  
GLN N      N N N 96  
GLN CA     C N S 97  
GLN C      C N N 98  
GLN O      O N N 99  
GLN CB     C N N 100 
GLN CG     C N N 101 
GLN CD     C N N 102 
GLN OE1    O N N 103 
GLN NE2    N N N 104 
GLN OXT    O N N 105 
GLN H      H N N 106 
GLN H2     H N N 107 
GLN HA     H N N 108 
GLN HB2    H N N 109 
GLN HB3    H N N 110 
GLN HG2    H N N 111 
GLN HG3    H N N 112 
GLN HE21   H N N 113 
GLN HE22   H N N 114 
GLN HXT    H N N 115 
GLU N      N N N 116 
GLU CA     C N S 117 
GLU C      C N N 118 
GLU O      O N N 119 
GLU CB     C N N 120 
GLU CG     C N N 121 
GLU CD     C N N 122 
GLU OE1    O N N 123 
GLU OE2    O N N 124 
GLU OXT    O N N 125 
GLU H      H N N 126 
GLU H2     H N N 127 
GLU HA     H N N 128 
GLU HB2    H N N 129 
GLU HB3    H N N 130 
GLU HG2    H N N 131 
GLU HG3    H N N 132 
GLU HE2    H N N 133 
GLU HXT    H N N 134 
GLY N      N N N 135 
GLY CA     C N N 136 
GLY C      C N N 137 
GLY O      O N N 138 
GLY OXT    O N N 139 
GLY H      H N N 140 
GLY H2     H N N 141 
GLY HA2    H N N 142 
GLY HA3    H N N 143 
GLY HXT    H N N 144 
HIS N      N N N 145 
HIS CA     C N S 146 
HIS C      C N N 147 
HIS O      O N N 148 
HIS CB     C N N 149 
HIS CG     C Y N 150 
HIS ND1    N Y N 151 
HIS CD2    C Y N 152 
HIS CE1    C Y N 153 
HIS NE2    N Y N 154 
HIS OXT    O N N 155 
HIS H      H N N 156 
HIS H2     H N N 157 
HIS HA     H N N 158 
HIS HB2    H N N 159 
HIS HB3    H N N 160 
HIS HD1    H N N 161 
HIS HD2    H N N 162 
HIS HE1    H N N 163 
HIS HE2    H N N 164 
HIS HXT    H N N 165 
HOH O      O N N 166 
HOH H1     H N N 167 
HOH H2     H N N 168 
ILE N      N N N 169 
ILE CA     C N S 170 
ILE C      C N N 171 
ILE O      O N N 172 
ILE CB     C N S 173 
ILE CG1    C N N 174 
ILE CG2    C N N 175 
ILE CD1    C N N 176 
ILE OXT    O N N 177 
ILE H      H N N 178 
ILE H2     H N N 179 
ILE HA     H N N 180 
ILE HB     H N N 181 
ILE HG12   H N N 182 
ILE HG13   H N N 183 
ILE HG21   H N N 184 
ILE HG22   H N N 185 
ILE HG23   H N N 186 
ILE HD11   H N N 187 
ILE HD12   H N N 188 
ILE HD13   H N N 189 
ILE HXT    H N N 190 
LEU N      N N N 191 
LEU CA     C N S 192 
LEU C      C N N 193 
LEU O      O N N 194 
LEU CB     C N N 195 
LEU CG     C N N 196 
LEU CD1    C N N 197 
LEU CD2    C N N 198 
LEU OXT    O N N 199 
LEU H      H N N 200 
LEU H2     H N N 201 
LEU HA     H N N 202 
LEU HB2    H N N 203 
LEU HB3    H N N 204 
LEU HG     H N N 205 
LEU HD11   H N N 206 
LEU HD12   H N N 207 
LEU HD13   H N N 208 
LEU HD21   H N N 209 
LEU HD22   H N N 210 
LEU HD23   H N N 211 
LEU HXT    H N N 212 
LYS N      N N N 213 
LYS CA     C N S 214 
LYS C      C N N 215 
LYS O      O N N 216 
LYS CB     C N N 217 
LYS CG     C N N 218 
LYS CD     C N N 219 
LYS CE     C N N 220 
LYS NZ     N N N 221 
LYS OXT    O N N 222 
LYS H      H N N 223 
LYS H2     H N N 224 
LYS HA     H N N 225 
LYS HB2    H N N 226 
LYS HB3    H N N 227 
LYS HG2    H N N 228 
LYS HG3    H N N 229 
LYS HD2    H N N 230 
LYS HD3    H N N 231 
LYS HE2    H N N 232 
LYS HE3    H N N 233 
LYS HZ1    H N N 234 
LYS HZ2    H N N 235 
LYS HZ3    H N N 236 
LYS HXT    H N N 237 
MET N      N N N 238 
MET CA     C N S 239 
MET C      C N N 240 
MET O      O N N 241 
MET CB     C N N 242 
MET CG     C N N 243 
MET SD     S N N 244 
MET CE     C N N 245 
MET OXT    O N N 246 
MET H      H N N 247 
MET H2     H N N 248 
MET HA     H N N 249 
MET HB2    H N N 250 
MET HB3    H N N 251 
MET HG2    H N N 252 
MET HG3    H N N 253 
MET HE1    H N N 254 
MET HE2    H N N 255 
MET HE3    H N N 256 
MET HXT    H N N 257 
MTA CS     C N N 258 
MTA "S5'"  S N N 259 
MTA "C5'"  C N N 260 
MTA "C4'"  C N S 261 
MTA "O4'"  O N N 262 
MTA "C2'"  C N R 263 
MTA "O2'"  O N N 264 
MTA "C3'"  C N S 265 
MTA "O3'"  O N N 266 
MTA "C1'"  C N R 267 
MTA N9     N Y N 268 
MTA C8     C Y N 269 
MTA N7     N Y N 270 
MTA C5     C Y N 271 
MTA C6     C Y N 272 
MTA N6     N N N 273 
MTA N1     N Y N 274 
MTA C2     C Y N 275 
MTA N3     N Y N 276 
MTA C4     C Y N 277 
MTA HCS1   H N N 278 
MTA HCS2   H N N 279 
MTA HCS3   H N N 280 
MTA "H5'1" H N N 281 
MTA "H5'2" H N N 282 
MTA "H4'"  H N N 283 
MTA "H2'"  H N N 284 
MTA "HO2'" H N N 285 
MTA "H3'"  H N N 286 
MTA H3T    H N N 287 
MTA "H1'"  H N N 288 
MTA H8     H N N 289 
MTA H61    H N N 290 
MTA H62    H N N 291 
MTA H2     H N N 292 
PHE N      N N N 293 
PHE CA     C N S 294 
PHE C      C N N 295 
PHE O      O N N 296 
PHE CB     C N N 297 
PHE CG     C Y N 298 
PHE CD1    C Y N 299 
PHE CD2    C Y N 300 
PHE CE1    C Y N 301 
PHE CE2    C Y N 302 
PHE CZ     C Y N 303 
PHE OXT    O N N 304 
PHE H      H N N 305 
PHE H2     H N N 306 
PHE HA     H N N 307 
PHE HB2    H N N 308 
PHE HB3    H N N 309 
PHE HD1    H N N 310 
PHE HD2    H N N 311 
PHE HE1    H N N 312 
PHE HE2    H N N 313 
PHE HZ     H N N 314 
PHE HXT    H N N 315 
PRO N      N N N 316 
PRO CA     C N S 317 
PRO C      C N N 318 
PRO O      O N N 319 
PRO CB     C N N 320 
PRO CG     C N N 321 
PRO CD     C N N 322 
PRO OXT    O N N 323 
PRO H      H N N 324 
PRO HA     H N N 325 
PRO HB2    H N N 326 
PRO HB3    H N N 327 
PRO HG2    H N N 328 
PRO HG3    H N N 329 
PRO HD2    H N N 330 
PRO HD3    H N N 331 
PRO HXT    H N N 332 
SER N      N N N 333 
SER CA     C N S 334 
SER C      C N N 335 
SER O      O N N 336 
SER CB     C N N 337 
SER OG     O N N 338 
SER OXT    O N N 339 
SER H      H N N 340 
SER H2     H N N 341 
SER HA     H N N 342 
SER HB2    H N N 343 
SER HB3    H N N 344 
SER HG     H N N 345 
SER HXT    H N N 346 
THR N      N N N 347 
THR CA     C N S 348 
THR C      C N N 349 
THR O      O N N 350 
THR CB     C N R 351 
THR OG1    O N N 352 
THR CG2    C N N 353 
THR OXT    O N N 354 
THR H      H N N 355 
THR H2     H N N 356 
THR HA     H N N 357 
THR HB     H N N 358 
THR HG1    H N N 359 
THR HG21   H N N 360 
THR HG22   H N N 361 
THR HG23   H N N 362 
THR HXT    H N N 363 
TRP N      N N N 364 
TRP CA     C N S 365 
TRP C      C N N 366 
TRP O      O N N 367 
TRP CB     C N N 368 
TRP CG     C Y N 369 
TRP CD1    C Y N 370 
TRP CD2    C Y N 371 
TRP NE1    N Y N 372 
TRP CE2    C Y N 373 
TRP CE3    C Y N 374 
TRP CZ2    C Y N 375 
TRP CZ3    C Y N 376 
TRP CH2    C Y N 377 
TRP OXT    O N N 378 
TRP H      H N N 379 
TRP H2     H N N 380 
TRP HA     H N N 381 
TRP HB2    H N N 382 
TRP HB3    H N N 383 
TRP HD1    H N N 384 
TRP HE1    H N N 385 
TRP HE3    H N N 386 
TRP HZ2    H N N 387 
TRP HZ3    H N N 388 
TRP HH2    H N N 389 
TRP HXT    H N N 390 
TYR N      N N N 391 
TYR CA     C N S 392 
TYR C      C N N 393 
TYR O      O N N 394 
TYR CB     C N N 395 
TYR CG     C Y N 396 
TYR CD1    C Y N 397 
TYR CD2    C Y N 398 
TYR CE1    C Y N 399 
TYR CE2    C Y N 400 
TYR CZ     C Y N 401 
TYR OH     O N N 402 
TYR OXT    O N N 403 
TYR H      H N N 404 
TYR H2     H N N 405 
TYR HA     H N N 406 
TYR HB2    H N N 407 
TYR HB3    H N N 408 
TYR HD1    H N N 409 
TYR HD2    H N N 410 
TYR HE1    H N N 411 
TYR HE2    H N N 412 
TYR HH     H N N 413 
TYR HXT    H N N 414 
VAL N      N N N 415 
VAL CA     C N S 416 
VAL C      C N N 417 
VAL O      O N N 418 
VAL CB     C N N 419 
VAL CG1    C N N 420 
VAL CG2    C N N 421 
VAL OXT    O N N 422 
VAL H      H N N 423 
VAL H2     H N N 424 
VAL HA     H N N 425 
VAL HB     H N N 426 
VAL HG11   H N N 427 
VAL HG12   H N N 428 
VAL HG13   H N N 429 
VAL HG21   H N N 430 
VAL HG22   H N N 431 
VAL HG23   H N N 432 
VAL HXT    H N N 433 
# 
loop_
_chem_comp_bond.comp_id 
_chem_comp_bond.atom_id_1 
_chem_comp_bond.atom_id_2 
_chem_comp_bond.value_order 
_chem_comp_bond.pdbx_aromatic_flag 
_chem_comp_bond.pdbx_stereo_config 
_chem_comp_bond.pdbx_ordinal 
ALA N     CA     sing N N 1   
ALA N     H      sing N N 2   
ALA N     H2     sing N N 3   
ALA CA    C      sing N N 4   
ALA CA    CB     sing N N 5   
ALA CA    HA     sing N N 6   
ALA C     O      doub N N 7   
ALA C     OXT    sing N N 8   
ALA CB    HB1    sing N N 9   
ALA CB    HB2    sing N N 10  
ALA CB    HB3    sing N N 11  
ALA OXT   HXT    sing N N 12  
ARG N     CA     sing N N 13  
ARG N     H      sing N N 14  
ARG N     H2     sing N N 15  
ARG CA    C      sing N N 16  
ARG CA    CB     sing N N 17  
ARG CA    HA     sing N N 18  
ARG C     O      doub N N 19  
ARG C     OXT    sing N N 20  
ARG CB    CG     sing N N 21  
ARG CB    HB2    sing N N 22  
ARG CB    HB3    sing N N 23  
ARG CG    CD     sing N N 24  
ARG CG    HG2    sing N N 25  
ARG CG    HG3    sing N N 26  
ARG CD    NE     sing N N 27  
ARG CD    HD2    sing N N 28  
ARG CD    HD3    sing N N 29  
ARG NE    CZ     sing N N 30  
ARG NE    HE     sing N N 31  
ARG CZ    NH1    sing N N 32  
ARG CZ    NH2    doub N N 33  
ARG NH1   HH11   sing N N 34  
ARG NH1   HH12   sing N N 35  
ARG NH2   HH21   sing N N 36  
ARG NH2   HH22   sing N N 37  
ARG OXT   HXT    sing N N 38  
ASN N     CA     sing N N 39  
ASN N     H      sing N N 40  
ASN N     H2     sing N N 41  
ASN CA    C      sing N N 42  
ASN CA    CB     sing N N 43  
ASN CA    HA     sing N N 44  
ASN C     O      doub N N 45  
ASN C     OXT    sing N N 46  
ASN CB    CG     sing N N 47  
ASN CB    HB2    sing N N 48  
ASN CB    HB3    sing N N 49  
ASN CG    OD1    doub N N 50  
ASN CG    ND2    sing N N 51  
ASN ND2   HD21   sing N N 52  
ASN ND2   HD22   sing N N 53  
ASN OXT   HXT    sing N N 54  
ASP N     CA     sing N N 55  
ASP N     H      sing N N 56  
ASP N     H2     sing N N 57  
ASP CA    C      sing N N 58  
ASP CA    CB     sing N N 59  
ASP CA    HA     sing N N 60  
ASP C     O      doub N N 61  
ASP C     OXT    sing N N 62  
ASP CB    CG     sing N N 63  
ASP CB    HB2    sing N N 64  
ASP CB    HB3    sing N N 65  
ASP CG    OD1    doub N N 66  
ASP CG    OD2    sing N N 67  
ASP OD2   HD2    sing N N 68  
ASP OXT   HXT    sing N N 69  
CME N     CA     sing N N 70  
CME N     H      sing N N 71  
CME N     H2     sing N N 72  
CME CA    CB     sing N N 73  
CME CA    C      sing N N 74  
CME CA    HA     sing N N 75  
CME CB    SG     sing N N 76  
CME CB    HB2    sing N N 77  
CME CB    HB3    sing N N 78  
CME SG    SD     sing N N 79  
CME SD    CE     sing N N 80  
CME CE    CZ     sing N N 81  
CME CE    HE2    sing N N 82  
CME CE    HE3    sing N N 83  
CME CZ    OH     sing N N 84  
CME CZ    HZ2    sing N N 85  
CME CZ    HZ3    sing N N 86  
CME OH    HH     sing N N 87  
CME C     O      doub N N 88  
CME C     OXT    sing N N 89  
CME OXT   HXT    sing N N 90  
GLN N     CA     sing N N 91  
GLN N     H      sing N N 92  
GLN N     H2     sing N N 93  
GLN CA    C      sing N N 94  
GLN CA    CB     sing N N 95  
GLN CA    HA     sing N N 96  
GLN C     O      doub N N 97  
GLN C     OXT    sing N N 98  
GLN CB    CG     sing N N 99  
GLN CB    HB2    sing N N 100 
GLN CB    HB3    sing N N 101 
GLN CG    CD     sing N N 102 
GLN CG    HG2    sing N N 103 
GLN CG    HG3    sing N N 104 
GLN CD    OE1    doub N N 105 
GLN CD    NE2    sing N N 106 
GLN NE2   HE21   sing N N 107 
GLN NE2   HE22   sing N N 108 
GLN OXT   HXT    sing N N 109 
GLU N     CA     sing N N 110 
GLU N     H      sing N N 111 
GLU N     H2     sing N N 112 
GLU CA    C      sing N N 113 
GLU CA    CB     sing N N 114 
GLU CA    HA     sing N N 115 
GLU C     O      doub N N 116 
GLU C     OXT    sing N N 117 
GLU CB    CG     sing N N 118 
GLU CB    HB2    sing N N 119 
GLU CB    HB3    sing N N 120 
GLU CG    CD     sing N N 121 
GLU CG    HG2    sing N N 122 
GLU CG    HG3    sing N N 123 
GLU CD    OE1    doub N N 124 
GLU CD    OE2    sing N N 125 
GLU OE2   HE2    sing N N 126 
GLU OXT   HXT    sing N N 127 
GLY N     CA     sing N N 128 
GLY N     H      sing N N 129 
GLY N     H2     sing N N 130 
GLY CA    C      sing N N 131 
GLY CA    HA2    sing N N 132 
GLY CA    HA3    sing N N 133 
GLY C     O      doub N N 134 
GLY C     OXT    sing N N 135 
GLY OXT   HXT    sing N N 136 
HIS N     CA     sing N N 137 
HIS N     H      sing N N 138 
HIS N     H2     sing N N 139 
HIS CA    C      sing N N 140 
HIS CA    CB     sing N N 141 
HIS CA    HA     sing N N 142 
HIS C     O      doub N N 143 
HIS C     OXT    sing N N 144 
HIS CB    CG     sing N N 145 
HIS CB    HB2    sing N N 146 
HIS CB    HB3    sing N N 147 
HIS CG    ND1    sing Y N 148 
HIS CG    CD2    doub Y N 149 
HIS ND1   CE1    doub Y N 150 
HIS ND1   HD1    sing N N 151 
HIS CD2   NE2    sing Y N 152 
HIS CD2   HD2    sing N N 153 
HIS CE1   NE2    sing Y N 154 
HIS CE1   HE1    sing N N 155 
HIS NE2   HE2    sing N N 156 
HIS OXT   HXT    sing N N 157 
HOH O     H1     sing N N 158 
HOH O     H2     sing N N 159 
ILE N     CA     sing N N 160 
ILE N     H      sing N N 161 
ILE N     H2     sing N N 162 
ILE CA    C      sing N N 163 
ILE CA    CB     sing N N 164 
ILE CA    HA     sing N N 165 
ILE C     O      doub N N 166 
ILE C     OXT    sing N N 167 
ILE CB    CG1    sing N N 168 
ILE CB    CG2    sing N N 169 
ILE CB    HB     sing N N 170 
ILE CG1   CD1    sing N N 171 
ILE CG1   HG12   sing N N 172 
ILE CG1   HG13   sing N N 173 
ILE CG2   HG21   sing N N 174 
ILE CG2   HG22   sing N N 175 
ILE CG2   HG23   sing N N 176 
ILE CD1   HD11   sing N N 177 
ILE CD1   HD12   sing N N 178 
ILE CD1   HD13   sing N N 179 
ILE OXT   HXT    sing N N 180 
LEU N     CA     sing N N 181 
LEU N     H      sing N N 182 
LEU N     H2     sing N N 183 
LEU CA    C      sing N N 184 
LEU CA    CB     sing N N 185 
LEU CA    HA     sing N N 186 
LEU C     O      doub N N 187 
LEU C     OXT    sing N N 188 
LEU CB    CG     sing N N 189 
LEU CB    HB2    sing N N 190 
LEU CB    HB3    sing N N 191 
LEU CG    CD1    sing N N 192 
LEU CG    CD2    sing N N 193 
LEU CG    HG     sing N N 194 
LEU CD1   HD11   sing N N 195 
LEU CD1   HD12   sing N N 196 
LEU CD1   HD13   sing N N 197 
LEU CD2   HD21   sing N N 198 
LEU CD2   HD22   sing N N 199 
LEU CD2   HD23   sing N N 200 
LEU OXT   HXT    sing N N 201 
LYS N     CA     sing N N 202 
LYS N     H      sing N N 203 
LYS N     H2     sing N N 204 
LYS CA    C      sing N N 205 
LYS CA    CB     sing N N 206 
LYS CA    HA     sing N N 207 
LYS C     O      doub N N 208 
LYS C     OXT    sing N N 209 
LYS CB    CG     sing N N 210 
LYS CB    HB2    sing N N 211 
LYS CB    HB3    sing N N 212 
LYS CG    CD     sing N N 213 
LYS CG    HG2    sing N N 214 
LYS CG    HG3    sing N N 215 
LYS CD    CE     sing N N 216 
LYS CD    HD2    sing N N 217 
LYS CD    HD3    sing N N 218 
LYS CE    NZ     sing N N 219 
LYS CE    HE2    sing N N 220 
LYS CE    HE3    sing N N 221 
LYS NZ    HZ1    sing N N 222 
LYS NZ    HZ2    sing N N 223 
LYS NZ    HZ3    sing N N 224 
LYS OXT   HXT    sing N N 225 
MET N     CA     sing N N 226 
MET N     H      sing N N 227 
MET N     H2     sing N N 228 
MET CA    C      sing N N 229 
MET CA    CB     sing N N 230 
MET CA    HA     sing N N 231 
MET C     O      doub N N 232 
MET C     OXT    sing N N 233 
MET CB    CG     sing N N 234 
MET CB    HB2    sing N N 235 
MET CB    HB3    sing N N 236 
MET CG    SD     sing N N 237 
MET CG    HG2    sing N N 238 
MET CG    HG3    sing N N 239 
MET SD    CE     sing N N 240 
MET CE    HE1    sing N N 241 
MET CE    HE2    sing N N 242 
MET CE    HE3    sing N N 243 
MET OXT   HXT    sing N N 244 
MTA CS    "S5'"  sing N N 245 
MTA CS    HCS1   sing N N 246 
MTA CS    HCS2   sing N N 247 
MTA CS    HCS3   sing N N 248 
MTA "S5'" "C5'"  sing N N 249 
MTA "C5'" "C4'"  sing N N 250 
MTA "C5'" "H5'1" sing N N 251 
MTA "C5'" "H5'2" sing N N 252 
MTA "C4'" "O4'"  sing N N 253 
MTA "C4'" "C3'"  sing N N 254 
MTA "C4'" "H4'"  sing N N 255 
MTA "O4'" "C1'"  sing N N 256 
MTA "C2'" "O2'"  sing N N 257 
MTA "C2'" "C3'"  sing N N 258 
MTA "C2'" "C1'"  sing N N 259 
MTA "C2'" "H2'"  sing N N 260 
MTA "O2'" "HO2'" sing N N 261 
MTA "C3'" "O3'"  sing N N 262 
MTA "C3'" "H3'"  sing N N 263 
MTA "O3'" H3T    sing N N 264 
MTA "C1'" N9     sing N N 265 
MTA "C1'" "H1'"  sing N N 266 
MTA N9    C8     sing Y N 267 
MTA N9    C4     sing Y N 268 
MTA C8    N7     doub Y N 269 
MTA C8    H8     sing N N 270 
MTA N7    C5     sing Y N 271 
MTA C5    C6     sing Y N 272 
MTA C5    C4     doub Y N 273 
MTA C6    N6     sing N N 274 
MTA C6    N1     doub Y N 275 
MTA N6    H61    sing N N 276 
MTA N6    H62    sing N N 277 
MTA N1    C2     sing Y N 278 
MTA C2    N3     doub Y N 279 
MTA C2    H2     sing N N 280 
MTA N3    C4     sing Y N 281 
PHE N     CA     sing N N 282 
PHE N     H      sing N N 283 
PHE N     H2     sing N N 284 
PHE CA    C      sing N N 285 
PHE CA    CB     sing N N 286 
PHE CA    HA     sing N N 287 
PHE C     O      doub N N 288 
PHE C     OXT    sing N N 289 
PHE CB    CG     sing N N 290 
PHE CB    HB2    sing N N 291 
PHE CB    HB3    sing N N 292 
PHE CG    CD1    doub Y N 293 
PHE CG    CD2    sing Y N 294 
PHE CD1   CE1    sing Y N 295 
PHE CD1   HD1    sing N N 296 
PHE CD2   CE2    doub Y N 297 
PHE CD2   HD2    sing N N 298 
PHE CE1   CZ     doub Y N 299 
PHE CE1   HE1    sing N N 300 
PHE CE2   CZ     sing Y N 301 
PHE CE2   HE2    sing N N 302 
PHE CZ    HZ     sing N N 303 
PHE OXT   HXT    sing N N 304 
PRO N     CA     sing N N 305 
PRO N     CD     sing N N 306 
PRO N     H      sing N N 307 
PRO CA    C      sing N N 308 
PRO CA    CB     sing N N 309 
PRO CA    HA     sing N N 310 
PRO C     O      doub N N 311 
PRO C     OXT    sing N N 312 
PRO CB    CG     sing N N 313 
PRO CB    HB2    sing N N 314 
PRO CB    HB3    sing N N 315 
PRO CG    CD     sing N N 316 
PRO CG    HG2    sing N N 317 
PRO CG    HG3    sing N N 318 
PRO CD    HD2    sing N N 319 
PRO CD    HD3    sing N N 320 
PRO OXT   HXT    sing N N 321 
SER N     CA     sing N N 322 
SER N     H      sing N N 323 
SER N     H2     sing N N 324 
SER CA    C      sing N N 325 
SER CA    CB     sing N N 326 
SER CA    HA     sing N N 327 
SER C     O      doub N N 328 
SER C     OXT    sing N N 329 
SER CB    OG     sing N N 330 
SER CB    HB2    sing N N 331 
SER CB    HB3    sing N N 332 
SER OG    HG     sing N N 333 
SER OXT   HXT    sing N N 334 
THR N     CA     sing N N 335 
THR N     H      sing N N 336 
THR N     H2     sing N N 337 
THR CA    C      sing N N 338 
THR CA    CB     sing N N 339 
THR CA    HA     sing N N 340 
THR C     O      doub N N 341 
THR C     OXT    sing N N 342 
THR CB    OG1    sing N N 343 
THR CB    CG2    sing N N 344 
THR CB    HB     sing N N 345 
THR OG1   HG1    sing N N 346 
THR CG2   HG21   sing N N 347 
THR CG2   HG22   sing N N 348 
THR CG2   HG23   sing N N 349 
THR OXT   HXT    sing N N 350 
TRP N     CA     sing N N 351 
TRP N     H      sing N N 352 
TRP N     H2     sing N N 353 
TRP CA    C      sing N N 354 
TRP CA    CB     sing N N 355 
TRP CA    HA     sing N N 356 
TRP C     O      doub N N 357 
TRP C     OXT    sing N N 358 
TRP CB    CG     sing N N 359 
TRP CB    HB2    sing N N 360 
TRP CB    HB3    sing N N 361 
TRP CG    CD1    doub Y N 362 
TRP CG    CD2    sing Y N 363 
TRP CD1   NE1    sing Y N 364 
TRP CD1   HD1    sing N N 365 
TRP CD2   CE2    doub Y N 366 
TRP CD2   CE3    sing Y N 367 
TRP NE1   CE2    sing Y N 368 
TRP NE1   HE1    sing N N 369 
TRP CE2   CZ2    sing Y N 370 
TRP CE3   CZ3    doub Y N 371 
TRP CE3   HE3    sing N N 372 
TRP CZ2   CH2    doub Y N 373 
TRP CZ2   HZ2    sing N N 374 
TRP CZ3   CH2    sing Y N 375 
TRP CZ3   HZ3    sing N N 376 
TRP CH2   HH2    sing N N 377 
TRP OXT   HXT    sing N N 378 
TYR N     CA     sing N N 379 
TYR N     H      sing N N 380 
TYR N     H2     sing N N 381 
TYR CA    C      sing N N 382 
TYR CA    CB     sing N N 383 
TYR CA    HA     sing N N 384 
TYR C     O      doub N N 385 
TYR C     OXT    sing N N 386 
TYR CB    CG     sing N N 387 
TYR CB    HB2    sing N N 388 
TYR CB    HB3    sing N N 389 
TYR CG    CD1    doub Y N 390 
TYR CG    CD2    sing Y N 391 
TYR CD1   CE1    sing Y N 392 
TYR CD1   HD1    sing N N 393 
TYR CD2   CE2    doub Y N 394 
TYR CD2   HD2    sing N N 395 
TYR CE1   CZ     doub Y N 396 
TYR CE1   HE1    sing N N 397 
TYR CE2   CZ     sing Y N 398 
TYR CE2   HE2    sing N N 399 
TYR CZ    OH     sing N N 400 
TYR OH    HH     sing N N 401 
TYR OXT   HXT    sing N N 402 
VAL N     CA     sing N N 403 
VAL N     H      sing N N 404 
VAL N     H2     sing N N 405 
VAL CA    C      sing N N 406 
VAL CA    CB     sing N N 407 
VAL CA    HA     sing N N 408 
VAL C     O      doub N N 409 
VAL C     OXT    sing N N 410 
VAL CB    CG1    sing N N 411 
VAL CB    CG2    sing N N 412 
VAL CB    HB     sing N N 413 
VAL CG1   HG11   sing N N 414 
VAL CG1   HG12   sing N N 415 
VAL CG1   HG13   sing N N 416 
VAL CG2   HG21   sing N N 417 
VAL CG2   HG22   sing N N 418 
VAL CG2   HG23   sing N N 419 
VAL OXT   HXT    sing N N 420 
# 
_pdbx_audit_support.funding_organization   'Japan Society for the Promotion of Science (JSPS)' 
_pdbx_audit_support.country                Japan 
_pdbx_audit_support.grant_number           ? 
_pdbx_audit_support.ordinal                1 
# 
_pdbx_initial_refinement_model.id               1 
_pdbx_initial_refinement_model.entity_id_list   ? 
_pdbx_initial_refinement_model.type             'experimental model' 
_pdbx_initial_refinement_model.source_name      PDB 
_pdbx_initial_refinement_model.accession_code   2yy8 
_pdbx_initial_refinement_model.details          ? 
# 
_atom_sites.entry_id                    9U46 
_atom_sites.Cartn_transf_matrix[1][1]   ? 
_atom_sites.Cartn_transf_matrix[1][2]   ? 
_atom_sites.Cartn_transf_matrix[1][3]   ? 
_atom_sites.Cartn_transf_matrix[2][1]   ? 
_atom_sites.Cartn_transf_matrix[2][2]   ? 
_atom_sites.Cartn_transf_matrix[2][3]   ? 
_atom_sites.Cartn_transf_matrix[3][1]   ? 
_atom_sites.Cartn_transf_matrix[3][2]   ? 
_atom_sites.Cartn_transf_matrix[3][3]   ? 
_atom_sites.Cartn_transf_vector[1]      ? 
_atom_sites.Cartn_transf_vector[2]      ? 
_atom_sites.Cartn_transf_vector[3]      ? 
_atom_sites.Cartn_transform_axes        ? 
_atom_sites.fract_transf_matrix[1][1]   0.00366117 
_atom_sites.fract_transf_matrix[1][2]   -0.02016564 
_atom_sites.fract_transf_matrix[1][3]   0.00620156 
_atom_sites.fract_transf_matrix[2][1]   -0.00882824 
_atom_sites.fract_transf_matrix[2][2]   0.00169997 
_atom_sites.fract_transf_matrix[2][3]   0.01073966 
_atom_sites.fract_transf_matrix[3][1]   -0.00870563 
_atom_sites.fract_transf_matrix[3][2]   -0.00360578 
_atom_sites.fract_transf_matrix[3][3]   -0.00658547 
_atom_sites.fract_transf_vector[1]      0.340866 
_atom_sites.fract_transf_vector[2]      0.167020 
_atom_sites.fract_transf_vector[3]      0.149540 
_atom_sites.solution_primary            ? 
_atom_sites.solution_secondary          ? 
_atom_sites.solution_hydrogens          ? 
_atom_sites.special_details             ? 
# 
loop_
_atom_type.symbol 
_atom_type.pdbx_scat_Z 
_atom_type.pdbx_N_electrons 
_atom_type.scat_Cromer_Mann_a1 
_atom_type.scat_Cromer_Mann_b1 
_atom_type.scat_Cromer_Mann_a2 
_atom_type.scat_Cromer_Mann_b2 
_atom_type.scat_Cromer_Mann_a3 
_atom_type.scat_Cromer_Mann_b3 
_atom_type.scat_Cromer_Mann_a4 
_atom_type.scat_Cromer_Mann_b4 
_atom_type.scat_Cromer_Mann_c 
C 6  6  2.310  20.844 1.020 10.208 1.589 0.569  0.865 51.651 0.216   
H 1  1  0.493  10.511 0.323 26.126 0.140 3.142  0.041 57.800 0.003   
N 7  7  12.222 0.006  3.135 9.893  2.014 28.997 1.167 0.583  -11.538 
O 8  8  3.049  13.277 2.287 5.701  1.546 0.324  0.867 32.909 0.251   
S 16 16 6.905  1.468  5.203 22.215 1.438 0.254  1.586 56.172 0.867   
# 
loop_
_atom_site.group_PDB 
_atom_site.id 
_atom_site.type_symbol 
_atom_site.label_atom_id 
_atom_site.label_alt_id 
_atom_site.label_comp_id 
_atom_site.label_asym_id 
_atom_site.label_entity_id 
_atom_site.label_seq_id 
_atom_site.pdbx_PDB_ins_code 
_atom_site.Cartn_x 
_atom_site.Cartn_y 
_atom_site.Cartn_z 
_atom_site.occupancy 
_atom_site.B_iso_or_equiv 
_atom_site.pdbx_formal_charge 
_atom_site.auth_seq_id 
_atom_site.auth_comp_id 
_atom_site.auth_asym_id 
_atom_site.auth_atom_id 
_atom_site.pdbx_PDB_model_num 
_atom_site.calc_flag 
ATOM   1    N N     . MET A 1 1   ? 12.555  1.894   -2.181  1.000 28.422 0 1   MET A N     1 ? 
ATOM   2    C CA    . MET A 1 1   ? 11.706  1.414   -1.059  1.000 31.130 0 1   MET A CA    1 ? 
ATOM   3    C C     . MET A 1 1   ? 10.255  1.845   -1.308  1.000 27.332 0 1   MET A C     1 ? 
ATOM   4    O O     . MET A 1 1   ? 10.008  2.989   -1.679  1.000 28.506 0 1   MET A O     1 ? 
ATOM   5    C CB    . MET A 1 1   ? 12.251  1.982   0.258   1.000 35.251 0 1   MET A CB    1 ? 
ATOM   6    C CG    . MET A 1 1   ? 11.235  2.165   1.368   1.000 46.335 0 1   MET A CG    1 ? 
ATOM   7    S SD    . MET A 1 1   ? 11.998  2.693   2.948   1.000 61.366 0 1   MET A SD    1 ? 
ATOM   8    C CE    . MET A 1 1   ? 10.582  2.824   4.048   1.000 56.684 0 1   MET A CE    1 ? 
ATOM   9    N N     . ILE A 1 2   ? 9.307   0.922   -1.077  1.000 26.676 0 2   ILE A N     1 ? 
ATOM   10   C CA    . ILE A 1 2   ? 7.876   1.177   -1.186  1.000 24.039 0 2   ILE A CA    1 ? 
ATOM   11   C C     . ILE A 1 2   ? 7.242   1.165   0.212   1.000 20.597 0 2   ILE A C     1 ? 
ATOM   12   O O     . ILE A 1 2   ? 7.464   0.274   1.028   1.000 19.548 0 2   ILE A O     1 ? 
ATOM   13   C CB    . ILE A 1 2   ? 7.167   0.130   -2.061  1.000 25.580 0 2   ILE A CB    1 ? 
ATOM   14   C CG1   . ILE A 1 2   ? 7.767   0.060   -3.454  1.000 25.602 0 2   ILE A CG1   1 ? 
ATOM   15   C CG2   . ILE A 1 2   ? 5.662   0.411   -2.112  1.000 24.852 0 2   ILE A CG2   1 ? 
ATOM   16   C CD1   . ILE A 1 2   ? 7.278   -1.134  -4.225  1.000 28.657 0 2   ILE A CD1   1 ? 
ATOM   17   N N     . THR A 1 3   ? 6.438   2.178   0.452   1.000 18.795 0 3   THR A N     1 ? 
ATOM   18   C CA    . THR A 1 3   ? 5.619   2.306   1.643   1.000 18.056 0 3   THR A CA    1 ? 
ATOM   19   C C     . THR A 1 3   ? 4.167   2.290   1.186   1.000 16.400 0 3   THR A C     1 ? 
ATOM   20   O O     . THR A 1 3   ? 3.816   2.962   0.223   1.000 16.518 0 3   THR A O     1 ? 
ATOM   21   C CB    . THR A 1 3   ? 5.901   3.625   2.368   1.000 19.581 0 3   THR A CB    1 ? 
ATOM   22   O OG1   . THR A 1 3   ? 7.302   3.638   2.647   1.000 21.157 0 3   THR A OG1   1 ? 
ATOM   23   C CG2   . THR A 1 3   ? 5.103   3.792   3.648   1.000 21.581 0 3   THR A CG2   1 ? 
ATOM   24   N N     . VAL A 1 4   ? 3.324   1.567   1.924   1.000 15.652 0 4   VAL A N     1 ? 
ATOM   25   C CA    . VAL A 1 4   ? 1.903   1.488   1.673   1.000 15.402 0 4   VAL A CA    1 ? 
ATOM   26   C C     . VAL A 1 4   ? 1.206   2.415   2.670   1.000 17.268 0 4   VAL A C     1 ? 
ATOM   27   O O     . VAL A 1 4   ? 1.554   2.448   3.861   1.000 15.479 0 4   VAL A O     1 ? 
ATOM   28   C CB    . VAL A 1 4   ? 1.390   0.052   1.807   1.000 13.944 0 4   VAL A CB    1 ? 
ATOM   29   C CG1   . VAL A 1 4   ? -0.136  0.014   1.695   1.000 15.481 0 4   VAL A CG1   1 ? 
ATOM   30   C CG2   . VAL A 1 4   ? 2.060   -0.864  0.781   1.000 14.354 0 4   VAL A CG2   1 ? 
ATOM   31   N N     . LEU A 1 5   ? 0.266   3.202   2.125   1.000 16.411 0 5   LEU A N     1 ? 
ATOM   32   C CA    . LEU A 1 5   ? -0.611  4.046   2.897   1.000 16.627 0 5   LEU A CA    1 ? 
ATOM   33   C C     . LEU A 1 5   ? -2.031  3.514   2.775   1.000 16.113 0 5   LEU A C     1 ? 
ATOM   34   O O     . LEU A 1 5   ? -2.664  3.542   1.706   1.000 16.469 0 5   LEU A O     1 ? 
ATOM   35   C CB    . LEU A 1 5   ? -0.448  5.479   2.391   1.000 17.391 0 5   LEU A CB    1 ? 
ATOM   36   C CG    . LEU A 1 5   ? -1.288  6.540   3.080   1.000 18.798 0 5   LEU A CG    1 ? 
ATOM   37   C CD1   . LEU A 1 5   ? -1.068  6.591   4.584   1.000 18.321 0 5   LEU A CD1   1 ? 
ATOM   38   C CD2   . LEU A 1 5   ? -1.005  7.898   2.428   1.000 19.227 0 5   LEU A CD2   1 ? 
ATOM   39   N N     . ARG A 1 6   ? -2.488  2.959   3.900   1.000 17.374 0 6   ARG A N     1 ? 
ATOM   40   C CA    . ARG A 1 6   ? -3.817  2.408   3.971   1.000 16.944 0 6   ARG A CA    1 ? 
ATOM   41   C C     . ARG A 1 6   ? -4.730  3.378   4.710   1.000 17.835 0 6   ARG A C     1 ? 
ATOM   42   O O     . ARG A 1 6   ? -4.585  3.627   5.924   1.000 18.022 0 6   ARG A O     1 ? 
ATOM   43   C CB    . ARG A 1 6   ? -3.906  1.046   4.638   1.000 19.780 0 6   ARG A CB    1 ? 
ATOM   44   C CG    . ARG A 1 6   ? -5.334  0.876   5.142   1.000 23.932 0 6   ARG A CG    1 ? 
ATOM   45   C CD    . ARG A 1 6   ? -5.786  -0.466  4.943   1.000 27.483 0 6   ARG A CD    1 ? 
ATOM   46   N NE    . ARG A 1 6   ? -7.220  -0.422  5.138   1.000 20.787 0 6   ARG A NE    1 ? 
ATOM   47   C CZ    . ARG A 1 6   ? -8.012  -0.696  4.122   1.000 19.007 0 6   ARG A CZ    1 ? 
ATOM   48   N NH1   . ARG A 1 6   ? -7.907  0.047   3.041   1.000 18.875 0 6   ARG A NH1   1 ? 
ATOM   49   N NH2   . ARG A 1 6   ? -8.809  -1.747  4.170   1.000 20.388 0 6   ARG A NH2   1 ? 
ATOM   50   N N     . ILE A 1 7   ? -5.737  3.854   3.973   1.000 17.296 0 7   ILE A N     1 ? 
ATOM   51   C CA    . ILE A 1 7   ? -6.688  4.797   4.521   1.000 18.740 0 7   ILE A CA    1 ? 
ATOM   52   C C     . ILE A 1 7   ? -8.077  4.165   4.579   1.000 18.473 0 7   ILE A C     1 ? 
ATOM   53   O O     . ILE A 1 7   ? -8.350  3.094   4.018   1.000 18.130 0 7   ILE A O     1 ? 
ATOM   54   C CB    . ILE A 1 7   ? -6.644  6.120   3.736   1.000 19.354 0 7   ILE A CB    1 ? 
ATOM   55   C CG1   . ILE A 1 7   ? -7.440  6.045   2.428   1.000 20.737 0 7   ILE A CG1   1 ? 
ATOM   56   C CG2   . ILE A 1 7   ? -5.201  6.558   3.519   1.000 19.877 0 7   ILE A CG2   1 ? 
ATOM   57   C CD1   . ILE A 1 7   ? -7.609  7.366   1.700   1.000 20.637 0 7   ILE A CD1   1 ? 
ATOM   58   N N     . ASN A 1 8   ? -8.973  4.862   5.286   1.000 20.846 0 8   ASN A N     1 ? 
ATOM   59   C CA    . ASN A 1 8   ? -10.332 4.378   5.511   1.000 22.400 0 8   ASN A CA    1 ? 
ATOM   60   C C     . ASN A 1 8   ? -10.340 3.154   6.419   1.000 21.538 0 8   ASN A C     1 ? 
ATOM   61   O O     . ASN A 1 8   ? -11.241 2.328   6.359   1.000 20.546 0 8   ASN A O     1 ? 
ATOM   62   C CB    . ASN A 1 8   ? -11.108 4.005   4.229   1.000 25.781 0 8   ASN A CB    1 ? 
ATOM   63   C CG    . ASN A 1 8   ? -11.280 5.121   3.215   1.000 31.501 0 8   ASN A CG    1 ? 
ATOM   64   O OD1   . ASN A 1 8   ? -11.224 4.887   1.990   1.000 33.149 0 8   ASN A OD1   1 ? 
ATOM   65   N ND2   . ASN A 1 8   ? -11.458 6.335   3.720   1.000 27.567 0 8   ASN A ND2   1 ? 
ATOM   66   N N     . HIS A 1 9   ? -9.335  2.997   7.269   1.000 20.950 0 9   HIS A N     1 ? 
ATOM   67   C CA    . HIS A 1 9   ? -9.348  1.895   8.203   1.000 19.955 0 9   HIS A CA    1 ? 
ATOM   68   C C     . HIS A 1 9   ? -10.335 2.216   9.333   1.000 19.758 0 9   HIS A C     1 ? 
ATOM   69   O O     . HIS A 1 9   ? -10.236 3.266   9.932   1.000 18.425 0 9   HIS A O     1 ? 
ATOM   70   C CB    . HIS A 1 9   ? -7.933  1.669   8.746   1.000 18.649 0 9   HIS A CB    1 ? 
ATOM   71   C CG    . HIS A 1 9   ? -7.916  0.623   9.808   1.000 18.070 0 9   HIS A CG    1 ? 
ATOM   72   N ND1   . HIS A 1 9   ? -8.348  -0.670  9.576   1.000 16.503 0 9   HIS A ND1   1 ? 
ATOM   73   C CD2   . HIS A 1 9   ? -7.527  0.706   11.123  1.000 17.161 0 9   HIS A CD2   1 ? 
ATOM   74   C CE1   . HIS A 1 9   ? -8.241  -1.352  10.720  1.000 17.594 0 9   HIS A CE1   1 ? 
ATOM   75   N NE2   . HIS A 1 9   ? -7.695  -0.531  11.684  1.000 16.802 0 9   HIS A NE2   1 ? 
ATOM   76   N N     . ARG A 1 10  ? -11.254 1.313   9.640   1.000 20.793 0 10  ARG A N     1 ? 
ATOM   77   C CA    . ARG A 1 10  ? -12.145 1.479   10.801  1.000 25.196 0 10  ARG A CA    1 ? 
ATOM   78   C C     . ARG A 1 10  ? -11.829 0.440   11.867  1.000 23.351 0 10  ARG A C     1 ? 
ATOM   79   O O     . ARG A 1 10  ? -12.274 -0.702  11.760  1.000 25.755 0 10  ARG A O     1 ? 
ATOM   80   C CB    . ARG A 1 10  ? -13.595 1.273   10.363  1.000 30.101 0 10  ARG A CB    1 ? 
ATOM   81   C CG    . ARG A 1 10  ? -14.038 2.267   9.306   1.000 36.435 0 10  ARG A CG    1 ? 
ATOM   82   C CD    . ARG A 1 10  ? -13.808 3.702   9.723   1.000 43.218 0 10  ARG A CD    1 ? 
ATOM   83   N NE    . ARG A 1 10  ? -14.814 4.537   9.082   1.000 60.765 0 10  ARG A NE    1 ? 
ATOM   84   C CZ    . ARG A 1 10  ? -16.125 4.437   9.303   1.000 67.085 0 10  ARG A CZ    1 ? 
ATOM   85   N NH1   . ARG A 1 10  ? -16.567 3.745   10.342  1.000 63.805 0 10  ARG A NH1   1 ? 
ATOM   86   N NH2   . ARG A 1 10  ? -16.985 5.041   8.498   1.000 67.355 0 10  ARG A NH2   1 ? 
ATOM   87   N N     . PRO A 1 11  ? -11.086 0.796   12.931  1.000 21.722 0 11  PRO A N     1 ? 
ATOM   88   C CA    . PRO A 1 11  ? -10.561 -0.183  13.890  1.000 24.671 0 11  PRO A CA    1 ? 
ATOM   89   C C     . PRO A 1 11  ? -11.599 -1.118  14.520  1.000 29.535 0 11  PRO A C     1 ? 
ATOM   90   O O     . PRO A 1 11  ? -11.305 -2.282  14.793  1.000 33.905 0 11  PRO A O     1 ? 
ATOM   91   C CB    . PRO A 1 11  ? -9.897  0.671   14.987  1.000 22.927 0 11  PRO A CB    1 ? 
ATOM   92   C CG    . PRO A 1 11  ? -9.684  2.035   14.378  1.000 23.778 0 11  PRO A CG    1 ? 
ATOM   93   C CD    . PRO A 1 11  ? -10.701 2.175   13.261  1.000 24.387 0 11  PRO A CD    1 ? 
ATOM   94   N N     . TYR A 1 12  ? -12.837 -0.646  14.690  1.000 31.441 0 12  TYR A N     1 ? 
ATOM   95   C CA    . TYR A 1 12  ? -13.865 -1.466  15.331  1.000 36.871 0 12  TYR A CA    1 ? 
ATOM   96   C C     . TYR A 1 12  ? -14.665 -2.252  14.300  1.000 37.178 0 12  TYR A C     1 ? 
ATOM   97   O O     . TYR A 1 12  ? -15.641 -2.903  14.655  1.000 42.658 0 12  TYR A O     1 ? 
ATOM   98   C CB    . TYR A 1 12  ? -14.801 -0.603  16.182  1.000 39.706 0 12  TYR A CB    1 ? 
ATOM   99   C CG    . TYR A 1 12  ? -14.084 0.122   17.288  1.000 39.713 0 12  TYR A CG    1 ? 
ATOM   100  C CD1   . TYR A 1 12  ? -13.879 -0.487  18.518  1.000 44.500 0 12  TYR A CD1   1 ? 
ATOM   101  C CD2   . TYR A 1 12  ? -13.600 1.405   17.092  1.000 43.755 0 12  TYR A CD2   1 ? 
ATOM   102  C CE1   . TYR A 1 12  ? -13.222 0.175   19.542  1.000 44.716 0 12  TYR A CE1   1 ? 
ATOM   103  C CE2   . TYR A 1 12  ? -12.934 2.082   18.103  1.000 46.597 0 12  TYR A CE2   1 ? 
ATOM   104  C CZ    . TYR A 1 12  ? -12.750 1.460   19.327  1.000 50.641 0 12  TYR A CZ    1 ? 
ATOM   105  O OH    . TYR A 1 12  ? -12.091 2.122   20.326  1.000 58.468 0 12  TYR A OH    1 ? 
ATOM   106  N N     . ARG A 1 13  ? -14.238 -2.223  13.037  1.000 35.546 0 13  ARG A N     1 ? 
ATOM   107  C CA    . ARG A 1 13  ? -14.866 -3.039  12.012  1.000 38.340 0 13  ARG A CA    1 ? 
ATOM   108  C C     . ARG A 1 13  ? -13.837 -3.746  11.117  1.000 42.738 0 13  ARG A C     1 ? 
ATOM   109  O O     . ARG A 1 13  ? -14.057 -4.886  10.744  1.000 42.975 0 13  ARG A O     1 ? 
ATOM   110  C CB    . ARG A 1 13  ? -15.723 -2.156  11.108  1.000 32.452 0 13  ARG A CB    1 ? 
ATOM   111  C CG    . ARG A 1 13  ? -16.584 -2.924  10.114  1.000 37.628 0 13  ARG A CG    1 ? 
ATOM   112  C CD    . ARG A 1 13  ? -17.233 -1.981  9.118   1.000 37.372 0 13  ARG A CD    1 ? 
ATOM   113  N NE    . ARG A 1 13  ? -16.190 -1.335  8.365   1.000 34.695 0 13  ARG A NE    1 ? 
ATOM   114  C CZ    . ARG A 1 13  ? -16.323 -0.200  7.700   1.000 43.307 0 13  ARG A CZ    1 ? 
ATOM   115  N NH1   . ARG A 1 13  ? -15.251 0.462   7.312   1.000 38.170 0 13  ARG A NH1   1 ? 
ATOM   116  N NH2   . ARG A 1 13  ? -17.525 0.301   7.478   1.000 45.003 0 13  ARG A NH2   1 ? 
ATOM   117  N N     . ASP A 1 14  ? -12.761 -3.058  10.690  1.000 40.335 0 14  ASP A N     1 ? 
ATOM   118  C CA    . ASP A 1 14  ? -11.988 -3.511  9.536   1.000 39.427 0 14  ASP A CA    1 ? 
ATOM   119  C C     . ASP A 1 14  ? -10.704 -4.220  9.967   1.000 40.532 0 14  ASP A C     1 ? 
ATOM   120  O O     . ASP A 1 14  ? -9.720  -4.184  9.207   1.000 32.141 0 14  ASP A O     1 ? 
ATOM   121  C CB    . ASP A 1 14  ? -11.552 -2.356  8.620   1.000 35.752 0 14  ASP A CB    1 ? 
ATOM   122  C CG    . ASP A 1 14  ? -12.668 -1.567  7.961   1.000 36.769 0 14  ASP A CG    1 ? 
ATOM   123  O OD1   . ASP A 1 14  ? -13.677 -2.187  7.550   1.000 31.939 0 14  ASP A OD1   1 ? 
ATOM   124  O OD2   . ASP A 1 14  ? -12.497 -0.336  7.835   1.000 36.840 0 14  ASP A OD2   1 ? 
ATOM   125  N N     . LYS A 1 15  ? -10.704 -4.896  11.134  1.000 35.315 0 15  LYS A N     1 ? 
ATOM   126  C CA    . LYS A 1 15  ? -9.448  -5.470  11.604  1.000 37.054 0 15  LYS A CA    1 ? 
ATOM   127  C C     . LYS A 1 15  ? -8.900  -6.441  10.568  1.000 30.200 0 15  LYS A C     1 ? 
ATOM   128  O O     . LYS A 1 15  ? -7.716  -6.348  10.230  1.000 30.178 0 15  LYS A O     1 ? 
ATOM   129  C CB    . LYS A 1 15  ? -9.557  -6.156  12.960  1.000 39.877 0 15  LYS A CB    1 ? 
ATOM   130  C CG    . LYS A 1 15  ? -9.656  -5.168  14.116  1.000 44.949 0 15  LYS A CG    1 ? 
ATOM   131  C CD    . LYS A 1 15  ? -8.465  -5.114  15.041  1.000 41.185 0 15  LYS A CD    1 ? 
ATOM   132  C CE    . LYS A 1 15  ? -8.880  -4.571  16.390  1.000 39.817 0 15  LYS A CE    1 ? 
ATOM   133  N NZ    . LYS A 1 15  ? -8.971  -3.090  16.373  1.000 40.414 0 15  LYS A NZ    1 ? 
ATOM   134  N N     . ARG A 1 16  ? -9.775  -7.284  10.011  1.000 26.024 0 16  ARG A N     1 ? 
ATOM   135  C CA    . ARG A 1 16  ? -9.316  -8.388  9.185   1.000 27.796 0 16  ARG A CA    1 ? 
ATOM   136  C C     . ARG A 1 16  ? -8.795  -7.862  7.840   1.000 23.322 0 16  ARG A C     1 ? 
ATOM   137  O O     . ARG A 1 16  ? -7.698  -8.222  7.462   1.000 20.509 0 16  ARG A O     1 ? 
ATOM   138  C CB    . ARG A 1 16  ? -10.405 -9.448  9.008   1.000 34.351 0 16  ARG A CB    1 ? 
ATOM   139  C CG    . ARG A 1 16  ? -9.917  -10.652 8.215   1.000 42.756 0 16  ARG A CG    1 ? 
ATOM   140  C CD    . ARG A 1 16  ? -10.906 -11.794 8.144   1.000 51.599 0 16  ARG A CD    1 ? 
ATOM   141  N NE    . ARG A 1 16  ? -10.790 -12.638 9.315   1.000 58.974 0 16  ARG A NE    1 ? 
ATOM   142  C CZ    . ARG A 1 16  ? -10.108 -13.776 9.337   1.000 66.508 0 16  ARG A CZ    1 ? 
ATOM   143  N NH1   . ARG A 1 16  ? -9.392  -14.146 8.285   1.000 69.367 0 16  ARG A NH1   1 ? 
ATOM   144  N NH2   . ARG A 1 16  ? -10.129 -14.524 10.427  1.000 70.484 0 16  ARG A NH2   1 ? 
ATOM   145  N N     . ILE A 1 17  ? -9.599  -7.084  7.104   1.000 18.961 0 17  ILE A N     1 ? 
ATOM   146  C CA    . ILE A 1 17  ? -9.209  -6.548  5.809   1.000 22.354 0 17  ILE A CA    1 ? 
ATOM   147  C C     . ILE A 1 17  ? -7.892  -5.776  5.907   1.000 19.258 0 17  ILE A C     1 ? 
ATOM   148  O O     . ILE A 1 17  ? -6.998  -5.983  5.094   1.000 16.283 0 17  ILE A O     1 ? 
ATOM   149  C CB    . ILE A 1 17  ? -10.303 -5.675  5.152   1.000 25.525 0 17  ILE A CB    1 ? 
ATOM   150  C CG1   . ILE A 1 17  ? -9.851  -5.154  3.792   1.000 27.404 0 17  ILE A CG1   1 ? 
ATOM   151  C CG2   . ILE A 1 17  ? -10.754 -4.521  6.028   1.000 28.542 0 17  ILE A CG2   1 ? 
ATOM   152  C CD1   . ILE A 1 17  ? -9.793  -6.249  2.751   1.000 34.646 0 17  ILE A CD1   1 ? 
ATOM   153  N N     . THR A 1 18  ? -7.782  -4.873  6.875   1.000 18.018 0 18  THR A N     1 ? 
ATOM   154  C CA    . THR A 1 18  ? -6.562  -4.086  7.022   1.000 18.018 0 18  THR A CA    1 ? 
ATOM   155  C C     . THR A 1 18  ? -5.378  -4.974  7.413   1.000 15.914 0 18  THR A C     1 ? 
ATOM   156  O O     . THR A 1 18  ? -4.272  -4.731  6.953   1.000 14.413 0 18  THR A O     1 ? 
ATOM   157  C CB    . THR A 1 18  ? -6.788  -2.920  7.990   1.000 18.526 0 18  THR A CB    1 ? 
ATOM   158  O OG1   . THR A 1 18  ? -7.821  -2.083  7.460   1.000 17.402 0 18  THR A OG1   1 ? 
ATOM   159  C CG2   . THR A 1 18  ? -5.522  -2.111  8.165   1.000 19.562 0 18  THR A CG2   1 ? 
ATOM   160  N N     . THR A 1 19  ? -5.598  -6.005  8.237   1.000 14.213 0 19  THR A N     1 ? 
ATOM   161  C CA    . THR A 1 19  ? -4.559  -6.969  8.567   1.000 15.388 0 19  THR A CA    1 ? 
ATOM   162  C C     . THR A 1 19  ? -4.073  -7.594  7.257   1.000 15.688 0 19  THR A C     1 ? 
ATOM   163  O O     . THR A 1 19  ? -2.875  -7.717  7.057   1.000 15.085 0 19  THR A O     1 ? 
ATOM   164  C CB    . THR A 1 19  ? -5.029  -8.030  9.572   1.000 16.961 0 19  THR A CB    1 ? 
ATOM   165  O OG1   . THR A 1 19  ? -5.418  -7.363  10.771  1.000 17.440 0 19  THR A OG1   1 ? 
ATOM   166  C CG2   . THR A 1 19  ? -3.996  -9.089  9.908   1.000 17.401 0 19  THR A CG2   1 ? 
ATOM   167  N N     . HIS A 1 20  ? -5.002  -7.968  6.372   1.000 16.026 0 20  HIS A N     1 ? 
ATOM   168  C CA    . HIS A 1 20  ? -4.650  -8.609  5.104   1.000 16.631 0 20  HIS A CA    1 ? 
ATOM   169  C C     . HIS A 1 20  ? -3.877  -7.689  4.163   1.000 14.062 0 20  HIS A C     1 ? 
ATOM   170  O O     . HIS A 1 20  ? -2.996  -8.113  3.422   1.000 14.874 0 20  HIS A O     1 ? 
ATOM   171  C CB    . HIS A 1 20  ? -5.948  -9.113  4.476   1.000 18.028 0 20  HIS A CB    1 ? 
ATOM   172  C CG    . HIS A 1 20  ? -6.472  -10.356 5.115   1.000 20.846 0 20  HIS A CG    1 ? 
ATOM   173  N ND1   . HIS A 1 20  ? -7.170  -11.308 4.423   1.000 22.109 0 20  HIS A ND1   1 ? 
ATOM   174  C CD2   . HIS A 1 20  ? -6.258  -10.846 6.381   1.000 25.163 0 20  HIS A CD2   1 ? 
ATOM   175  C CE1   . HIS A 1 20  ? -7.473  -12.306 5.253   1.000 26.372 0 20  HIS A CE1   1 ? 
ATOM   176  N NE2   . HIS A 1 20  ? -6.928  -12.038 6.484   1.000 25.058 0 20  HIS A NE2   1 ? 
ATOM   177  N N     . VAL A 1 21  ? -4.200  -6.405  4.196   1.000 15.104 0 21  VAL A N     1 ? 
ATOM   178  C CA    . VAL A 1 21  ? -3.445  -5.398  3.456   1.000 15.196 0 21  VAL A CA    1 ? 
ATOM   179  C C     . VAL A 1 21  ? -2.011  -5.348  3.965   1.000 15.083 0 21  VAL A C     1 ? 
ATOM   180  O O     . VAL A 1 21  ? -1.064  -5.372  3.168   1.000 13.734 0 21  VAL A O     1 ? 
ATOM   181  C CB    . VAL A 1 21  ? -4.085  -4.006  3.523   1.000 14.240 0 21  VAL A CB    1 ? 
ATOM   182  C CG1   . VAL A 1 21  ? -3.198  -2.938  2.873   1.000 14.501 0 21  VAL A CG1   1 ? 
ATOM   183  C CG2   . VAL A 1 21  ? -5.459  -4.048  2.861   1.000 15.533 0 21  VAL A CG2   1 ? 
ATOM   184  N N     . ALA A 1 22  ? -1.859  -5.351  5.284   1.000 14.028 0 22  ALA A N     1 ? 
ATOM   185  C CA    . ALA A 1 22  ? -0.542  -5.279  5.897   1.000 13.872 0 22  ALA A CA    1 ? 
ATOM   186  C C     . ALA A 1 22  ? 0.269   -6.530  5.605   1.000 14.887 0 22  ALA A C     1 ? 
ATOM   187  O O     . ALA A 1 22  ? 1.459   -6.402  5.286   1.000 14.381 0 22  ALA A O     1 ? 
ATOM   188  C CB    . ALA A 1 22  ? -0.668  -5.044  7.387   1.000 14.877 0 22  ALA A CB    1 ? 
ATOM   189  N N     . LEU A 1 23  ? -0.346  -7.724  5.748   1.000 14.599 0 23  LEU A N     1 ? 
ATOM   190  C CA    . LEU A 1 23  ? 0.386   -8.959  5.477   1.000 15.351 0 23  LEU A CA    1 ? 
ATOM   191  C C     . LEU A 1 23  ? 0.842   -8.976  4.027   1.000 15.959 0 23  LEU A C     1 ? 
ATOM   192  O O     . LEU A 1 23  ? 1.955   -9.388  3.703   1.000 17.428 0 23  LEU A O     1 ? 
ATOM   193  C CB    . LEU A 1 23  ? -0.527  -10.155 5.712   1.000 16.366 0 23  LEU A CB    1 ? 
ATOM   194  C CG    . LEU A 1 23  ? -0.934  -10.429 7.153   1.000 17.435 0 23  LEU A CG    1 ? 
ATOM   195  C CD1   . LEU A 1 23  ? -1.897  -11.601 7.175   1.000 17.673 0 23  LEU A CD1   1 ? 
ATOM   196  C CD2   . LEU A 1 23  ? 0.287   -10.659 8.023   1.000 18.908 0 23  LEU A CD2   1 ? 
ATOM   197  N N     . THR A 1 24  ? -0.064  -8.568  3.135   1.000 16.963 0 24  THR A N     1 ? 
ATOM   198  C CA    . THR A 1 24  ? 0.195   -8.533  1.699   1.000 16.809 0 24  THR A CA    1 ? 
ATOM   199  C C     . THR A 1 24  ? 1.342   -7.577  1.369   1.000 16.481 0 24  THR A C     1 ? 
ATOM   200  O O     . THR A 1 24  ? 2.235   -7.904  0.583   1.000 18.338 0 24  THR A O     1 ? 
ATOM   201  C CB    . THR A 1 24  ? -1.102  -8.189  0.956   1.000 16.147 0 24  THR A CB    1 ? 
ATOM   202  O OG1   . THR A 1 24  ? -1.980  -9.298  1.182   1.000 14.973 0 24  THR A OG1   1 ? 
ATOM   203  C CG2   . THR A 1 24  ? -0.880  -8.010  -0.523  1.000 17.958 0 24  THR A CG2   1 ? 
ATOM   204  N N     . ALA A 1 25  ? 1.312   -6.381  1.969   1.000 15.941 0 25  ALA A N     1 ? 
ATOM   205  C CA    . ALA A 1 25  ? 2.360   -5.390  1.799   1.000 15.122 0 25  ALA A CA    1 ? 
ATOM   206  C C     . ALA A 1 25  ? 3.719   -5.994  2.128   1.000 16.077 0 25  ALA A C     1 ? 
ATOM   207  O O     . ALA A 1 25  ? 4.675   -5.879  1.357   1.000 14.578 0 25  ALA A O     1 ? 
ATOM   208  C CB    . ALA A 1 25  ? 2.055   -4.205  2.673   1.000 16.135 0 25  ALA A CB    1 ? 
ATOM   209  N N     . ARG A 1 26  ? 3.787   -6.639  3.295   1.000 14.354 0 26  ARG A N     1 ? 
ATOM   210  C CA    . ARG A 1 26  ? 5.042   -7.164  3.799   1.000 15.987 0 26  ARG A CA    1 ? 
ATOM   211  C C     . ARG A 1 26  ? 5.568   -8.272  2.873   1.000 17.386 0 26  ARG A C     1 ? 
ATOM   212  O O     . ARG A 1 26  ? 6.766   -8.307  2.543   1.000 19.232 0 26  ARG A O     1 ? 
ATOM   213  C CB    . ARG A 1 26  ? 4.783   -7.658  5.225   1.000 16.013 0 26  ARG A CB    1 ? 
ATOM   214  C CG    . ARG A 1 26  ? 5.925   -8.451  5.834   1.000 17.538 0 26  ARG A CG    1 ? 
ATOM   215  C CD    . ARG A 1 26  ? 5.575   -8.982  7.207   1.000 17.062 0 26  ARG A CD    1 ? 
ATOM   216  N NE    . ARG A 1 26  ? 6.641   -9.867  7.652   1.000 20.026 0 26  ARG A NE    1 ? 
ATOM   217  C CZ    . ARG A 1 26  ? 6.876   -11.094 7.206   1.000 21.387 0 26  ARG A CZ    1 ? 
ATOM   218  N NH1   . ARG A 1 26  ? 5.959   -11.767 6.513   1.000 19.088 0 26  ARG A NH1   1 ? 
ATOM   219  N NH2   . ARG A 1 26  ? 8.032   -11.664 7.513   1.000 21.325 0 26  ARG A NH2   1 ? 
ATOM   220  N N     . ALA A 1 27  ? 4.683   -9.215  2.503   1.000 15.544 0 27  ALA A N     1 ? 
ATOM   221  C CA    . ALA A 1 27  ? 5.109   -10.410 1.809   1.000 17.452 0 27  ALA A CA    1 ? 
ATOM   222  C C     . ALA A 1 27  ? 5.535   -10.074 0.384   1.000 18.475 0 27  ALA A C     1 ? 
ATOM   223  O O     . ALA A 1 27  ? 6.372   -10.769 -0.209  1.000 16.822 0 27  ALA A O     1 ? 
ATOM   224  C CB    . ALA A 1 27  ? 4.010   -11.435 1.845   1.000 18.676 0 27  ALA A CB    1 ? 
ATOM   225  N N     . PHE A 1 28  ? 4.938   -9.021  -0.188  1.000 16.167 0 28  PHE A N     1 ? 
ATOM   226  C CA    . PHE A 1 28  ? 5.177   -8.688  -1.574  1.000 17.892 0 28  PHE A CA    1 ? 
ATOM   227  C C     . PHE A 1 28  ? 6.219   -7.584  -1.756  1.000 17.662 0 28  PHE A C     1 ? 
ATOM   228  O O     . PHE A 1 28  ? 6.369   -7.052  -2.858  1.000 19.240 0 28  PHE A O     1 ? 
ATOM   229  C CB    . PHE A 1 28  ? 3.846   -8.377  -2.268  1.000 18.931 0 28  PHE A CB    1 ? 
ATOM   230  C CG    . PHE A 1 28  ? 3.038   -9.625  -2.527  1.000 19.081 0 28  PHE A CG    1 ? 
ATOM   231  C CD1   . PHE A 1 28  ? 2.161   -10.127 -1.572  1.000 18.556 0 28  PHE A CD1   1 ? 
ATOM   232  C CD2   . PHE A 1 28  ? 3.154   -10.304 -3.728  1.000 24.259 0 28  PHE A CD2   1 ? 
ATOM   233  C CE1   . PHE A 1 28  ? 1.407   -11.262 -1.812  1.000 20.529 0 28  PHE A CE1   1 ? 
ATOM   234  C CE2   . PHE A 1 28  ? 2.407   -11.453 -3.968  1.000 26.193 0 28  PHE A CE2   1 ? 
ATOM   235  C CZ    . PHE A 1 28  ? 1.531   -11.937 -3.003  1.000 23.956 0 28  PHE A CZ    1 ? 
ATOM   236  N N     . GLY A 1 29  ? 6.915   -7.212  -0.695  1.000 19.916 0 29  GLY A N     1 ? 
ATOM   237  C CA    . GLY A 1 29  ? 8.150   -6.450  -0.836  1.000 20.883 0 29  GLY A CA    1 ? 
ATOM   238  C C     . GLY A 1 29  ? 8.067   -4.989  -0.398  1.000 20.145 0 29  GLY A C     1 ? 
ATOM   239  O O     . GLY A 1 29  ? 9.059   -4.279  -0.484  1.000 19.192 0 29  GLY A O     1 ? 
ATOM   240  N N     . ALA A 1 30  ? 6.938   -4.524  0.158   1.000 17.166 0 30  ALA A N     1 ? 
ATOM   241  C CA    . ALA A 1 30  ? 6.936   -3.169  0.724   1.000 16.458 0 30  ALA A CA    1 ? 
ATOM   242  C C     . ALA A 1 30  ? 7.742   -3.123  2.033   1.000 17.419 0 30  ALA A C     1 ? 
ATOM   243  O O     . ALA A 1 30  ? 7.783   -4.118  2.736   1.000 18.711 0 30  ALA A O     1 ? 
ATOM   244  C CB    . ALA A 1 30  ? 5.506   -2.715  0.920   1.000 15.673 0 30  ALA A CB    1 ? 
ATOM   245  N N     . SER A 1 31  ? 8.345   -1.958  2.385   1.000 18.474 0 31  SER A N     1 ? 
ATOM   246  C CA    . SER A 1 31  ? 9.164   -1.810  3.596   1.000 20.287 0 31  SER A CA    1 ? 
ATOM   247  C C     . SER A 1 31  ? 8.334   -1.402  4.809   1.000 19.884 0 31  SER A C     1 ? 
ATOM   248  O O     . SER A 1 31  ? 8.751   -1.581  5.956   1.000 18.176 0 31  SER A O     1 ? 
ATOM   249  C CB    . SER A 1 31  ? 10.241  -0.770  3.391   1.000 23.282 0 31  SER A CB    1 ? 
ATOM   250  O OG    . SER A 1 31  ? 11.058  -1.109  2.278   1.000 28.737 0 31  SER A OG    1 ? 
ATOM   251  N N     . ALA A 1 32  ? 7.183   -0.783  4.553   1.000 17.718 0 32  ALA A N     1 ? 
ATOM   252  C CA    . ALA A 1 32  ? 6.368   -0.237  5.632   1.000 18.242 0 32  ALA A CA    1 ? 
ATOM   253  C C     . ALA A 1 32  ? 4.921   -0.083  5.187   1.000 17.890 0 32  ALA A C     1 ? 
ATOM   254  O O     . ALA A 1 32  ? 4.615   0.030   3.987   1.000 14.863 0 32  ALA A O     1 ? 
ATOM   255  C CB    . ALA A 1 32  ? 6.921   1.102   6.098   1.000 18.432 0 32  ALA A CB    1 ? 
ATOM   256  N N     . ILE A 1 33  ? 4.042   -0.005  6.194   1.000 17.886 0 33  ILE A N     1 ? 
ATOM   257  C CA    . ILE A 1 33  ? 2.662   0.375   5.968   1.000 17.932 0 33  ILE A CA    1 ? 
ATOM   258  C C     . ILE A 1 33  ? 2.313   1.407   7.014   1.000 18.855 0 33  ILE A C     1 ? 
ATOM   259  O O     . ILE A 1 33  ? 2.699   1.253   8.187   1.000 20.459 0 33  ILE A O     1 ? 
ATOM   260  C CB    . ILE A 1 33  ? 1.667   -0.809  6.030   1.000 16.962 0 33  ILE A CB    1 ? 
ATOM   261  C CG1   . ILE A 1 33  ? 0.260   -0.343  5.652   1.000 16.777 0 33  ILE A CG1   1 ? 
ATOM   262  C CG2   . ILE A 1 33  ? 1.657   -1.539  7.372   1.000 16.700 0 33  ILE A CG2   1 ? 
ATOM   263  C CD1   . ILE A 1 33  ? -0.676  -1.475  5.308   1.000 19.183 0 33  ILE A CD1   1 ? 
ATOM   264  N N     . LEU A 1 34  ? 1.625   2.449   6.540   1.000 18.747 0 34  LEU A N     1 ? 
ATOM   265  C CA    . LEU A 1 34  ? 1.091   3.477   7.407   1.000 20.324 0 34  LEU A CA    1 ? 
ATOM   266  C C     . LEU A 1 34  ? -0.426  3.392   7.347   1.000 19.700 0 34  LEU A C     1 ? 
ATOM   267  O O     . LEU A 1 34  ? -0.999  3.323   6.260   1.000 20.611 0 34  LEU A O     1 ? 
ATOM   268  C CB    . LEU A 1 34  ? 1.544   4.852   6.928   1.000 21.177 0 34  LEU A CB    1 ? 
ATOM   269  C CG    . LEU A 1 34  ? 3.033   5.161   6.773   1.000 25.369 0 34  LEU A CG    1 ? 
ATOM   270  C CD1   . LEU A 1 34  ? 3.208   6.664   6.639   1.000 28.185 0 34  LEU A CD1   1 ? 
ATOM   271  C CD2   . LEU A 1 34  ? 3.889   4.663   7.924   1.000 27.291 0 34  LEU A CD2   1 ? 
ATOM   272  N N     . VAL A 1 35  ? -1.076  3.429   8.513   1.000 17.815 0 35  VAL A N     1 ? 
ATOM   273  C CA    . VAL A 1 35  ? -2.521  3.273   8.549   1.000 17.386 0 35  VAL A CA    1 ? 
ATOM   274  C C     . VAL A 1 35  ? -3.107  4.534   9.182   1.000 18.472 0 35  VAL A C     1 ? 
ATOM   275  O O     . VAL A 1 35  ? -2.574  5.034   10.167  1.000 17.706 0 35  VAL A O     1 ? 
ATOM   276  C CB    . VAL A 1 35  ? -2.933  2.014   9.321   1.000 16.422 0 35  VAL A CB    1 ? 
ATOM   277  C CG1   . VAL A 1 35  ? -4.429  1.905   9.419   1.000 15.756 0 35  VAL A CG1   1 ? 
ATOM   278  C CG2   . VAL A 1 35  ? -2.307  0.730   8.759   1.000 15.813 0 35  VAL A CG2   1 ? 
ATOM   279  N N     . ASP A 1 36  ? -4.199  5.043   8.601   1.000 20.239 0 36  ASP A N     1 ? 
ATOM   280  C CA    . ASP A 1 36  ? -4.766  6.314   9.004   1.000 20.067 0 36  ASP A CA    1 ? 
ATOM   281  C C     . ASP A 1 36  ? -5.290  6.275   10.448  1.000 21.577 0 36  ASP A C     1 ? 
ATOM   282  O O     . ASP A 1 36  ? -4.842  7.052   11.291  1.000 25.693 0 36  ASP A O     1 ? 
ATOM   283  C CB    . ASP A 1 36  ? -5.797  6.830   7.998   1.000 23.032 0 36  ASP A CB    1 ? 
ATOM   284  C CG    . ASP A 1 36  ? -7.119  6.088   7.848   1.000 23.701 0 36  ASP A CG    1 ? 
ATOM   285  O OD1   . ASP A 1 36  ? -7.231  4.861   8.160   1.000 20.344 0 36  ASP A OD1   1 ? 
ATOM   286  O OD2   . ASP A 1 36  ? -8.052  6.740   7.368   1.000 27.980 0 36  ASP A OD2   1 ? 
ATOM   287  N N     . GLU A 1 37  ? -6.147  5.325   10.798  1.000 23.136 0 37  GLU A N     1 ? 
ATOM   288  C CA    . GLU A 1 37  ? -6.704  5.305   12.146  1.000 23.294 0 37  GLU A CA    1 ? 
ATOM   289  C C     . GLU A 1 37  ? -5.812  4.508   13.089  1.000 23.614 0 37  GLU A C     1 ? 
ATOM   290  O O     . GLU A 1 37  ? -5.371  3.412   12.759  1.000 19.220 0 37  GLU A O     1 ? 
ATOM   291  C CB    . GLU A 1 37  ? -8.088  4.666   12.197  1.000 29.549 0 37  GLU A CB    1 ? 
ATOM   292  C CG    . GLU A 1 37  ? -9.203  5.609   11.786  1.000 37.092 0 37  GLU A CG    1 ? 
ATOM   293  C CD    . GLU A 1 37  ? -9.342  6.800   12.708  1.000 41.248 0 37  GLU A CD    1 ? 
ATOM   294  O OE1   . GLU A 1 37  ? -9.337  6.584   13.950  1.000 44.744 0 37  GLU A OE1   1 ? 
ATOM   295  O OE2   . GLU A 1 37  ? -9.444  7.921   12.185  1.000 47.841 0 37  GLU A OE2   1 ? 
ATOM   296  N N     . ARG A 1 38  ? -5.598  5.065   14.294  1.000 21.664 0 38  ARG A N     1 ? 
ATOM   297  C CA    . ARG A 1 38  ? -4.805  4.413   15.319  1.000 23.133 0 38  ARG A CA    1 ? 
ATOM   298  C C     . ARG A 1 38  ? -5.432  3.062   15.661  1.000 21.594 0 38  ARG A C     1 ? 
ATOM   299  O O     . ARG A 1 38  ? -6.640  2.963   15.853  1.000 17.842 0 38  ARG A O     1 ? 
ATOM   300  C CB    . ARG A 1 38  ? -4.767  5.279   16.576  1.000 27.211 0 38  ARG A CB    1 ? 
ATOM   301  C CG    . ARG A 1 38  ? -3.818  4.759   17.644  1.000 34.616 0 38  ARG A CG    1 ? 
ATOM   302  C CD    . ARG A 1 38  ? -2.360  4.980   17.271  1.000 41.514 0 38  ARG A CD    1 ? 
ATOM   303  N NE    . ARG A 1 38  ? -1.584  4.995   18.507  1.000 49.268 0 38  ARG A NE    1 ? 
ATOM   304  C CZ    . ARG A 1 38  ? -0.740  4.039   18.870  1.000 53.542 0 38  ARG A CZ    1 ? 
ATOM   305  N NH1   . ARG A 1 38  ? 0.194   3.633   18.032  1.000 54.119 0 38  ARG A NH1   1 ? 
ATOM   306  N NH2   . ARG A 1 38  ? -0.827  3.507   20.075  1.000 58.694 0 38  ARG A NH2   1 ? 
ATOM   307  N N     . ASP A 1 39  ? -4.614  2.009   15.678  1.000 20.037 0 39  ASP A N     1 ? 
ATOM   308  C CA    . ASP A 1 39  ? -5.114  0.687   16.015  1.000 21.647 0 39  ASP A CA    1 ? 
ATOM   309  C C     . ASP A 1 39  ? -3.972  -0.123  16.630  1.000 22.630 0 39  ASP A C     1 ? 
ATOM   310  O O     . ASP A 1 39  ? -3.140  -0.715  15.938  1.000 19.828 0 39  ASP A O     1 ? 
ATOM   311  C CB    . ASP A 1 39  ? -5.787  0.068   14.797  1.000 21.144 0 39  ASP A CB    1 ? 
ATOM   312  C CG    . ASP A 1 39  ? -6.490  -1.248  15.076  1.000 23.095 0 39  ASP A CG    1 ? 
ATOM   313  O OD1   . ASP A 1 39  ? -6.261  -1.820  16.170  1.000 22.496 0 39  ASP A OD1   1 ? 
ATOM   314  O OD2   . ASP A 1 39  ? -7.217  -1.700  14.187  1.000 25.154 0 39  ASP A OD2   1 ? 
ATOM   315  N N     . GLU A 1 40  ? -3.947  -0.161  17.966  1.000 24.381 0 40  GLU A N     1 ? 
ATOM   316  C CA    . GLU A 1 40  ? -2.866  -0.833  18.680  1.000 27.029 0 40  GLU A CA    1 ? 
ATOM   317  C C     . GLU A 1 40  ? -2.937  -2.344  18.494  1.000 24.039 0 40  GLU A C     1 ? 
ATOM   318  O O     . GLU A 1 40  ? -1.885  -3.001  18.441  1.000 26.662 0 40  GLU A O     1 ? 
ATOM   319  C CB    . GLU A 1 40  ? -2.917  -0.514  20.177  1.000 31.394 0 40  GLU A CB    1 ? 
ATOM   320  C CG    . GLU A 1 40  ? -2.668  0.942   20.468  1.000 39.216 0 40  GLU A CG    1 ? 
ATOM   321  C CD    . GLU A 1 40  ? -2.708  1.329   21.942  1.000 51.229 0 40  GLU A CD    1 ? 
ATOM   322  O OE1   . GLU A 1 40  ? -3.548  0.776   22.707  1.000 56.351 0 40  GLU A OE1   1 ? 
ATOM   323  O OE2   . GLU A 1 40  ? -1.916  2.213   22.320  1.000 58.301 0 40  GLU A OE2   1 ? 
ATOM   324  N N     . THR A 1 41  ? -4.169  -2.876  18.426  1.000 24.153 0 41  THR A N     1 ? 
ATOM   325  C CA    . THR A 1 41  ? -4.413  -4.297  18.214  1.000 24.331 0 41  THR A CA    1 ? 
ATOM   326  C C     . THR A 1 41  ? -3.803  -4.766  16.908  1.000 22.790 0 41  THR A C     1 ? 
ATOM   327  O O     . THR A 1 41  ? -3.104  -5.779  16.881  1.000 26.057 0 41  THR A O     1 ? 
ATOM   328  C CB    . THR A 1 41  ? -5.903  -4.641  18.235  1.000 25.674 0 41  THR A CB    1 ? 
ATOM   329  O OG1   . THR A 1 41  ? -6.359  -4.305  19.538  1.000 31.000 0 41  THR A OG1   1 ? 
ATOM   330  C CG2   . THR A 1 41  ? -6.214  -6.094  17.986  1.000 29.029 0 41  THR A CG2   1 ? 
ATOM   331  N N     . LEU A 1 42  ? -4.096  -4.034  15.842  1.000 22.742 0 42  LEU A N     1 ? 
ATOM   332  C CA    . LEU A 1 42  ? -3.490  -4.271  14.538  1.000 21.264 0 42  LEU A CA    1 ? 
ATOM   333  C C     . LEU A 1 42  ? -1.974  -4.250  14.635  1.000 18.264 0 42  LEU A C     1 ? 
ATOM   334  O O     . LEU A 1 42  ? -1.314  -5.103  14.057  1.000 20.528 0 42  LEU A O     1 ? 
ATOM   335  C CB    . LEU A 1 42  ? -3.963  -3.198  13.552  1.000 20.851 0 42  LEU A CB    1 ? 
ATOM   336  C CG    . LEU A 1 42  ? -3.335  -3.261  12.153  1.000 21.207 0 42  LEU A CG    1 ? 
ATOM   337  C CD1   . LEU A 1 42  ? -3.716  -4.548  11.442  1.000 22.963 0 42  LEU A CD1   1 ? 
ATOM   338  C CD2   . LEU A 1 42  ? -3.762  -2.039  11.354  1.000 23.904 0 42  LEU A CD2   1 ? 
ATOM   339  N N     . GLU A 1 43  ? -1.408  -3.194  15.225  1.000 19.886 0 43  GLU A N     1 ? 
ATOM   340  C CA    . GLU A 1 43  ? 0.038   -3.097  15.337  1.000 20.783 0 43  GLU A CA    1 ? 
ATOM   341  C C     . GLU A 1 43  ? 0.591   -4.381  15.977  1.000 18.994 0 43  GLU A C     1 ? 
ATOM   342  O O     . GLU A 1 43  ? 1.560   -4.967  15.500  1.000 19.813 0 43  GLU A O     1 ? 
ATOM   343  C CB    . GLU A 1 43  ? 0.433   -1.862  16.153  1.000 23.881 0 43  GLU A CB    1 ? 
ATOM   344  C CG    . GLU A 1 43  ? 0.145   -0.534  15.487  1.000 27.229 0 43  GLU A CG    1 ? 
ATOM   345  C CD    . GLU A 1 43  ? 0.380   0.654   16.406  1.000 32.532 0 43  GLU A CD    1 ? 
ATOM   346  O OE1   . GLU A 1 43  ? 0.784   0.414   17.568  1.000 33.506 0 43  GLU A OE1   1 ? 
ATOM   347  O OE2   . GLU A 1 43  ? 0.176   1.815   15.966  1.000 28.836 0 43  GLU A OE2   1 ? 
ATOM   348  N N     . ASN A 1 44  ? -0.034  -4.811  17.080  1.000 22.365 0 44  ASN A N     1 ? 
ATOM   349  C CA    . ASN A 1 44  ? 0.406   -5.983  17.846  1.000 23.166 0 44  ASN A CA    1 ? 
ATOM   350  C C     . ASN A 1 44  ? 0.373   -7.235  16.975  1.000 23.624 0 44  ASN A C     1 ? 
ATOM   351  O O     . ASN A 1 44  ? 1.338   -7.995  16.933  1.000 22.953 0 44  ASN A O     1 ? 
ATOM   352  C CB    . ASN A 1 44  ? -0.478  -6.171  19.082  1.000 25.798 0 44  ASN A CB    1 ? 
ATOM   353  C CG    . ASN A 1 44  ? -0.224  -5.113  20.142  1.000 30.891 0 44  ASN A CG    1 ? 
ATOM   354  O OD1   . ASN A 1 44  ? 0.768   -4.382  20.093  1.000 34.008 0 44  ASN A OD1   1 ? 
ATOM   355  N ND2   . ASN A 1 44  ? -1.097  -5.023  21.132  1.000 33.840 0 44  ASN A ND2   1 ? 
ATOM   356  N N     . THR A 1 45  ? -0.711  -7.408  16.212  1.000 19.961 0 45  THR A N     1 ? 
ATOM   357  C CA    . THR A 1 45  ? -0.866  -8.583  15.380  1.000 20.577 0 45  THR A CA    1 ? 
ATOM   358  C C     . THR A 1 45  ? 0.230   -8.590  14.324  1.000 21.299 0 45  THR A C     1 ? 
ATOM   359  O O     . THR A 1 45  ? 0.852   -9.608  14.042  1.000 20.291 0 45  THR A O     1 ? 
ATOM   360  C CB    . THR A 1 45  ? -2.252  -8.598  14.710  1.000 23.284 0 45  THR A CB    1 ? 
ATOM   361  O OG1   . THR A 1 45  ? -3.244  -8.592  15.735  1.000 23.660 0 45  THR A OG1   1 ? 
ATOM   362  C CG2   . THR A 1 45  ? -2.481  -9.761  13.773  1.000 25.678 0 45  THR A CG2   1 ? 
ATOM   363  N N     . ILE A 1 46  ? 0.452   -7.440  13.688  1.000 18.470 0 46  ILE A N     1 ? 
ATOM   364  C CA    . ILE A 1 46  ? 1.431   -7.434  12.617  1.000 18.338 0 46  ILE A CA    1 ? 
ATOM   365  C C     . ILE A 1 46  ? 2.847   -7.544  13.187  1.000 17.712 0 46  ILE A C     1 ? 
ATOM   366  O O     . ILE A 1 46  ? 3.724   -8.111  12.553  1.000 18.300 0 46  ILE A O     1 ? 
ATOM   367  C CB    . ILE A 1 46  ? 1.261   -6.176  11.750  1.000 16.915 0 46  ILE A CB    1 ? 
ATOM   368  C CG1   . ILE A 1 46  ? -0.112  -6.161  11.065  1.000 17.400 0 46  ILE A CG1   1 ? 
ATOM   369  C CG2   . ILE A 1 46  ? 2.400   -6.071  10.761  1.000 17.998 0 46  ILE A CG2   1 ? 
ATOM   370  C CD1   . ILE A 1 46  ? -0.365  -7.316  10.071  1.000 18.303 0 46  ILE A CD1   1 ? 
ATOM   371  N N     . ARG A 1 47  ? 3.118   -6.910  14.324  1.000 18.742 0 47  ARG A N     1 ? 
ATOM   372  C CA    . ARG A 1 47  ? 4.444   -7.045  14.908  1.000 19.151 0 47  ARG A CA    1 ? 
ATOM   373  C C     . ARG A 1 47  ? 4.716   -8.502  15.302  1.000 19.508 0 47  ARG A C     1 ? 
ATOM   374  O O     . ARG A 1 47  ? 5.841   -8.971  15.183  1.000 17.840 0 47  ARG A O     1 ? 
ATOM   375  C CB    . ARG A 1 47  ? 4.566   -6.113  16.100  1.000 20.170 0 47  ARG A CB    1 ? 
ATOM   376  C CG    . ARG A 1 47  ? 4.792   -4.690  15.639  1.000 23.651 0 47  ARG A CG    1 ? 
ATOM   377  C CD    . ARG A 1 47  ? 4.792   -3.674  16.749  1.000 25.091 0 47  ARG A CD    1 ? 
ATOM   378  N NE    . ARG A 1 47  ? 4.956   -2.420  16.021  1.000 28.303 0 47  ARG A NE    1 ? 
ATOM   379  C CZ    . ARG A 1 47  ? 4.393   -1.284  16.372  1.000 27.195 0 47  ARG A CZ    1 ? 
ATOM   380  N NH1   . ARG A 1 47  ? 3.718   -1.219  17.505  1.000 22.731 0 47  ARG A NH1   1 ? 
ATOM   381  N NH2   . ARG A 1 47  ? 4.598   -0.207  15.634  1.000 29.175 0 47  ARG A NH2   1 ? 
ATOM   382  N N     . GLY A 1 48  ? 3.673   -9.206  15.763  1.000 21.278 0 48  GLY A N     1 ? 
ATOM   383  C CA    . GLY A 1 48  ? 3.731   -10.649 15.981  1.000 21.069 0 48  GLY A CA    1 ? 
ATOM   384  C C     . GLY A 1 48  ? 4.235   -11.426 14.764  1.000 22.013 0 48  GLY A C     1 ? 
ATOM   385  O O     . GLY A 1 48  ? 5.103   -12.288 14.867  1.000 20.686 0 48  GLY A O     1 ? 
ATOM   386  N N     . VAL A 1 49  ? 3.706   -11.109 13.577  1.000 23.556 0 49  VAL A N     1 ? 
ATOM   387  C CA    . VAL A 1 49  ? 4.131   -11.770 12.353  1.000 22.932 0 49  VAL A CA    1 ? 
ATOM   388  C C     . VAL A 1 49  ? 5.571   -11.392 11.999  1.000 21.565 0 49  VAL A C     1 ? 
ATOM   389  O O     . VAL A 1 49  ? 6.354   -12.192 11.471  1.000 20.778 0 49  VAL A O     1 ? 
ATOM   390  C CB    . VAL A 1 49  ? 3.142   -11.469 11.193  1.000 22.986 0 49  VAL A CB    1 ? 
ATOM   391  C CG1   . VAL A 1 49  ? 3.731   -11.778 9.812   1.000 22.792 0 49  VAL A CG1   1 ? 
ATOM   392  C CG2   . VAL A 1 49  ? 1.860   -12.234 11.396  1.000 24.395 0 49  VAL A CG2   1 ? 
ATOM   393  N N     . ILE A 1 50  ? 5.929   -10.121 12.171  1.000 23.170 0 50  ILE A N     1 ? 
ATOM   394  C CA    . ILE A 1 50  ? 7.261   -9.688  11.805  1.000 22.175 0 50  ILE A CA    1 ? 
ATOM   395  C C     . ILE A 1 50  ? 8.292   -10.446 12.655  1.000 23.668 0 50  ILE A C     1 ? 
ATOM   396  O O     . ILE A 1 50  ? 9.327   -10.878 12.164  1.000 24.539 0 50  ILE A O     1 ? 
ATOM   397  C CB    . ILE A 1 50  ? 7.364   -8.171  12.030  1.000 25.906 0 50  ILE A CB    1 ? 
ATOM   398  C CG1   . ILE A 1 50  ? 6.479   -7.389  11.055  1.000 25.401 0 50  ILE A CG1   1 ? 
ATOM   399  C CG2   . ILE A 1 50  ? 8.823   -7.723  12.005  1.000 28.538 0 50  ILE A CG2   1 ? 
ATOM   400  C CD1   . ILE A 1 50  ? 6.271   -5.947  11.463  1.000 23.722 0 50  ILE A CD1   1 ? 
ATOM   401  N N     . SER A 1 51  ? 8.001   -10.554 13.944  1.000 25.768 0 51  SER A N     1 ? 
ATOM   402  C CA    . SER A 1 51  ? 8.805   -11.290 14.922  1.000 29.493 0 51  SER A CA    1 ? 
ATOM   403  C C     . SER A 1 51  ? 8.997   -12.734 14.449  1.000 33.111 0 51  SER A C     1 ? 
ATOM   404  O O     . SER A 1 51  ? 10.129  -13.194 14.304  1.000 32.206 0 51  SER A O     1 ? 
ATOM   405  C CB    . SER A 1 51  ? 8.126   -11.223 16.285  1.000 29.739 0 51  SER A CB    1 ? 
ATOM   406  O OG    . SER A 1 51  ? 8.964   -11.706 17.331  1.000 41.070 0 51  SER A OG    1 ? 
ATOM   407  N N     . ASN A 1 52  ? 7.874   -13.414 14.155  1.000 30.802 0 52  ASN A N     1 ? 
ATOM   408  C CA    . ASN A 1 52  ? 7.863   -14.855 13.927  1.000 30.567 0 52  ASN A CA    1 ? 
ATOM   409  C C     . ASN A 1 52  ? 8.386   -15.180 12.537  1.000 32.116 0 52  ASN A C     1 ? 
ATOM   410  O O     . ASN A 1 52  ? 9.089   -16.178 12.389  1.000 30.642 0 52  ASN A O     1 ? 
ATOM   411  C CB    . ASN A 1 52  ? 6.486   -15.447 14.245  1.000 30.437 0 52  ASN A CB    1 ? 
ATOM   412  C CG    . ASN A 1 52  ? 6.302   -15.567 15.739  1.000 36.866 0 52  ASN A CG    1 ? 
ATOM   413  O OD1   . ASN A 1 52  ? 5.284   -15.153 16.284  1.000 45.176 0 52  ASN A OD1   1 ? 
ATOM   414  N ND2   . ASN A 1 52  ? 7.316   -16.077 16.422  1.000 32.814 0 52  ASN A ND2   1 ? 
ATOM   415  N N     . PHE A 1 53  ? 8.091   -14.339 11.526  1.000 26.447 0 53  PHE A N     1 ? 
ATOM   416  C CA    . PHE A 1 53  ? 8.490   -14.666 10.166  1.000 24.667 0 53  PHE A CA    1 ? 
ATOM   417  C C     . PHE A 1 53  ? 9.692   -13.863 9.701   1.000 25.655 0 53  PHE A C     1 ? 
ATOM   418  O O     . PHE A 1 53  ? 10.229  -14.202 8.666   1.000 27.519 0 53  PHE A O     1 ? 
ATOM   419  C CB    . PHE A 1 53  ? 7.306   -14.553 9.200   1.000 23.511 0 53  PHE A CB    1 ? 
ATOM   420  C CG    . PHE A 1 53  ? 6.284   -15.626 9.438   1.000 24.741 0 53  PHE A CG    1 ? 
ATOM   421  C CD1   . PHE A 1 53  ? 5.335   -15.496 10.441  1.000 22.998 0 53  PHE A CD1   1 ? 
ATOM   422  C CD2   . PHE A 1 53  ? 6.316   -16.814 8.717   1.000 23.343 0 53  PHE A CD2   1 ? 
ATOM   423  C CE1   . PHE A 1 53  ? 4.411   -16.498 10.678  1.000 24.167 0 53  PHE A CE1   1 ? 
ATOM   424  C CE2   . PHE A 1 53  ? 5.396   -17.810 8.980   1.000 23.525 0 53  PHE A CE2   1 ? 
ATOM   425  C CZ    . PHE A 1 53  ? 4.481   -17.679 9.985   1.000 21.082 0 53  PHE A CZ    1 ? 
ATOM   426  N N     . GLY A 1 54  ? 10.133  -12.836 10.449  1.000 25.232 0 54  GLY A N     1 ? 
ATOM   427  C CA    . GLY A 1 54  ? 11.412  -12.212 10.168  1.000 27.083 0 54  GLY A CA    1 ? 
ATOM   428  C C     . GLY A 1 54  ? 11.319  -10.972 9.282   1.000 29.299 0 54  GLY A C     1 ? 
ATOM   429  O O     . GLY A 1 54  ? 10.240  -10.591 8.833   1.000 26.295 0 54  GLY A O     1 ? 
ATOM   430  N N     . GLY A 1 55  ? 12.483  -10.352 9.057   1.000 30.018 0 55  GLY A N     1 ? 
ATOM   431  C CA    . GLY A 1 55  ? 12.632  -9.167  8.220   1.000 28.130 0 55  GLY A CA    1 ? 
ATOM   432  C C     . GLY A 1 55  ? 12.383  -7.887  9.008   1.000 26.359 0 55  GLY A C     1 ? 
ATOM   433  O O     . GLY A 1 55  ? 12.116  -7.915  10.215  1.000 26.738 0 55  GLY A O     1 ? 
ATOM   434  N N     . SER A 1 56  ? 12.413  -6.750  8.309   1.000 30.019 0 56  SER A N     1 ? 
ATOM   435  C CA    . SER A 1 56  ? 12.415  -5.467  8.999   1.000 30.712 0 56  SER A CA    1 ? 
ATOM   436  C C     . SER A 1 56  ? 11.218  -4.570  8.617   1.000 29.653 0 56  SER A C     1 ? 
ATOM   437  O O     . SER A 1 56  ? 11.240  -3.354  8.793   1.000 29.719 0 56  SER A O     1 ? 
ATOM   438  C CB    . SER A 1 56  ? 13.748  -4.780  8.745   1.000 34.853 0 56  SER A CB    1 ? 
ATOM   439  O OG    . SER A 1 56  ? 14.019  -4.723  7.348   1.000 40.657 0 56  SER A OG    1 ? 
ATOM   440  N N     . PHE A 1 57  ? 10.108  -5.161  8.198   1.000 26.608 0 57  PHE A N     1 ? 
ATOM   441  C CA    . PHE A 1 57  ? 8.928   -4.395  7.842   1.000 23.564 0 57  PHE A CA    1 ? 
ATOM   442  C C     . PHE A 1 57  ? 8.420   -3.606  9.039   1.000 24.019 0 57  PHE A C     1 ? 
ATOM   443  O O     . PHE A 1 57  ? 8.521   -4.013  10.204  1.000 22.789 0 57  PHE A O     1 ? 
ATOM   444  C CB    . PHE A 1 57  ? 7.878   -5.380  7.341   1.000 22.573 0 57  PHE A CB    1 ? 
ATOM   445  C CG    . PHE A 1 57  ? 6.578   -4.813  6.859   1.000 19.367 0 57  PHE A CG    1 ? 
ATOM   446  C CD1   . PHE A 1 57  ? 6.475   -4.251  5.599   1.000 19.540 0 57  PHE A CD1   1 ? 
ATOM   447  C CD2   . PHE A 1 57  ? 5.445   -4.881  7.661   1.000 17.535 0 57  PHE A CD2   1 ? 
ATOM   448  C CE1   . PHE A 1 57  ? 5.251   -3.794  5.137   1.000 18.046 0 57  PHE A CE1   1 ? 
ATOM   449  C CE2   . PHE A 1 57  ? 4.232   -4.410  7.203   1.000 18.638 0 57  PHE A CE2   1 ? 
ATOM   450  C CZ    . PHE A 1 57  ? 4.148   -3.851  5.944   1.000 18.899 0 57  PHE A CZ    1 ? 
ATOM   451  N N     . SER A 1 58  ? 7.842   -2.440  8.780   1.000 24.090 0 58  SER A N     1 ? 
ATOM   452  C CA    . SER A 1 58  ? 7.327   -1.717  9.923   1.000 23.165 0 58  SER A CA    1 ? 
ATOM   453  C C     . SER A 1 58  ? 5.876   -1.304  9.712   1.000 22.388 0 58  SER A C     1 ? 
ATOM   454  O O     . SER A 1 58  ? 5.432   -1.128  8.568   1.000 17.622 0 58  SER A O     1 ? 
ATOM   455  C CB    . SER A 1 58  ? 8.236   -0.583  10.257  1.000 27.798 0 58  SER A CB    1 ? 
ATOM   456  O OG    . SER A 1 58  ? 8.124   0.431   9.306   1.000 31.161 0 58  SER A OG    1 ? 
ATOM   457  N N     . ILE A 1 59  ? 5.145   -1.163  10.830  1.000 20.889 0 59  ILE A N     1 ? 
ATOM   458  C CA    . ILE A 1 59  ? 3.778   -0.676  10.766  1.000 20.196 0 59  ILE A CA    1 ? 
ATOM   459  C C     . ILE A 1 59  ? 3.607   0.518   11.701  1.000 23.448 0 59  ILE A C     1 ? 
ATOM   460  O O     . ILE A 1 59  ? 4.032   0.475   12.847  1.000 22.022 0 59  ILE A O     1 ? 
ATOM   461  C CB    . ILE A 1 59  ? 2.755   -1.780  11.081  1.000 20.930 0 59  ILE A CB    1 ? 
ATOM   462  C CG1   . ILE A 1 59  ? 1.322   -1.217  11.123  1.000 19.101 0 59  ILE A CG1   1 ? 
ATOM   463  C CG2   . ILE A 1 59  ? 3.102   -2.548  12.360  1.000 20.836 0 59  ILE A CG2   1 ? 
ATOM   464  C CD1   . ILE A 1 59  ? 0.227   -2.277  11.022  1.000 18.753 0 59  ILE A CD1   1 ? 
ATOM   465  N N     . LYS A 1 60  ? 3.023   1.600   11.181  1.000 19.902 0 60  LYS A N     1 ? 
ATOM   466  C CA    . LYS A 1 60  ? 2.597   2.724   11.996  1.000 22.190 0 60  LYS A CA    1 ? 
ATOM   467  C C     . LYS A 1 60  ? 1.106   2.928   11.785  1.000 20.061 0 60  LYS A C     1 ? 
ATOM   468  O O     . LYS A 1 60  ? 0.621   2.705   10.675  1.000 18.033 0 60  LYS A O     1 ? 
ATOM   469  C CB    . LYS A 1 60  ? 3.405   3.973   11.630  1.000 26.108 0 60  LYS A CB    1 ? 
ATOM   470  C CG    . LYS A 1 60  ? 4.891   3.842   11.925  1.000 27.984 0 60  LYS A CG    1 ? 
ATOM   471  C CD    . LYS A 1 60  ? 5.680   5.101   11.719  1.000 37.521 0 60  LYS A CD    1 ? 
ATOM   472  C CE    . LYS A 1 60  ? 6.160   5.333   10.306  1.000 42.389 0 60  LYS A CE    1 ? 
ATOM   473  N NZ    . LYS A 1 60  ? 6.413   6.779   10.054  1.000 49.052 0 60  LYS A NZ    1 ? 
ATOM   474  N N     . THR A 1 61  ? 0.376   3.241   12.874  1.000 19.570 0 61  THR A N     1 ? 
ATOM   475  C CA    . THR A 1 61  ? -1.024  3.606   12.749  1.000 20.498 0 61  THR A CA    1 ? 
ATOM   476  C C     . THR A 1 61  ? -1.217  4.963   13.407  1.000 21.036 0 61  THR A C     1 ? 
ATOM   477  O O     . THR A 1 61  ? -0.383  5.402   14.188  1.000 20.919 0 61  THR A O     1 ? 
ATOM   478  C CB    . THR A 1 61  ? -1.968  2.528   13.302  1.000 21.706 0 61  THR A CB    1 ? 
ATOM   479  O OG1   . THR A 1 61  ? -1.991  2.575   14.736  1.000 20.129 0 61  THR A OG1   1 ? 
ATOM   480  C CG2   . THR A 1 61  ? -1.591  1.140   12.824  1.000 21.202 0 61  THR A CG2   1 ? 
ATOM   481  N N     . GLY A 1 62  ? -2.303  5.625   13.024  1.000 19.123 0 62  GLY A N     1 ? 
ATOM   482  C CA    . GLY A 1 62  ? -2.695  6.920   13.558  1.000 22.947 0 62  GLY A CA    1 ? 
ATOM   483  C C     . GLY A 1 62  ? -2.093  8.060   12.748  1.000 23.180 0 62  GLY A C     1 ? 
ATOM   484  O O     . GLY A 1 62  ? -1.666  9.060   13.292  1.000 28.351 0 62  GLY A O     1 ? 
HETATM 485  N N     . CME A 1 63  ? -1.925  7.856   11.451  1.000 24.354 0 63  CME A N     1 ? 
HETATM 486  C CA    . CME A 1 63  ? -1.167  8.768   10.616  1.000 23.524 0 63  CME A CA    1 ? 
HETATM 487  C CB    . CME A 1 63  ? -0.451  7.988   9.516   1.000 26.459 0 63  CME A CB    1 ? 
HETATM 488  S SG    . CME A 1 63  ? 0.621   6.686   10.191  1.000 30.501 0 63  CME A SG    1 ? 
HETATM 489  S SD    . CME A 1 63  ? 2.454   7.871   10.815  1.000 46.141 0 63  CME A SD    1 ? 
HETATM 490  C CE    . CME A 1 63  ? 1.998   8.547   12.427  1.000 44.720 0 63  CME A CE    1 ? 
HETATM 491  C CZ    . CME A 1 63  ? 2.194   7.558   13.513  1.000 46.542 0 63  CME A CZ    1 ? 
HETATM 492  O OH    . CME A 1 63  ? 3.482   7.008   13.421  1.000 54.525 0 63  CME A OH    1 ? 
HETATM 493  C C     . CME A 1 63  ? -2.118  9.800   10.008  1.000 23.082 0 63  CME A C     1 ? 
HETATM 494  O O     . CME A 1 63  ? -3.294  9.512   9.769   1.000 23.538 0 63  CME A O     1 ? 
ATOM   495  N N     . ASN A 1 64  ? -1.591  11.004  9.752   1.000 24.048 0 64  ASN A N     1 ? 
ATOM   496  C CA    . ASN A 1 64  ? -2.305  12.009  8.974   1.000 22.184 0 64  ASN A CA    1 ? 
ATOM   497  C C     . ASN A 1 64  ? -2.093  11.740  7.484   1.000 19.059 0 64  ASN A C     1 ? 
ATOM   498  O O     . ASN A 1 64  ? -1.071  12.130  6.909   1.000 15.431 0 64  ASN A O     1 ? 
ATOM   499  C CB    . ASN A 1 64  ? -1.798  13.394  9.352   1.000 27.677 0 64  ASN A CB    1 ? 
ATOM   500  C CG    . ASN A 1 64  ? -2.494  14.497  8.600   1.000 30.150 0 64  ASN A CG    1 ? 
ATOM   501  O OD1   . ASN A 1 64  ? -2.950  14.316  7.464   1.000 28.687 0 64  ASN A OD1   1 ? 
ATOM   502  N ND2   . ASN A 1 64  ? -2.541  15.648  9.245   1.000 31.654 0 64  ASN A ND2   1 ? 
ATOM   503  N N     . TRP A 1 65  ? -3.046  11.015  6.860   1.000 20.199 0 65  TRP A N     1 ? 
ATOM   504  C CA    . TRP A 1 65  ? -2.764  10.428  5.564   1.000 18.758 0 65  TRP A CA    1 ? 
ATOM   505  C C     . TRP A 1 65  ? -2.579  11.508  4.500   1.000 18.714 0 65  TRP A C     1 ? 
ATOM   506  O O     . TRP A 1 65  ? -1.738  11.370  3.613   1.000 18.085 0 65  TRP A O     1 ? 
ATOM   507  C CB    . TRP A 1 65  ? -3.846  9.417   5.164   1.000 19.708 0 65  TRP A CB    1 ? 
ATOM   508  C CG    . TRP A 1 65  ? -5.123  9.975   4.610   1.000 18.166 0 65  TRP A CG    1 ? 
ATOM   509  C CD1   . TRP A 1 65  ? -6.300  10.105  5.284   1.000 20.500 0 65  TRP A CD1   1 ? 
ATOM   510  C CD2   . TRP A 1 65  ? -5.396  10.365  3.250   1.000 18.587 0 65  TRP A CD2   1 ? 
ATOM   511  N NE1   . TRP A 1 65  ? -7.262  10.620  4.455   1.000 23.111 0 65  TRP A NE1   1 ? 
ATOM   512  C CE2   . TRP A 1 65  ? -6.745  10.768  3.194   1.000 20.938 0 65  TRP A CE2   1 ? 
ATOM   513  C CE3   . TRP A 1 65  ? -4.644  10.410  2.078   1.000 18.300 0 65  TRP A CE3   1 ? 
ATOM   514  C CZ2   . TRP A 1 65  ? -7.360  11.207  2.019   1.000 20.779 0 65  TRP A CZ2   1 ? 
ATOM   515  C CZ3   . TRP A 1 65  ? -5.246  10.853  0.925   1.000 19.610 0 65  TRP A CZ3   1 ? 
ATOM   516  C CH2   . TRP A 1 65  ? -6.591  11.223  0.894   1.000 19.109 0 65  TRP A CH2   1 ? 
ATOM   517  N N     . ILE A 1 66  ? -3.363  12.593  4.571   1.000 19.507 0 66  ILE A N     1 ? 
ATOM   518  C CA    . ILE A 1 66  ? -3.208  13.639  3.562   1.000 20.178 0 66  ILE A CA    1 ? 
ATOM   519  C C     . ILE A 1 66  ? -1.794  14.212  3.599   1.000 18.663 0 66  ILE A C     1 ? 
ATOM   520  O O     . ILE A 1 66  ? -1.156  14.336  2.554   1.000 19.539 0 66  ILE A O     1 ? 
ATOM   521  C CB    . ILE A 1 66  ? -4.311  14.702  3.705   1.000 23.117 0 66  ILE A CB    1 ? 
ATOM   522  C CG1   . ILE A 1 66  ? -5.690  14.113  3.394   1.000 24.365 0 66  ILE A CG1   1 ? 
ATOM   523  C CG2   . ILE A 1 66  ? -3.984  15.896  2.822   1.000 26.221 0 66  ILE A CG2   1 ? 
ATOM   524  C CD1   . ILE A 1 66  ? -6.844  15.021  3.749   1.000 26.533 0 66  ILE A CD1   1 ? 
ATOM   525  N N     . GLN A 1 67  ? -1.266  14.495  4.800   1.000 21.498 0 67  GLN A N     1 ? 
ATOM   526  C CA    . GLN A 1 67  ? 0.042   15.101  4.968   1.000 21.420 0 67  GLN A CA    1 ? 
ATOM   527  C C     . GLN A 1 67  ? 1.150   14.108  4.624   1.000 22.546 0 67  GLN A C     1 ? 
ATOM   528  O O     . GLN A 1 67  ? 2.123   14.473  3.947   1.000 17.834 0 67  GLN A O     1 ? 
ATOM   529  C CB    . GLN A 1 67  ? 0.271   15.620  6.395   1.000 25.241 0 67  GLN A CB    1 ? 
ATOM   530  C CG    . GLN A 1 67  ? -0.589  16.812  6.792   1.000 26.942 0 67  GLN A CG    1 ? 
ATOM   531  C CD    . GLN A 1 67  ? -0.423  18.001  5.880   1.000 31.415 0 67  GLN A CD    1 ? 
ATOM   532  O OE1   . GLN A 1 67  ? -1.390  18.544  5.352   1.000 40.830 0 67  GLN A OE1   1 ? 
ATOM   533  N NE2   . GLN A 1 67  ? 0.816   18.371  5.632   1.000 31.790 0 67  GLN A NE2   1 ? 
ATOM   534  N N     . GLU A 1 68  ? 0.969   12.835  4.987   1.000 17.993 0 68  GLU A N     1 ? 
ATOM   535  C CA    . GLU A 1 68  ? 1.934   11.821  4.595   1.000 20.707 0 68  GLU A CA    1 ? 
ATOM   536  C C     . GLU A 1 68  ? 2.068   11.715  3.082   1.000 18.928 0 68  GLU A C     1 ? 
ATOM   537  O O     . GLU A 1 68  ? 3.187   11.580  2.528   1.000 20.302 0 68  GLU A O     1 ? 
ATOM   538  C CB    . GLU A 1 68  ? 1.555   10.465  5.209   1.000 21.219 0 68  GLU A CB    1 ? 
ATOM   539  C CG    . GLU A 1 68  ? 1.620   10.472  6.729   1.000 22.326 0 68  GLU A CG    1 ? 
ATOM   540  C CD    . GLU A 1 68  ? 3.011   10.413  7.335   1.000 23.071 0 68  GLU A CD    1 ? 
ATOM   541  O OE1   . GLU A 1 68  ? 3.974   10.285  6.575   1.000 22.149 0 68  GLU A OE1   1 ? 
ATOM   542  O OE2   . GLU A 1 68  ? 3.127   10.545  8.570   1.000 26.219 0 68  GLU A OE2   1 ? 
ATOM   543  N N     . PHE A 1 69  ? 0.902   11.669  2.409   1.000 21.025 0 69  PHE A N     1 ? 
ATOM   544  C CA    . PHE A 1 69  ? 0.854   11.468  0.970   1.000 18.001 0 69  PHE A CA    1 ? 
ATOM   545  C C     . PHE A 1 69  ? 1.380   12.720  0.259   1.000 21.336 0 69  PHE A C     1 ? 
ATOM   546  O O     . PHE A 1 69  ? 2.228   12.637  -0.609  1.000 21.166 0 69  PHE A O     1 ? 
ATOM   547  C CB    . PHE A 1 69  ? -0.583  11.160  0.528   1.000 17.345 0 69  PHE A CB    1 ? 
ATOM   548  C CG    . PHE A 1 69  ? -0.729  10.454  -0.798  1.000 16.639 0 69  PHE A CG    1 ? 
ATOM   549  C CD1   . PHE A 1 69  ? 0.042   9.339   -1.100  1.000 16.450 0 69  PHE A CD1   1 ? 
ATOM   550  C CD2   . PHE A 1 69  ? -1.697  10.856  -1.715  1.000 17.985 0 69  PHE A CD2   1 ? 
ATOM   551  C CE1   . PHE A 1 69  ? -0.138  8.667   -2.306  1.000 17.293 0 69  PHE A CE1   1 ? 
ATOM   552  C CE2   . PHE A 1 69  ? -1.890  10.177  -2.917  1.000 17.571 0 69  PHE A CE2   1 ? 
ATOM   553  C CZ    . PHE A 1 69  ? -1.110  9.068   -3.201  1.000 17.063 0 69  PHE A CZ    1 ? 
ATOM   554  N N     . LYS A 1 70  ? 0.883   13.882  0.648   1.000 20.327 0 70  LYS A N     1 ? 
ATOM   555  C CA    . LYS A 1 70  ? 1.341   15.145  0.079   1.000 24.776 0 70  LYS A CA    1 ? 
ATOM   556  C C     . LYS A 1 70  ? 2.858   15.331  0.205   1.000 24.317 0 70  LYS A C     1 ? 
ATOM   557  O O     . LYS A 1 70  ? 3.511   15.809  -0.720  1.000 22.531 0 70  LYS A O     1 ? 
ATOM   558  C CB    . LYS A 1 70  ? 0.624   16.302  0.775   1.000 26.157 0 70  LYS A CB    1 ? 
ATOM   559  C CG    . LYS A 1 70  ? 0.455   17.530  -0.106  1.000 36.158 0 70  LYS A CG    1 ? 
ATOM   560  C CD    . LYS A 1 70  ? -0.487  18.567  0.463   1.000 40.813 0 70  LYS A CD    1 ? 
ATOM   561  C CE    . LYS A 1 70  ? 0.247   19.824  0.868   1.000 47.137 0 70  LYS A CE    1 ? 
ATOM   562  N NZ    . LYS A 1 70  ? -0.710  20.924  1.114   1.000 55.666 0 70  LYS A NZ    1 ? 
ATOM   563  N N     . HIS A 1 71  ? 3.458   14.958  1.341   1.000 26.455 0 71  HIS A N     1 ? 
ATOM   564  C CA    . HIS A 1 71  ? 4.851   15.327  1.586   1.000 28.206 0 71  HIS A CA    1 ? 
ATOM   565  C C     . HIS A 1 71  ? 5.813   14.167  1.412   1.000 27.371 0 71  HIS A C     1 ? 
ATOM   566  O O     . HIS A 1 71  ? 6.996   14.316  1.686   1.000 25.828 0 71  HIS A O     1 ? 
ATOM   567  C CB    . HIS A 1 71  ? 4.993   15.919  2.990   1.000 29.039 0 71  HIS A CB    1 ? 
ATOM   568  C CG    . HIS A 1 71  ? 4.161   17.144  3.121   1.000 28.934 0 71  HIS A CG    1 ? 
ATOM   569  N ND1   . HIS A 1 71  ? 4.250   18.186  2.235   1.000 29.394 0 71  HIS A ND1   1 ? 
ATOM   570  C CD2   . HIS A 1 71  ? 3.199   17.441  4.029   1.000 30.523 0 71  HIS A CD2   1 ? 
ATOM   571  C CE1   . HIS A 1 71  ? 3.346   19.100  2.572   1.000 30.500 0 71  HIS A CE1   1 ? 
ATOM   572  N NE2   . HIS A 1 71  ? 2.684   18.657  3.681   1.000 28.460 0 71  HIS A NE2   1 ? 
ATOM   573  N N     . PHE A 1 72  ? 5.318   13.024  0.944   1.000 23.053 0 72  PHE A N     1 ? 
ATOM   574  C CA    . PHE A 1 72  ? 6.178   11.884  0.751   1.000 22.417 0 72  PHE A CA    1 ? 
ATOM   575  C C     . PHE A 1 72  ? 7.250   12.248  -0.275  1.000 24.415 0 72  PHE A C     1 ? 
ATOM   576  O O     . PHE A 1 72  ? 6.924   12.784  -1.328  1.000 26.667 0 72  PHE A O     1 ? 
ATOM   577  C CB    . PHE A 1 72  ? 5.370   10.687  0.252   1.000 21.073 0 72  PHE A CB    1 ? 
ATOM   578  C CG    . PHE A 1 72  ? 6.201   9.483   -0.068  1.000 21.577 0 72  PHE A CG    1 ? 
ATOM   579  C CD1   . PHE A 1 72  ? 6.708   8.683   0.935   1.000 23.133 0 72  PHE A CD1   1 ? 
ATOM   580  C CD2   . PHE A 1 72  ? 6.515   9.174   -1.376  1.000 20.905 0 72  PHE A CD2   1 ? 
ATOM   581  C CE1   . PHE A 1 72  ? 7.502   7.583   0.622   1.000 23.602 0 72  PHE A CE1   1 ? 
ATOM   582  C CE2   . PHE A 1 72  ? 7.286   8.063   -1.682  1.000 21.331 0 72  PHE A CE2   1 ? 
ATOM   583  C CZ    . PHE A 1 72  ? 7.782   7.274   -0.684  1.000 21.836 0 72  PHE A CZ    1 ? 
ATOM   584  N N     . GLN A 1 73  ? 8.499   11.857  0.013   1.000 27.056 0 73  GLN A N     1 ? 
ATOM   585  C CA    . GLN A 1 73  ? 9.653   12.123  -0.844  1.000 29.582 0 73  GLN A CA    1 ? 
ATOM   586  C C     . GLN A 1 73  ? 9.866   11.014  -1.882  1.000 27.122 0 73  GLN A C     1 ? 
ATOM   587  O O     . GLN A 1 73  ? 10.714  10.128  -1.744  1.000 29.008 0 73  GLN A O     1 ? 
ATOM   588  C CB    . GLN A 1 73  ? 10.891  12.334  0.030   1.000 30.249 0 73  GLN A CB    1 ? 
ATOM   589  C CG    . GLN A 1 73  ? 10.781  13.545  0.950   1.000 32.515 0 73  GLN A CG    1 ? 
ATOM   590  C CD    . GLN A 1 73  ? 10.530  14.838  0.221   1.000 33.723 0 73  GLN A CD    1 ? 
ATOM   591  O OE1   . GLN A 1 73  ? 9.462   15.433  0.311   1.000 41.962 0 73  GLN A OE1   1 ? 
ATOM   592  N NE2   . GLN A 1 73  ? 11.524  15.312  -0.503  1.000 37.496 0 73  GLN A NE2   1 ? 
ATOM   593  N N     . GLY A 1 74  ? 9.120   11.111  -2.976  1.000 22.018 0 74  GLY A N     1 ? 
ATOM   594  C CA    . GLY A 1 74  ? 9.087   10.095  -4.002  1.000 21.618 0 74  GLY A CA    1 ? 
ATOM   595  C C     . GLY A 1 74  ? 7.764   10.158  -4.764  1.000 20.706 0 74  GLY A C     1 ? 
ATOM   596  O O     . GLY A 1 74  ? 7.054   11.153  -4.659  1.000 23.064 0 74  GLY A O     1 ? 
ATOM   597  N N     . ILE A 1 75  ? 7.468   9.099   -5.526  1.000 19.721 0 75  ILE A N     1 ? 
ATOM   598  C CA    . ILE A 1 75  ? 6.284   9.004   -6.369  1.000 20.973 0 75  ILE A CA    1 ? 
ATOM   599  C C     . ILE A 1 75  ? 5.086   8.601   -5.497  1.000 22.213 0 75  ILE A C     1 ? 
ATOM   600  O O     . ILE A 1 75  ? 5.168   7.618   -4.751  1.000 21.095 0 75  ILE A O     1 ? 
ATOM   601  C CB    . ILE A 1 75  ? 6.529   7.971   -7.487  1.000 22.913 0 75  ILE A CB    1 ? 
ATOM   602  C CG1   . ILE A 1 75  ? 7.694   8.385   -8.403  1.000 26.278 0 75  ILE A CG1   1 ? 
ATOM   603  C CG2   . ILE A 1 75  ? 5.244   7.670   -8.260  1.000 23.747 0 75  ILE A CG2   1 ? 
ATOM   604  C CD1   . ILE A 1 75  ? 8.191   7.267   -9.311  1.000 26.711 0 75  ILE A CD1   1 ? 
ATOM   605  N N     . ARG A 1 76  ? 3.970   9.328   -5.666  1.000 21.451 0 76  ARG A N     1 ? 
ATOM   606  C CA    . ARG A 1 76  ? 2.724   9.038   -4.978  1.000 20.985 0 76  ARG A CA    1 ? 
ATOM   607  C C     . ARG A 1 76  ? 1.804   8.304   -5.956  1.000 19.915 0 76  ARG A C     1 ? 
ATOM   608  O O     . ARG A 1 76  ? 1.427   8.851   -7.012  1.000 16.031 0 76  ARG A O     1 ? 
ATOM   609  C CB    . ARG A 1 76  ? 2.172   10.349  -4.407  1.000 23.005 0 76  ARG A CB    1 ? 
ATOM   610  C CG    . ARG A 1 76  ? 3.156   11.055  -3.473  1.000 28.376 0 76  ARG A CG    1 ? 
ATOM   611  C CD    . ARG A 1 76  ? 2.676   12.339  -2.835  1.000 36.946 0 76  ARG A CD    1 ? 
ATOM   612  N NE    . ARG A 1 76  ? 2.802   13.619  -3.540  1.000 38.072 0 76  ARG A NE    1 ? 
ATOM   613  C CZ    . ARG A 1 76  ? 3.382   13.760  -4.708  1.000 33.662 0 76  ARG A CZ    1 ? 
ATOM   614  N NH1   . ARG A 1 76  ? 4.114   12.771  -5.157  1.000 40.823 0 76  ARG A NH1   1 ? 
ATOM   615  N NH2   . ARG A 1 76  ? 3.223   14.864  -5.418  1.000 31.817 0 76  ARG A NH2   1 ? 
ATOM   616  N N     . VAL A 1 77  ? 1.540   7.025   -5.636  1.000 15.615 0 77  VAL A N     1 ? 
ATOM   617  C CA    . VAL A 1 77  ? 0.646   6.201   -6.413  1.000 15.717 0 77  VAL A CA    1 ? 
ATOM   618  C C     . VAL A 1 77  ? -0.666  6.026   -5.655  1.000 16.760 0 77  VAL A C     1 ? 
ATOM   619  O O     . VAL A 1 77  ? -0.674  5.724   -4.467  1.000 17.635 0 77  VAL A O     1 ? 
ATOM   620  C CB    . VAL A 1 77  ? 1.284   4.860   -6.799  1.000 15.230 0 77  VAL A CB    1 ? 
ATOM   621  C CG1   . VAL A 1 77  ? 0.305   3.928   -7.503  1.000 16.491 0 77  VAL A CG1   1 ? 
ATOM   622  C CG2   . VAL A 1 77  ? 2.531   5.065   -7.627  1.000 15.832 0 77  VAL A CG2   1 ? 
ATOM   623  N N     . HIS A 1 78  ? -1.792  6.235   -6.361  1.000 16.965 0 78  HIS A N     1 ? 
ATOM   624  C CA    . HIS A 1 78  ? -3.106  5.934   -5.820  1.000 15.427 0 78  HIS A CA    1 ? 
ATOM   625  C C     . HIS A 1 78  ? -3.732  4.793   -6.620  1.000 16.906 0 78  HIS A C     1 ? 
ATOM   626  O O     . HIS A 1 78  ? -3.982  4.936   -7.821  1.000 16.330 0 78  HIS A O     1 ? 
ATOM   627  C CB    . HIS A 1 78  ? -3.936  7.218   -5.811  1.000 17.981 0 78  HIS A CB    1 ? 
ATOM   628  C CG    . HIS A 1 78  ? -5.422  7.085   -5.686  1.000 17.632 0 78  HIS A CG    1 ? 
ATOM   629  N ND1   . HIS A 1 78  ? -6.286  7.841   -6.424  1.000 19.181 0 78  HIS A ND1   1 ? 
ATOM   630  C CD2   . HIS A 1 78  ? -6.176  6.368   -4.809  1.000 18.482 0 78  HIS A CD2   1 ? 
ATOM   631  C CE1   . HIS A 1 78  ? -7.529  7.569   -6.040  1.000 19.977 0 78  HIS A CE1   1 ? 
ATOM   632  N NE2   . HIS A 1 78  ? -7.483  6.634   -5.053  1.000 18.244 0 78  HIS A NE2   1 ? 
ATOM   633  N N     . LEU A 1 79  ? -4.022  3.651   -5.955  1.000 15.766 0 79  LEU A N     1 ? 
ATOM   634  C CA    . LEU A 1 79  ? -4.680  2.548   -6.641  1.000 17.165 0 79  LEU A CA    1 ? 
ATOM   635  C C     . LEU A 1 79  ? -6.178  2.827   -6.701  1.000 16.496 0 79  LEU A C     1 ? 
ATOM   636  O O     . LEU A 1 79  ? -6.842  3.033   -5.683  1.000 17.770 0 79  LEU A O     1 ? 
ATOM   637  C CB    . LEU A 1 79  ? -4.389  1.192   -5.982  1.000 17.015 0 79  LEU A CB    1 ? 
ATOM   638  C CG    . LEU A 1 79  ? -2.908  0.830   -5.878  1.000 17.040 0 79  LEU A CG    1 ? 
ATOM   639  C CD1   . LEU A 1 79  ? -2.735  -0.568  -5.317  1.000 18.015 0 79  LEU A CD1   1 ? 
ATOM   640  C CD2   . LEU A 1 79  ? -2.238  0.980   -7.240  1.000 19.986 0 79  LEU A CD2   1 ? 
ATOM   641  N N     . THR A 1 80  ? -6.714  2.841   -7.924  1.000 16.841 0 80  THR A N     1 ? 
ATOM   642  C CA    . THR A 1 80  ? -8.128  3.124   -8.121  1.000 17.282 0 80  THR A CA    1 ? 
ATOM   643  C C     . THR A 1 80  ? -8.577  2.507   -9.432  1.000 18.471 0 80  THR A C     1 ? 
ATOM   644  O O     . THR A 1 80  ? -7.810  2.485   -10.392 1.000 17.875 0 80  THR A O     1 ? 
ATOM   645  C CB    . THR A 1 80  ? -8.406  4.636   -8.090  1.000 19.461 0 80  THR A CB    1 ? 
ATOM   646  O OG1   . THR A 1 80  ? -9.684  4.775   -8.702  1.000 22.137 0 80  THR A OG1   1 ? 
ATOM   647  C CG2   . THR A 1 80  ? -7.426  5.457   -8.902  1.000 20.080 0 80  THR A CG2   1 ? 
ATOM   648  N N     . MET A 1 81  ? -9.816  2.012   -9.467  1.000 18.594 0 81  MET A N     1 ? 
ATOM   649  C CA    . MET A 1 81  ? -10.379 1.341   -10.641 1.000 21.752 0 81  MET A CA    1 ? 
ATOM   650  C C     . MET A 1 81  ? -10.433 2.306   -11.837 1.000 20.777 0 81  MET A C     1 ? 
ATOM   651  O O     . MET A 1 81  ? -10.375 1.869   -12.983 1.000 18.835 0 81  MET A O     1 ? 
ATOM   652  C CB    . MET A 1 81  ? -11.791 0.852   -10.281 1.000 25.710 0 81  MET A CB    1 ? 
ATOM   653  C CG    . MET A 1 81  ? -12.590 0.180   -11.377 1.000 32.255 0 81  MET A CG    1 ? 
ATOM   654  S SD    . MET A 1 81  ? -14.169 -0.407  -10.645 1.000 35.792 0 81  MET A SD    1 ? 
ATOM   655  C CE    . MET A 1 81  ? -14.893 1.157   -10.189 1.000 37.844 0 81  MET A CE    1 ? 
ATOM   656  N N     . TYR A 1 82  ? -10.496 3.612   -11.551 1.000 20.893 0 82  TYR A N     1 ? 
ATOM   657  C CA    . TYR A 1 82  ? -10.652 4.654   -12.560 1.000 24.028 0 82  TYR A CA    1 ? 
ATOM   658  C C     . TYR A 1 82  ? -9.310  5.184   -13.056 1.000 24.101 0 82  TYR A C     1 ? 
ATOM   659  O O     . TYR A 1 82  ? -9.253  6.058   -13.912 1.000 26.395 0 82  TYR A O     1 ? 
ATOM   660  C CB    . TYR A 1 82  ? -11.516 5.769   -11.969 1.000 23.930 0 82  TYR A CB    1 ? 
ATOM   661  C CG    . TYR A 1 82  ? -12.870 5.267   -11.561 1.000 27.186 0 82  TYR A CG    1 ? 
ATOM   662  C CD1   . TYR A 1 82  ? -13.767 4.826   -12.520 1.000 28.811 0 82  TYR A CD1   1 ? 
ATOM   663  C CD2   . TYR A 1 82  ? -13.209 5.108   -10.228 1.000 27.805 0 82  TYR A CD2   1 ? 
ATOM   664  C CE1   . TYR A 1 82  ? -15.014 4.344   -12.165 1.000 29.043 0 82  TYR A CE1   1 ? 
ATOM   665  C CE2   . TYR A 1 82  ? -14.440 4.593   -9.859  1.000 28.991 0 82  TYR A CE2   1 ? 
ATOM   666  C CZ    . TYR A 1 82  ? -15.346 4.226   -10.832 1.000 29.778 0 82  TYR A CZ    1 ? 
ATOM   667  O OH    . TYR A 1 82  ? -16.576 3.735   -10.467 1.000 37.998 0 82  TYR A OH    1 ? 
ATOM   668  N N     . GLY A 1 83  ? -8.201  4.581   -12.653 1.000 22.481 0 83  GLY A N     1 ? 
ATOM   669  C CA    . GLY A 1 83  ? -6.919  5.156   -13.004 1.000 22.817 0 83  GLY A CA    1 ? 
ATOM   670  C C     . GLY A 1 83  ? -6.404  4.664   -14.357 1.000 22.237 0 83  GLY A C     1 ? 
ATOM   671  O O     . GLY A 1 83  ? -7.080  3.963   -15.090 1.000 21.554 0 83  GLY A O     1 ? 
ATOM   672  N N     . ARG A 1 84  ? -5.167  5.021   -14.637 1.000 21.111 0 84  ARG A N     1 ? 
ATOM   673  C CA    . ARG A 1 84  ? -4.421  4.498   -15.774 1.000 22.741 0 84  ARG A CA    1 ? 
ATOM   674  C C     . ARG A 1 84  ? -4.025  3.043   -15.568 1.000 23.717 0 84  ARG A C     1 ? 
ATOM   675  O O     . ARG A 1 84  ? -3.640  2.644   -14.469 1.000 24.740 0 84  ARG A O     1 ? 
ATOM   676  C CB    . ARG A 1 84  ? -3.127  5.292   -15.934 1.000 25.308 0 84  ARG A CB    1 ? 
ATOM   677  C CG    . ARG A 1 84  ? -3.356  6.772   -16.206 1.000 30.723 0 84  ARG A CG    1 ? 
ATOM   678  C CD    . ARG A 1 84  ? -2.089  7.427   -16.749 1.000 38.093 0 84  ARG A CD    1 ? 
ATOM   679  N NE    . ARG A 1 84  ? -1.301  8.000   -15.674 1.000 45.161 0 84  ARG A NE    1 ? 
ATOM   680  C CZ    . ARG A 1 84  ? -0.156  8.662   -15.826 1.000 48.562 0 84  ARG A CZ    1 ? 
ATOM   681  N NH1   . ARG A 1 84  ? 0.727   8.278   -16.732 1.000 38.810 0 84  ARG A NH1   1 ? 
ATOM   682  N NH2   . ARG A 1 84  ? 0.121   9.667   -15.008 1.000 47.379 0 84  ARG A NH2   1 ? 
ATOM   683  N N     . ARG A 1 85  ? -4.010  2.288   -16.666 1.000 22.528 0 85  ARG A N     1 ? 
ATOM   684  C CA    . ARG A 1 85  ? -3.698  0.870   -16.653 1.000 22.604 0 85  ARG A CA    1 ? 
ATOM   685  C C     . ARG A 1 85  ? -2.322  0.652   -16.046 1.000 22.002 0 85  ARG A C     1 ? 
ATOM   686  O O     . ARG A 1 85  ? -1.340  1.302   -16.421 1.000 25.332 0 85  ARG A O     1 ? 
ATOM   687  C CB    . ARG A 1 85  ? -3.755  0.277   -18.064 1.000 27.794 0 85  ARG A CB    1 ? 
ATOM   688  C CG    . ARG A 1 85  ? -5.145  0.278   -18.677 1.000 30.589 0 85  ARG A CG    1 ? 
ATOM   689  C CD    . ARG A 1 85  ? -5.136  -0.200  -20.126 1.000 34.815 0 85  ARG A CD    1 ? 
ATOM   690  N NE    . ARG A 1 85  ? -6.479  -0.060  -20.677 1.000 38.887 0 85  ARG A NE    1 ? 
ATOM   691  C CZ    . ARG A 1 85  ? -7.368  -1.038  -20.738 1.000 48.857 0 85  ARG A CZ    1 ? 
ATOM   692  N NH1   . ARG A 1 85  ? -7.010  -2.284  -20.482 1.000 55.378 0 85  ARG A NH1   1 ? 
ATOM   693  N NH2   . ARG A 1 85  ? -8.614  -0.766  -21.081 1.000 56.920 0 85  ARG A NH2   1 ? 
ATOM   694  N N     . ILE A 1 86  ? -2.250  -0.253  -15.062 1.000 22.047 0 86  ILE A N     1 ? 
ATOM   695  C CA    . ILE A 1 86  ? -0.974  -0.486  -14.405 1.000 21.681 0 86  ILE A CA    1 ? 
ATOM   696  C C     . ILE A 1 86  ? 0.103   -0.790  -15.460 1.000 21.494 0 86  ILE A C     1 ? 
ATOM   697  O O     . ILE A 1 86  ? 1.219   -0.314  -15.330 1.000 20.846 0 86  ILE A O     1 ? 
ATOM   698  C CB    . ILE A 1 86  ? -1.034  -1.556  -13.294 1.000 21.989 0 86  ILE A CB    1 ? 
ATOM   699  C CG1   . ILE A 1 86  ? 0.312   -1.684  -12.582 1.000 23.066 0 86  ILE A CG1   1 ? 
ATOM   700  C CG2   . ILE A 1 86  ? -1.539  -2.909  -13.787 1.000 22.020 0 86  ILE A CG2   1 ? 
ATOM   701  C CD1   . ILE A 1 86  ? 0.301   -2.649  -11.428 1.000 24.830 0 86  ILE A CD1   1 ? 
ATOM   702  N N     . ASN A 1 87  ? -0.211  -1.563  -16.491 1.000 24.303 0 87  ASN A N     1 ? 
ATOM   703  C CA    . ASN A 1 87  ? 0.827   -2.023  -17.401 1.000 28.388 0 87  ASN A CA    1 ? 
ATOM   704  C C     . ASN A 1 87  ? 1.326   -0.834  -18.227 1.000 28.652 0 87  ASN A C     1 ? 
ATOM   705  O O     . ASN A 1 87  ? 2.464   -0.838  -18.669 1.000 34.989 0 87  ASN A O     1 ? 
ATOM   706  C CB    . ASN A 1 87  ? 0.371   -3.229  -18.236 1.000 29.076 0 87  ASN A CB    1 ? 
ATOM   707  C CG    . ASN A 1 87  ? 0.200   -4.493  -17.407 1.000 34.100 0 87  ASN A CG    1 ? 
ATOM   708  O OD1   . ASN A 1 87  ? -0.712  -5.276  -17.661 1.000 39.740 0 87  ASN A OD1   1 ? 
ATOM   709  N ND2   . ASN A 1 87  ? 1.040   -4.694  -16.399 1.000 35.089 0 87  ASN A ND2   1 ? 
ATOM   710  N N     . ASP A 1 88  ? 0.498   0.204   -18.393 1.000 28.245 0 88  ASP A N     1 ? 
ATOM   711  C CA    . ASP A 1 88  ? 0.916   1.413   -19.089 1.000 29.476 0 88  ASP A CA    1 ? 
ATOM   712  C C     . ASP A 1 88  ? 1.979   2.199   -18.305 1.000 30.986 0 88  ASP A C     1 ? 
ATOM   713  O O     . ASP A 1 88  ? 2.782   2.897   -18.931 1.000 28.767 0 88  ASP A O     1 ? 
ATOM   714  C CB    . ASP A 1 88  ? -0.294  2.286   -19.464 1.000 28.675 0 88  ASP A CB    1 ? 
ATOM   715  C CG    . ASP A 1 88  ? -1.197  1.668   -20.539 1.000 29.343 0 88  ASP A CG    1 ? 
ATOM   716  O OD1   . ASP A 1 88  ? -0.823  0.628   -21.078 1.000 37.296 0 88  ASP A OD1   1 ? 
ATOM   717  O OD2   . ASP A 1 88  ? -2.270  2.219   -20.817 1.000 33.147 0 88  ASP A OD2   1 ? 
ATOM   718  N N     . VAL A 1 89  ? 2.022   2.110   -16.957 1.000 26.438 0 89  VAL A N     1 ? 
ATOM   719  C CA    . VAL A 1 89  ? 2.801   3.081   -16.192 1.000 24.667 0 89  VAL A CA    1 ? 
ATOM   720  C C     . VAL A 1 89  ? 3.854   2.440   -15.294 1.000 22.393 0 89  VAL A C     1 ? 
ATOM   721  O O     . VAL A 1 89  ? 4.728   3.130   -14.778 1.000 24.473 0 89  VAL A O     1 ? 
ATOM   722  C CB    . VAL A 1 89  ? 1.912   4.020   -15.357 1.000 26.158 0 89  VAL A CB    1 ? 
ATOM   723  C CG1   . VAL A 1 89  ? 1.037   4.888   -16.249 1.000 29.377 0 89  VAL A CG1   1 ? 
ATOM   724  C CG2   . VAL A 1 89  ? 1.088   3.267   -14.316 1.000 26.900 0 89  VAL A CG2   1 ? 
ATOM   725  N N     . ILE A 1 90  ? 3.800   1.136   -15.097 1.000 25.099 0 90  ILE A N     1 ? 
ATOM   726  C CA    . ILE A 1 90  ? 4.628   0.535   -14.071 1.000 25.866 0 90  ILE A CA    1 ? 
ATOM   727  C C     . ILE A 1 90  ? 6.115   0.672   -14.394 1.000 27.297 0 90  ILE A C     1 ? 
ATOM   728  O O     . ILE A 1 90  ? 6.936   0.770   -13.480 1.000 27.215 0 90  ILE A O     1 ? 
ATOM   729  C CB    . ILE A 1 90  ? 4.225   -0.935  -13.837 1.000 27.116 0 90  ILE A CB    1 ? 
ATOM   730  C CG1   . ILE A 1 90  ? 4.837   -1.460  -12.542 1.000 26.448 0 90  ILE A CG1   1 ? 
ATOM   731  C CG2   . ILE A 1 90  ? 4.571   -1.825  -15.022 1.000 29.720 0 90  ILE A CG2   1 ? 
ATOM   732  C CD1   . ILE A 1 90  ? 4.525   -0.611  -11.322 1.000 28.203 0 90  ILE A CD1   1 ? 
ATOM   733  N N     . ASP A 1 91  ? 6.488   0.615   -15.678 1.000 27.023 0 91  ASP A N     1 ? 
ATOM   734  C CA    . ASP A 1 91  ? 7.906   0.681   -16.039 1.000 29.053 0 91  ASP A CA    1 ? 
ATOM   735  C C     . ASP A 1 91  ? 8.512   2.059   -15.739 1.000 27.786 0 91  ASP A C     1 ? 
ATOM   736  O O     . ASP A 1 91  ? 9.616   2.135   -15.187 1.000 28.272 0 91  ASP A O     1 ? 
ATOM   737  C CB    . ASP A 1 91  ? 8.127   0.275   -17.498 1.000 32.194 0 91  ASP A CB    1 ? 
ATOM   738  C CG    . ASP A 1 91  ? 7.792   -1.175  -17.791 1.000 33.994 0 91  ASP A CG    1 ? 
ATOM   739  O OD1   . ASP A 1 91  ? 8.293   -2.036  -17.073 1.000 41.619 0 91  ASP A OD1   1 ? 
ATOM   740  O OD2   . ASP A 1 91  ? 6.999   -1.431  -18.720 1.000 41.147 0 91  ASP A OD2   1 ? 
ATOM   741  N N     . GLU A 1 92  ? 7.816   3.150   -16.088 1.000 29.473 0 92  GLU A N     1 ? 
ATOM   742  C CA    . GLU A 1 92  ? 8.225   4.500   -15.699 1.000 31.276 0 92  GLU A CA    1 ? 
ATOM   743  C C     . GLU A 1 92  ? 8.498   4.582   -14.193 1.000 30.735 0 92  GLU A C     1 ? 
ATOM   744  O O     . GLU A 1 92  ? 9.529   5.063   -13.722 1.000 27.812 0 92  GLU A O     1 ? 
ATOM   745  C CB    . GLU A 1 92  ? 7.106   5.523   -15.907 1.000 37.785 0 92  GLU A CB    1 ? 
ATOM   746  C CG    . GLU A 1 92  ? 6.719   5.786   -17.322 1.000 39.635 0 92  GLU A CG    1 ? 
ATOM   747  C CD    . GLU A 1 92  ? 5.453   6.617   -17.425 1.000 42.727 0 92  GLU A CD    1 ? 
ATOM   748  O OE1   . GLU A 1 92  ? 5.372   7.687   -16.742 1.000 38.269 0 92  GLU A OE1   1 ? 
ATOM   749  O OE2   . GLU A 1 92  ? 4.544   6.174   -18.193 1.000 45.289 0 92  GLU A OE2   1 ? 
ATOM   750  N N     . ILE A 1 93  ? 7.516   4.118   -13.417 1.000 28.745 0 93  ILE A N     1 ? 
ATOM   751  C CA    . ILE A 1 93  ? 7.613   4.129   -11.967 1.000 26.637 0 93  ILE A CA    1 ? 
ATOM   752  C C     . ILE A 1 93  ? 8.850   3.373   -11.510 1.000 23.114 0 93  ILE A C     1 ? 
ATOM   753  O O     . ILE A 1 93  ? 9.640   3.906   -10.742 1.000 27.000 0 93  ILE A O     1 ? 
ATOM   754  C CB    . ILE A 1 93  ? 6.309   3.569   -11.356 1.000 25.068 0 93  ILE A CB    1 ? 
ATOM   755  C CG1   . ILE A 1 93  ? 5.149   4.524   -11.626 1.000 26.388 0 93  ILE A CG1   1 ? 
ATOM   756  C CG2   . ILE A 1 93  ? 6.487   3.290   -9.876  1.000 25.243 0 93  ILE A CG2   1 ? 
ATOM   757  C CD1   . ILE A 1 93  ? 3.760   3.943   -11.312 1.000 24.135 0 93  ILE A CD1   1 ? 
ATOM   758  N N     . ARG A 1 94  ? 9.034   2.157   -12.017 1.000 26.319 0 94  ARG A N     1 ? 
ATOM   759  C CA    . ARG A 1 94  ? 10.122  1.301   -11.572 1.000 30.197 0 94  ARG A CA    1 ? 
ATOM   760  C C     . ARG A 1 94  ? 11.472  1.880   -11.986 1.000 32.375 0 94  ARG A C     1 ? 
ATOM   761  O O     . ARG A 1 94  ? 12.403  1.929   -11.195 1.000 34.527 0 94  ARG A O     1 ? 
ATOM   762  C CB    . ARG A 1 94  ? 9.987   -0.101  -12.158 1.000 28.102 0 94  ARG A CB    1 ? 
ATOM   763  C CG    . ARG A 1 94  ? 10.998  -1.085  -11.588 1.000 29.167 0 94  ARG A CG    1 ? 
ATOM   764  C CD    . ARG A 1 94  ? 11.027  -2.409  -12.298 1.000 29.175 0 94  ARG A CD    1 ? 
ATOM   765  N NE    . ARG A 1 94  ? 9.685   -2.885  -12.589 1.000 31.425 0 94  ARG A NE    1 ? 
ATOM   766  C CZ    . ARG A 1 94  ? 9.084   -2.875  -13.775 1.000 32.148 0 94  ARG A CZ    1 ? 
ATOM   767  N NH1   . ARG A 1 94  ? 9.672   -2.349  -14.832 1.000 30.814 0 94  ARG A NH1   1 ? 
ATOM   768  N NH2   . ARG A 1 94  ? 7.877   -3.402  -13.908 1.000 33.160 0 94  ARG A NH2   1 ? 
ATOM   769  N N     . ASN A 1 95  ? 11.565  2.328   -13.239 1.000 33.287 0 95  ASN A N     1 ? 
ATOM   770  C CA    . ASN A 1 95  ? 12.812  2.848   -13.772 1.000 33.293 0 95  ASN A CA    1 ? 
ATOM   771  C C     . ASN A 1 95  ? 13.149  4.226   -13.217 1.000 34.740 0 95  ASN A C     1 ? 
ATOM   772  O O     . ASN A 1 95  ? 14.265  4.674   -13.390 1.000 40.394 0 95  ASN A O     1 ? 
ATOM   773  C CB    . ASN A 1 95  ? 12.756  2.930   -15.288 1.000 32.615 0 95  ASN A CB    1 ? 
ATOM   774  C CG    . ASN A 1 95  ? 12.581  1.572   -15.905 1.000 30.899 0 95  ASN A CG    1 ? 
ATOM   775  O OD1   . ASN A 1 95  ? 12.975  0.568   -15.323 1.000 36.254 0 95  ASN A OD1   1 ? 
ATOM   776  N ND2   . ASN A 1 95  ? 11.944  1.533   -17.058 1.000 34.901 0 95  ASN A ND2   1 ? 
ATOM   777  N N     . SER A 1 96  ? 12.235  4.882   -12.506 1.000 32.363 0 96  SER A N     1 ? 
ATOM   778  C CA    . SER A 1 96  ? 12.500  6.226   -12.013 1.000 30.500 0 96  SER A CA    1 ? 
ATOM   779  C C     . SER A 1 96  ? 13.598  6.251   -10.951 1.000 33.802 0 96  SER A C     1 ? 
ATOM   780  O O     . SER A 1 96  ? 14.109  7.322   -10.643 1.000 35.567 0 96  SER A O     1 ? 
ATOM   781  C CB    . SER A 1 96  ? 11.260  6.797   -11.416 1.000 30.609 0 96  SER A CB    1 ? 
ATOM   782  O OG    . SER A 1 96  ? 10.970  6.093   -10.213 1.000 29.129 0 96  SER A OG    1 ? 
ATOM   783  N N     . GLY A 1 97  ? 13.844  5.129   -10.265 1.000 30.202 0 97  GLY A N     1 ? 
ATOM   784  C CA    . GLY A 1 97  ? 14.765  5.141   -9.147  1.000 33.500 0 97  GLY A CA    1 ? 
ATOM   785  C C     . GLY A 1 97  ? 14.101  5.483   -7.804  1.000 34.723 0 97  GLY A C     1 ? 
ATOM   786  O O     . GLY A 1 97  ? 14.568  5.012   -6.773  1.000 37.399 0 97  GLY A O     1 ? 
ATOM   787  N N     . LYS A 1 98  ? 12.984  6.224   -7.827  1.000 29.055 0 98  LYS A N     1 ? 
ATOM   788  C CA    . LYS A 1 98  ? 12.454  6.913   -6.659  1.000 28.588 0 98  LYS A CA    1 ? 
ATOM   789  C C     . LYS A 1 98  ? 11.788  5.932   -5.696  1.000 25.380 0 98  LYS A C     1 ? 
ATOM   790  O O     . LYS A 1 98  ? 11.322  4.877   -6.101  1.000 23.867 0 98  LYS A O     1 ? 
ATOM   791  C CB    . LYS A 1 98  ? 11.412  7.951   -7.086  1.000 31.779 0 98  LYS A CB    1 ? 
ATOM   792  C CG    . LYS A 1 98  ? 11.913  8.992   -8.084  1.000 36.344 0 98  LYS A CG    1 ? 
ATOM   793  C CD    . LYS A 1 98  ? 11.128  10.279  -8.043  1.000 39.335 0 98  LYS A CD    1 ? 
ATOM   794  C CE    . LYS A 1 98  ? 11.793  11.395  -8.822  1.000 46.363 0 98  LYS A CE    1 ? 
ATOM   795  N NZ    . LYS A 1 98  ? 11.117  11.627  -10.124 1.000 47.215 0 98  LYS A NZ    1 ? 
ATOM   796  N N     . ASP A 1 99  ? 11.744  6.299   -4.411  1.000 25.828 0 99  ASP A N     1 ? 
ATOM   797  C CA    . ASP A 1 99  ? 10.846  5.633   -3.479  1.000 23.732 0 99  ASP A CA    1 ? 
ATOM   798  C C     . ASP A 1 99  ? 9.408   5.869   -3.941  1.000 23.094 0 99  ASP A C     1 ? 
ATOM   799  O O     . ASP A 1 99  ? 9.128   6.861   -4.597  1.000 21.546 0 99  ASP A O     1 ? 
ATOM   800  C CB    . ASP A 1 99  ? 11.061  6.131   -2.057  1.000 26.030 0 99  ASP A CB    1 ? 
ATOM   801  C CG    . ASP A 1 99  ? 12.419  5.744   -1.517  1.000 26.094 0 99  ASP A CG    1 ? 
ATOM   802  O OD1   . ASP A 1 99  ? 13.019  4.825   -2.066  1.000 28.033 0 99  ASP A OD1   1 ? 
ATOM   803  O OD2   . ASP A 1 99  ? 12.897  6.446   -0.652  1.000 29.399 0 99  ASP A OD2   1 ? 
ATOM   804  N N     . VAL A 1 100 ? 8.513   4.966   -3.535  1.000 21.299 0 100 VAL A N     1 ? 
ATOM   805  C CA    . VAL A 1 100 ? 7.127   4.967   -3.947  1.000 20.284 0 100 VAL A CA    1 ? 
ATOM   806  C C     . VAL A 1 100 ? 6.247   4.823   -2.713  1.000 17.836 0 100 VAL A C     1 ? 
ATOM   807  O O     . VAL A 1 100 ? 6.549   4.035   -1.824  1.000 18.130 0 100 VAL A O     1 ? 
ATOM   808  C CB    . VAL A 1 100 ? 6.887   3.831   -4.956  1.000 22.371 0 100 VAL A CB    1 ? 
ATOM   809  C CG1   . VAL A 1 100 ? 5.429   3.752   -5.406  1.000 22.193 0 100 VAL A CG1   1 ? 
ATOM   810  C CG2   . VAL A 1 100 ? 7.810   3.978   -6.147  1.000 22.092 0 100 VAL A CG2   1 ? 
ATOM   811  N N     . MET A 1 101 ? 5.212   5.652   -2.642  1.000 17.565 0 101 MET A N     1 ? 
ATOM   812  C CA    . MET A 1 101 ? 4.160   5.507   -1.650  1.000 17.259 0 101 MET A CA    1 ? 
ATOM   813  C C     . MET A 1 101 ? 2.878   5.108   -2.403  1.000 18.047 0 101 MET A C     1 ? 
ATOM   814  O O     . MET A 1 101 ? 2.445   5.807   -3.342  1.000 17.596 0 101 MET A O     1 ? 
ATOM   815  C CB    . MET A 1 101 ? 3.970   6.808   -0.850  1.000 17.741 0 101 MET A CB    1 ? 
ATOM   816  C CG    . MET A 1 101 ? 2.778   6.772   0.074   1.000 18.882 0 101 MET A CG    1 ? 
ATOM   817  S SD    . MET A 1 101 ? 2.685   8.023   1.362   1.000 20.093 0 101 MET A SD    1 ? 
ATOM   818  C CE    . MET A 1 101 ? 3.948   7.491   2.528   1.000 20.361 0 101 MET A CE    1 ? 
ATOM   819  N N     . VAL A 1 102 ? 2.300   3.943   -2.046  1.000 16.713 0 102 VAL A N     1 ? 
ATOM   820  C CA    . VAL A 1 102 ? 1.090   3.454   -2.686  1.000 16.238 0 102 VAL A CA    1 ? 
ATOM   821  C C     . VAL A 1 102 ? -0.109  3.521   -1.723  1.000 16.277 0 102 VAL A C     1 ? 
ATOM   822  O O     . VAL A 1 102 ? -0.150  2.881   -0.691  1.000 15.663 0 102 VAL A O     1 ? 
ATOM   823  C CB    . VAL A 1 102 ? 1.269   2.063   -3.315  1.000 20.000 0 102 VAL A CB    1 ? 
ATOM   824  C CG1   . VAL A 1 102 ? 1.733   1.015   -2.334  1.000 26.717 0 102 VAL A CG1   1 ? 
ATOM   825  C CG2   . VAL A 1 102 ? -0.020  1.598   -3.986  1.000 19.437 0 102 VAL A CG2   1 ? 
ATOM   826  N N     . LEU A 1 103 ? -1.115  4.298   -2.124  1.000 14.984 0 103 LEU A N     1 ? 
ATOM   827  C CA    . LEU A 1 103 ? -2.310  4.551   -1.353  1.000 16.562 0 103 LEU A CA    1 ? 
ATOM   828  C C     . LEU A 1 103 ? -3.387  3.559   -1.769  1.000 14.533 0 103 LEU A C     1 ? 
ATOM   829  O O     . LEU A 1 103 ? -3.630  3.415   -2.965  1.000 14.124 0 103 LEU A O     1 ? 
ATOM   830  C CB    . LEU A 1 103 ? -2.745  5.991   -1.621  1.000 19.409 0 103 LEU A CB    1 ? 
ATOM   831  C CG    . LEU A 1 103 ? -4.043  6.434   -0.950  1.000 22.746 0 103 LEU A CG    1 ? 
ATOM   832  C CD1   . LEU A 1 103 ? -3.923  6.273   0.532   1.000 28.041 0 103 LEU A CD1   1 ? 
ATOM   833  C CD2   . LEU A 1 103 ? -4.336  7.886   -1.293  1.000 27.660 0 103 LEU A CD2   1 ? 
ATOM   834  N N     . VAL A 1 104 ? -3.979  2.856   -0.782  1.000 15.738 0 104 VAL A N     1 ? 
ATOM   835  C CA    . VAL A 1 104 ? -5.146  2.021   -1.010  1.000 18.178 0 104 VAL A CA    1 ? 
ATOM   836  C C     . VAL A 1 104 ? -6.189  2.386   0.028   1.000 17.346 0 104 VAL A C     1 ? 
ATOM   837  O O     . VAL A 1 104 ? -5.915  2.508   1.229   1.000 19.530 0 104 VAL A O     1 ? 
ATOM   838  C CB    . VAL A 1 104 ? -4.880  0.498   -0.963  1.000 20.199 0 104 VAL A CB    1 ? 
ATOM   839  C CG1   . VAL A 1 104 ? -4.079  0.043   -2.169  1.000 21.744 0 104 VAL A CG1   1 ? 
ATOM   840  C CG2   . VAL A 1 104 ? -4.230  0.068   0.341   1.000 18.909 0 104 VAL A CG2   1 ? 
ATOM   841  N N     . GLY A 1 105 ? -7.406  2.537   -0.465  1.000 17.450 0 105 GLY A N     1 ? 
ATOM   842  C CA    . GLY A 1 105 ? -8.506  2.901   0.385   1.000 22.315 0 105 GLY A CA    1 ? 
ATOM   843  C C     . GLY A 1 105 ? -9.439  1.718   0.594   1.000 27.252 0 105 GLY A C     1 ? 
ATOM   844  O O     . GLY A 1 105 ? -9.097  0.571   0.343   1.000 26.608 0 105 GLY A O     1 ? 
ATOM   845  N N     . SER A 1 106 ? -10.590 2.046   1.164   1.000 33.065 0 106 SER A N     1 ? 
ATOM   846  C CA    . SER A 1 106 ? -11.691 1.133   1.336   1.000 41.433 0 106 SER A CA    1 ? 
ATOM   847  C C     . SER A 1 106 ? -12.862 1.844   0.680   1.000 47.161 0 106 SER A C     1 ? 
ATOM   848  O O     . SER A 1 106 ? -13.572 2.557   1.375   1.000 43.089 0 106 SER A O     1 ? 
ATOM   849  C CB    . SER A 1 106 ? -11.891 0.837   2.814   1.000 46.331 0 106 SER A CB    1 ? 
ATOM   850  O OG    . SER A 1 106 ? -12.782 -0.246  3.004   1.000 59.774 0 106 SER A OG    1 ? 
ATOM   851  N N     . GLU A 1 107 ? -12.795 1.921   -0.667  1.000 59.512 0 107 GLU A N     1 ? 
ATOM   852  C CA    . GLU A 1 107 ? -13.908 2.158   -1.588  1.000 59.066 0 107 GLU A CA    1 ? 
ATOM   853  C C     . GLU A 1 107 ? -14.483 3.567   -1.470  1.000 58.307 0 107 GLU A C     1 ? 
ATOM   854  O O     . GLU A 1 107 ? -14.920 4.157   -2.453  1.000 63.994 0 107 GLU A O     1 ? 
ATOM   855  C CB    . GLU A 1 107 ? -15.020 1.135   -1.370  1.000 65.419 0 107 GLU A CB    1 ? 
ATOM   856  C CG    . GLU A 1 107 ? -15.844 1.384   -0.123  1.000 67.928 0 107 GLU A CG    1 ? 
ATOM   857  C CD    . GLU A 1 107 ? -16.499 0.141   0.433   1.000 66.590 0 107 GLU A CD    1 ? 
ATOM   858  O OE1   . GLU A 1 107 ? -17.714 0.195   0.681   1.000 68.154 0 107 GLU A OE1   1 ? 
ATOM   859  O OE2   . GLU A 1 107 ? -15.788 -0.869  0.604   1.000 74.441 0 107 GLU A OE2   1 ? 
ATOM   860  N N     . LYS A 1 108 ? -14.509 4.101   -0.256  1.000 53.826 0 108 LYS A N     1 ? 
ATOM   861  C CA    . LYS A 1 108 ? -15.062 5.411   -0.007  1.000 53.105 0 108 LYS A CA    1 ? 
ATOM   862  C C     . LYS A 1 108 ? -13.910 6.419   -0.113  1.000 43.537 0 108 LYS A C     1 ? 
ATOM   863  O O     . LYS A 1 108 ? -13.588 7.074   0.864   1.000 50.219 0 108 LYS A O     1 ? 
ATOM   864  C CB    . LYS A 1 108 ? -15.785 5.262   1.342   1.000 60.175 0 108 LYS A CB    1 ? 
ATOM   865  C CG    . LYS A 1 108 ? -16.483 6.492   1.899   1.000 65.175 0 108 LYS A CG    1 ? 
ATOM   866  C CD    . LYS A 1 108 ? -15.688 7.202   2.995   1.000 66.069 0 108 LYS A CD    1 ? 
ATOM   867  C CE    . LYS A 1 108 ? -15.379 8.657   2.687   1.000 71.556 0 108 LYS A CE    1 ? 
ATOM   868  N NZ    . LYS A 1 108 ? -16.422 9.311   1.855   1.000 68.770 0 108 LYS A NZ    1 ? 
ATOM   869  N N     . VAL A 1 109 ? -13.256 6.537   -1.287  1.000 44.353 0 109 VAL A N     1 ? 
ATOM   870  C CA    . VAL A 1 109 ? -11.991 7.272   -1.350  1.000 43.803 0 109 VAL A CA    1 ? 
ATOM   871  C C     . VAL A 1 109 ? -12.230 8.785   -1.409  1.000 34.816 0 109 VAL A C     1 ? 
ATOM   872  O O     . VAL A 1 109 ? -13.022 9.277   -2.204  1.000 32.402 0 109 VAL A O     1 ? 
ATOM   873  C CB    . VAL A 1 109 ? -11.059 6.819   -2.496  1.000 48.812 0 109 VAL A CB    1 ? 
ATOM   874  C CG1   . VAL A 1 109 ? -11.448 7.390   -3.861  1.000 45.170 0 109 VAL A CG1   1 ? 
ATOM   875  C CG2   . VAL A 1 109 ? -9.609  7.160   -2.170  1.000 43.891 0 109 VAL A CG2   1 ? 
ATOM   876  N N     . PRO A 1 110 ? -11.556 9.593   -0.565  1.000 32.301 0 110 PRO A N     1 ? 
ATOM   877  C CA    . PRO A 1 110 ? -11.614 11.051  -0.685  1.000 30.672 0 110 PRO A CA    1 ? 
ATOM   878  C C     . PRO A 1 110 ? -10.986 11.593  -1.969  1.000 26.380 0 110 PRO A C     1 ? 
ATOM   879  O O     . PRO A 1 110 ? -10.100 10.989  -2.558  1.000 23.711 0 110 PRO A O     1 ? 
ATOM   880  C CB    . PRO A 1 110 ? -10.772 11.548  0.509   1.000 31.754 0 110 PRO A CB    1 ? 
ATOM   881  C CG    . PRO A 1 110 ? -10.748 10.379  1.468   1.000 34.118 0 110 PRO A CG    1 ? 
ATOM   882  C CD    . PRO A 1 110 ? -10.725 9.167   0.572   1.000 33.900 0 110 PRO A CD    1 ? 
ATOM   883  N N     . ILE A 1 111 ? -11.375 12.812  -2.345  1.000 25.359 0 111 ILE A N     1 ? 
ATOM   884  C CA    . ILE A 1 111 ? -10.896 13.457  -3.557  1.000 24.541 0 111 ILE A CA    1 ? 
ATOM   885  C C     . ILE A 1 111 ? -9.404  13.790  -3.461  1.000 23.701 0 111 ILE A C     1 ? 
ATOM   886  O O     . ILE A 1 111 ? -8.691  13.839  -4.458  1.000 22.438 0 111 ILE A O     1 ? 
ATOM   887  C CB    . ILE A 1 111 ? -11.780 14.700  -3.798  1.000 27.035 0 111 ILE A CB    1 ? 
ATOM   888  C CG1   . ILE A 1 111 ? -11.919 14.952  -5.288  1.000 29.194 0 111 ILE A CG1   1 ? 
ATOM   889  C CG2   . ILE A 1 111 ? -11.295 15.923  -3.035  1.000 27.447 0 111 ILE A CG2   1 ? 
ATOM   890  C CD1   . ILE A 1 111 ? -13.259 15.406  -5.671  1.000 35.455 0 111 ILE A CD1   1 ? 
ATOM   891  N N     . GLU A 1 112 ? -8.908  14.001  -2.229  1.000 22.918 0 112 GLU A N     1 ? 
ATOM   892  C CA    . GLU A 1 112 ? -7.517  14.375  -2.057  1.000 22.362 0 112 GLU A CA    1 ? 
ATOM   893  C C     . GLU A 1 112 ? -6.629  13.291  -2.632  1.000 18.478 0 112 GLU A C     1 ? 
ATOM   894  O O     . GLU A 1 112 ? -5.545  13.622  -3.085  1.000 19.165 0 112 GLU A O     1 ? 
ATOM   895  C CB    . GLU A 1 112 ? -7.156  14.679  -0.605  1.000 24.050 0 112 GLU A CB    1 ? 
ATOM   896  C CG    . GLU A 1 112 ? -7.848  15.922  -0.075  1.000 25.985 0 112 GLU A CG    1 ? 
ATOM   897  C CD    . GLU A 1 112 ? -9.250  15.708  0.463   1.000 29.346 0 112 GLU A CD    1 ? 
ATOM   898  O OE1   . GLU A 1 112 ? -9.813  14.595  0.321   1.000 31.586 0 112 GLU A OE1   1 ? 
ATOM   899  O OE2   . GLU A 1 112 ? -9.762  16.641  1.061   1.000 35.492 0 112 GLU A OE2   1 ? 
ATOM   900  N N     . ALA A 1 113 ? -7.103  12.020  -2.682  1.000 18.176 0 113 ALA A N     1 ? 
ATOM   901  C CA    . ALA A 1 113 ? -6.286  10.954  -3.269  1.000 18.427 0 113 ALA A CA    1 ? 
ATOM   902  C C     . ALA A 1 113 ? -5.976  11.219  -4.744  1.000 21.501 0 113 ALA A C     1 ? 
ATOM   903  O O     . ALA A 1 113 ? -4.842  11.061  -5.218  1.000 22.672 0 113 ALA A O     1 ? 
ATOM   904  C CB    . ALA A 1 113 ? -6.949  9.616   -3.027  1.000 19.133 0 113 ALA A CB    1 ? 
ATOM   905  N N     . TYR A 1 114 ? -6.993  11.647  -5.489  1.000 23.127 0 114 TYR A N     1 ? 
ATOM   906  C CA    . TYR A 1 114 ? -6.826  11.979  -6.899  1.000 23.499 0 114 TYR A CA    1 ? 
ATOM   907  C C     . TYR A 1 114 ? -6.035  13.270  -7.052  1.000 24.864 0 114 TYR A C     1 ? 
ATOM   908  O O     . TYR A 1 114 ? -5.223  13.363  -7.966  1.000 29.851 0 114 TYR A O     1 ? 
ATOM   909  C CB    . TYR A 1 114 ? -8.169  12.138  -7.615  1.000 24.583 0 114 TYR A CB    1 ? 
ATOM   910  C CG    . TYR A 1 114 ? -8.927  10.853  -7.825  1.000 24.818 0 114 TYR A CG    1 ? 
ATOM   911  C CD1   . TYR A 1 114 ? -8.596  10.009  -8.873  1.000 25.662 0 114 TYR A CD1   1 ? 
ATOM   912  C CD2   . TYR A 1 114 ? -9.936  10.466  -6.961  1.000 26.329 0 114 TYR A CD2   1 ? 
ATOM   913  C CE1   . TYR A 1 114 ? -9.291  8.831   -9.092  1.000 23.719 0 114 TYR A CE1   1 ? 
ATOM   914  C CE2   . TYR A 1 114 ? -10.655 9.292   -7.175  1.000 26.788 0 114 TYR A CE2   1 ? 
ATOM   915  C CZ    . TYR A 1 114 ? -10.306 8.467   -8.231  1.000 25.042 0 114 TYR A CZ    1 ? 
ATOM   916  O OH    . TYR A 1 114 ? -10.949 7.279   -8.459  1.000 26.597 0 114 TYR A OH    1 ? 
ATOM   917  N N     . GLU A 1 115 ? -6.257  14.229  -6.148  1.000 25.425 0 115 GLU A N     1 ? 
ATOM   918  C CA    . GLU A 1 115 ? -5.612  15.526  -6.248  1.000 26.412 0 115 GLU A CA    1 ? 
ATOM   919  C C     . GLU A 1 115 ? -4.107  15.412  -6.023  1.000 25.439 0 115 GLU A C     1 ? 
ATOM   920  O O     . GLU A 1 115 ? -3.358  16.132  -6.662  1.000 26.132 0 115 GLU A O     1 ? 
ATOM   921  C CB    . GLU A 1 115 ? -6.246  16.529  -5.297  1.000 28.667 0 115 GLU A CB    1 ? 
ATOM   922  C CG    . GLU A 1 115 ? -7.670  16.868  -5.682  1.000 33.965 0 115 GLU A CG    1 ? 
ATOM   923  C CD    . GLU A 1 115 ? -8.426  17.773  -4.732  1.000 34.086 0 115 GLU A CD    1 ? 
ATOM   924  O OE1   . GLU A 1 115 ? -8.122  17.799  -3.530  1.000 38.093 0 115 GLU A OE1   1 ? 
ATOM   925  O OE2   . GLU A 1 115 ? -9.361  18.428  -5.213  1.000 51.793 0 115 GLU A OE2   1 ? 
ATOM   926  N N     . ILE A 1 116 ? -3.656  14.534  -5.119  1.000 20.064 0 116 ILE A N     1 ? 
ATOM   927  C CA    . ILE A 1 116 ? -2.253  14.518  -4.716  1.000 19.109 0 116 ILE A CA    1 ? 
ATOM   928  C C     . ILE A 1 116 ? -1.414  13.612  -5.606  1.000 19.962 0 116 ILE A C     1 ? 
ATOM   929  O O     . ILE A 1 116 ? -0.236  13.883  -5.824  1.000 21.426 0 116 ILE A O     1 ? 
ATOM   930  C CB    . ILE A 1 116 ? -2.117  14.112  -3.237  1.000 18.863 0 116 ILE A CB    1 ? 
ATOM   931  C CG1   . ILE A 1 116 ? -2.769  15.168  -2.351  1.000 21.579 0 116 ILE A CG1   1 ? 
ATOM   932  C CG2   . ILE A 1 116 ? -0.653  13.891  -2.870  1.000 19.124 0 116 ILE A CG2   1 ? 
ATOM   933  C CD1   . ILE A 1 116 ? -3.084  14.726  -0.931  1.000 23.147 0 116 ILE A CD1   1 ? 
ATOM   934  N N     . ALA A 1 117 ? -2.011  12.497  -6.061  1.000 20.410 0 117 ALA A N     1 ? 
ATOM   935  C CA    . ALA A 1 117 ? -1.247  11.368  -6.554  1.000 17.792 0 117 ALA A CA    1 ? 
ATOM   936  C C     . ALA A 1 117 ? -0.491  11.817  -7.794  1.000 20.259 0 117 ALA A C     1 ? 
ATOM   937  O O     . ALA A 1 117 ? -1.034  12.543  -8.625  1.000 21.771 0 117 ALA A O     1 ? 
ATOM   938  C CB    . ALA A 1 117 ? -2.170  10.210  -6.838  1.000 17.023 0 117 ALA A CB    1 ? 
ATOM   939  N N     . ASP A 1 118 ? 0.750   11.368  -7.928  1.000 20.241 0 118 ASP A N     1 ? 
ATOM   940  C CA    . ASP A 1 118 ? 1.478   11.473  -9.190  1.000 21.054 0 118 ASP A CA    1 ? 
ATOM   941  C C     . ASP A 1 118 ? 0.872   10.553  -10.253 1.000 22.922 0 118 ASP A C     1 ? 
ATOM   942  O O     . ASP A 1 118 ? 0.790   10.936  -11.426 1.000 21.044 0 118 ASP A O     1 ? 
ATOM   943  C CB    . ASP A 1 118 ? 2.957   11.150  -8.974  1.000 21.913 0 118 ASP A CB    1 ? 
ATOM   944  C CG    . ASP A 1 118 ? 3.636   12.144  -8.050  1.000 23.850 0 118 ASP A CG    1 ? 
ATOM   945  O OD1   . ASP A 1 118 ? 3.450   13.358  -8.304  1.000 23.017 0 118 ASP A OD1   1 ? 
ATOM   946  O OD2   . ASP A 1 118 ? 4.279   11.711  -7.029  1.000 21.017 0 118 ASP A OD2   1 ? 
ATOM   947  N N     . TYR A 1 119 ? 0.495   9.316   -9.868  1.000 19.381 0 119 TYR A N     1 ? 
ATOM   948  C CA    . TYR A 1 119 ? -0.170  8.374   -10.753 1.000 18.560 0 119 TYR A CA    1 ? 
ATOM   949  C C     . TYR A 1 119 ? -1.383  7.773   -10.049 1.000 19.033 0 119 TYR A C     1 ? 
ATOM   950  O O     . TYR A 1 119 ? -1.297  7.342   -8.898  1.000 18.007 0 119 TYR A O     1 ? 
ATOM   951  C CB    . TYR A 1 119 ? 0.693   7.181   -11.169 1.000 20.254 0 119 TYR A CB    1 ? 
ATOM   952  C CG    . TYR A 1 119 ? 1.992   7.489   -11.860 1.000 21.899 0 119 TYR A CG    1 ? 
ATOM   953  C CD1   . TYR A 1 119 ? 3.097   7.909   -11.144 1.000 21.388 0 119 TYR A CD1   1 ? 
ATOM   954  C CD2   . TYR A 1 119 ? 2.099   7.415   -13.229 1.000 25.367 0 119 TYR A CD2   1 ? 
ATOM   955  C CE1   . TYR A 1 119 ? 4.284   8.220   -11.774 1.000 24.082 0 119 TYR A CE1   1 ? 
ATOM   956  C CE2   . TYR A 1 119 ? 3.292   7.686   -13.881 1.000 27.348 0 119 TYR A CE2   1 ? 
ATOM   957  C CZ    . TYR A 1 119 ? 4.381   8.116   -13.148 1.000 26.895 0 119 TYR A CZ    1 ? 
ATOM   958  O OH    . TYR A 1 119 ? 5.541   8.391   -13.805 1.000 34.794 0 119 TYR A OH    1 ? 
ATOM   959  N N     . ASN A 1 120 ? -2.520  7.839   -10.739 1.000 18.736 0 120 ASN A N     1 ? 
ATOM   960  C CA    . ASN A 1 120 ? -3.733  7.119   -10.385 1.000 18.995 0 120 ASN A CA    1 ? 
ATOM   961  C C     . ASN A 1 120 ? -3.727  5.859   -11.229 1.000 18.768 0 120 ASN A C     1 ? 
ATOM   962  O O     . ASN A 1 120 ? -3.699  5.971   -12.441 1.000 18.139 0 120 ASN A O     1 ? 
ATOM   963  C CB    . ASN A 1 120 ? -4.979  7.955   -10.662 1.000 18.402 0 120 ASN A CB    1 ? 
ATOM   964  C CG    . ASN A 1 120 ? -5.038  9.171   -9.769  1.000 21.284 0 120 ASN A CG    1 ? 
ATOM   965  O OD1   . ASN A 1 120 ? -4.907  10.305  -10.254 1.000 26.311 0 120 ASN A OD1   1 ? 
ATOM   966  N ND2   . ASN A 1 120 ? -5.216  8.965   -8.477  1.000 16.677 0 120 ASN A ND2   1 ? 
ATOM   967  N N     . VAL A 1 121 ? -3.731  4.681   -10.596 1.000 19.266 0 121 VAL A N     1 ? 
ATOM   968  C CA    . VAL A 1 121 ? -3.409  3.439   -11.279 1.000 18.246 0 121 VAL A CA    1 ? 
ATOM   969  C C     . VAL A 1 121 ? -4.510  2.389   -11.065 1.000 19.687 0 121 VAL A C     1 ? 
ATOM   970  O O     . VAL A 1 121 ? -4.872  2.079   -9.923  1.000 17.056 0 121 VAL A O     1 ? 
ATOM   971  C CB    . VAL A 1 121 ? -2.054  2.914   -10.798 1.000 18.941 0 121 VAL A CB    1 ? 
ATOM   972  C CG1   . VAL A 1 121 ? -1.753  1.568   -11.431 1.000 19.815 0 121 VAL A CG1   1 ? 
ATOM   973  C CG2   . VAL A 1 121 ? -0.934  3.923   -11.054 1.000 20.123 0 121 VAL A CG2   1 ? 
ATOM   974  N N     . SER A 1 122 ? -5.022  1.847   -12.175 1.000 17.842 0 122 SER A N     1 ? 
ATOM   975  C CA    . SER A 1 122 ? -5.979  0.754   -12.177 1.000 19.273 0 122 SER A CA    1 ? 
ATOM   976  C C     . SER A 1 122 ? -5.277  -0.589  -12.353 1.000 20.173 0 122 SER A C     1 ? 
ATOM   977  O O     . SER A 1 122 ? -4.372  -0.741  -13.176 1.000 19.830 0 122 SER A O     1 ? 
ATOM   978  C CB    . SER A 1 122 ? -6.987  0.920   -13.247 1.000 19.758 0 122 SER A CB    1 ? 
ATOM   979  O OG    . SER A 1 122 ? -6.341  0.808   -14.524 1.000 24.807 0 122 SER A OG    1 ? 
ATOM   980  N N     . VAL A 1 123 ? -5.701  -1.544  -11.523 1.000 20.743 0 123 VAL A N     1 ? 
ATOM   981  C CA    . VAL A 1 123 ? -5.395  -2.950  -11.681 1.000 22.447 0 123 VAL A CA    1 ? 
ATOM   982  C C     . VAL A 1 123 ? -6.689  -3.635  -12.139 1.000 25.298 0 123 VAL A C     1 ? 
ATOM   983  O O     . VAL A 1 123 ? -7.546  -4.020  -11.324 1.000 28.389 0 123 VAL A O     1 ? 
ATOM   984  C CB    . VAL A 1 123 ? -4.858  -3.550  -10.367 1.000 23.082 0 123 VAL A CB    1 ? 
ATOM   985  C CG1   . VAL A 1 123 ? -4.471  -5.004  -10.577 1.000 25.567 0 123 VAL A CG1   1 ? 
ATOM   986  C CG2   . VAL A 1 123 ? -3.686  -2.772  -9.815  1.000 25.068 0 123 VAL A CG2   1 ? 
ATOM   987  N N     . THR A 1 124 ? -6.824  -3.781  -13.454 1.000 24.973 0 124 THR A N     1 ? 
ATOM   988  C CA    . THR A 1 124 ? -8.105  -4.059  -14.123 1.000 24.347 0 124 THR A CA    1 ? 
ATOM   989  C C     . THR A 1 124 ? -9.057  -2.882  -13.962 1.000 24.262 0 124 THR A C     1 ? 
ATOM   990  O O     . THR A 1 124 ? -8.897  -2.094  -13.042 1.000 23.924 0 124 THR A O     1 ? 
ATOM   991  C CB    . THR A 1 124 ? -8.808  -5.356  -13.693 1.000 24.573 0 124 THR A CB    1 ? 
ATOM   992  O OG1   . THR A 1 124 ? -9.640  -5.071  -12.574 1.000 22.751 0 124 THR A OG1   1 ? 
ATOM   993  C CG2   . THR A 1 124 ? -7.840  -6.492  -13.398 1.000 26.474 0 124 THR A CG2   1 ? 
ATOM   994  N N     . ASN A 1 125 ? -10.085 -2.820  -14.826 1.000 23.960 0 125 ASN A N     1 ? 
ATOM   995  C CA    . ASN A 1 125 ? -11.123 -1.809  -14.710 1.000 26.935 0 125 ASN A CA    1 ? 
ATOM   996  C C     . ASN A 1 125 ? -12.343 -2.361  -13.975 1.000 26.245 0 125 ASN A C     1 ? 
ATOM   997  O O     . ASN A 1 125 ? -13.408 -1.747  -13.990 1.000 22.842 0 125 ASN A O     1 ? 
ATOM   998  C CB    . ASN A 1 125 ? -11.564 -1.230  -16.060 1.000 32.463 0 125 ASN A CB    1 ? 
ATOM   999  C CG    . ASN A 1 125 ? -12.102 -2.272  -17.021 1.000 38.181 0 125 ASN A CG    1 ? 
ATOM   1000 O OD1   . ASN A 1 125 ? -12.038 -3.474  -16.765 1.000 37.824 0 125 ASN A OD1   1 ? 
ATOM   1001 N ND2   . ASN A 1 125 ? -12.630 -1.828  -18.151 1.000 44.321 0 125 ASN A ND2   1 ? 
ATOM   1002 N N     . GLN A 1 126 ? -12.193 -3.482  -13.266 1.000 21.912 0 126 GLN A N     1 ? 
ATOM   1003 C CA    . GLN A 1 126 ? -13.333 -4.057  -12.560 1.000 19.647 0 126 GLN A CA    1 ? 
ATOM   1004 C C     . GLN A 1 126 ? -13.198 -3.771  -11.075 1.000 20.508 0 126 GLN A C     1 ? 
ATOM   1005 O O     . GLN A 1 126 ? -12.105 -3.553  -10.587 1.000 21.113 0 126 GLN A O     1 ? 
ATOM   1006 C CB    . GLN A 1 126 ? -13.378 -5.570  -12.795 1.000 18.948 0 126 GLN A CB    1 ? 
ATOM   1007 C CG    . GLN A 1 126 ? -13.389 -5.941  -14.277 1.000 22.329 0 126 GLN A CG    1 ? 
ATOM   1008 C CD    . GLN A 1 126 ? -14.725 -5.554  -14.869 1.000 22.322 0 126 GLN A CD    1 ? 
ATOM   1009 O OE1   . GLN A 1 126 ? -15.753 -5.827  -14.270 1.000 22.576 0 126 GLN A OE1   1 ? 
ATOM   1010 N NE2   . GLN A 1 126 ? -14.732 -4.827  -15.976 1.000 23.216 0 126 GLN A NE2   1 ? 
ATOM   1011 N N     . PRO A 1 127 ? -14.301 -3.789  -10.297 1.000 22.190 0 127 PRO A N     1 ? 
ATOM   1012 C CA    . PRO A 1 127 ? -14.216 -3.636  -8.850  1.000 19.789 0 127 PRO A CA    1 ? 
ATOM   1013 C C     . PRO A 1 127 ? -13.536 -4.836  -8.206  1.000 19.741 0 127 PRO A C     1 ? 
ATOM   1014 O O     . PRO A 1 127 ? -13.986 -5.986  -8.378  1.000 19.059 0 127 PRO A O     1 ? 
ATOM   1015 C CB    . PRO A 1 127 ? -15.680 -3.481  -8.422  1.000 22.682 0 127 PRO A CB    1 ? 
ATOM   1016 C CG    . PRO A 1 127 ? -16.476 -4.109  -9.539  1.000 24.317 0 127 PRO A CG    1 ? 
ATOM   1017 C CD    . PRO A 1 127 ? -15.679 -3.837  -10.792 1.000 24.654 0 127 PRO A CD    1 ? 
ATOM   1018 N N     . ILE A 1 128 ? -12.397 -4.570  -7.550  1.000 18.330 0 128 ILE A N     1 ? 
ATOM   1019 C CA    . ILE A 1 128 ? -11.683 -5.613  -6.819  1.000 19.079 0 128 ILE A CA    1 ? 
ATOM   1020 C C     . ILE A 1 128 ? -11.458 -5.152  -5.379  1.000 17.676 0 128 ILE A C     1 ? 
ATOM   1021 O O     . ILE A 1 128 ? -12.161 -4.302  -4.857  1.000 19.665 0 128 ILE A O     1 ? 
ATOM   1022 C CB    . ILE A 1 128 ? -10.389 -6.044  -7.559  1.000 19.113 0 128 ILE A CB    1 ? 
ATOM   1023 C CG1   . ILE A 1 128 ? -9.344  -4.931  -7.701  1.000 16.745 0 128 ILE A CG1   1 ? 
ATOM   1024 C CG2   . ILE A 1 128 ? -10.757 -6.632  -8.896  1.000 19.265 0 128 ILE A CG2   1 ? 
ATOM   1025 C CD1   . ILE A 1 128 ? -8.002  -5.407  -8.246  1.000 18.027 0 128 ILE A CD1   1 ? 
ATOM   1026 N N     . SER A 1 129 ? -10.492 -5.769  -4.721  1.000 16.467 0 129 SER A N     1 ? 
ATOM   1027 C CA    . SER A 1 129 ? -10.171 -5.504  -3.341  1.000 16.545 0 129 SER A CA    1 ? 
ATOM   1028 C C     . SER A 1 129 ? -8.883  -4.679  -3.295  1.000 16.874 0 129 SER A C     1 ? 
ATOM   1029 O O     . SER A 1 129 ? -8.005  -4.875  -4.125  1.000 16.218 0 129 SER A O     1 ? 
ATOM   1030 C CB    . SER A 1 129 ? -10.024 -6.825  -2.660  1.000 15.424 0 129 SER A CB    1 ? 
ATOM   1031 O OG    . SER A 1 129 ? -9.355  -6.722  -1.411  1.000 15.336 0 129 SER A OG    1 ? 
ATOM   1032 N N     . GLU A 1 130 ? -8.732  -3.845  -2.272  1.000 16.335 0 130 GLU A N     1 ? 
ATOM   1033 C CA    . GLU A 1 130 ? -7.451  -3.196  -1.994  1.000 18.138 0 130 GLU A CA    1 ? 
ATOM   1034 C C     . GLU A 1 130 ? -6.342  -4.242  -1.837  1.000 18.858 0 130 GLU A C     1 ? 
ATOM   1035 O O     . GLU A 1 130 ? -5.182  -3.986  -2.185  1.000 15.194 0 130 GLU A O     1 ? 
ATOM   1036 C CB    . GLU A 1 130 ? -7.523  -2.270  -0.782  1.000 19.467 0 130 GLU A CB    1 ? 
ATOM   1037 C CG    . GLU A 1 130 ? -8.145  -2.873  0.455   1.000 21.017 0 130 GLU A CG    1 ? 
ATOM   1038 C CD    . GLU A 1 130 ? -9.646  -2.647  0.624   1.000 23.367 0 130 GLU A CD    1 ? 
ATOM   1039 O OE1   . GLU A 1 130 ? -10.382 -2.946  -0.299  1.000 19.565 0 130 GLU A OE1   1 ? 
ATOM   1040 O OE2   . GLU A 1 130 ? -10.076 -2.178  1.703   1.000 24.709 0 130 GLU A OE2   1 ? 
ATOM   1041 N N     . VAL A 1 131 ? -6.692  -5.445  -1.346  1.000 16.875 0 131 VAL A N     1 ? 
ATOM   1042 C CA    . VAL A 1 131 ? -5.683  -6.451  -1.072  1.000 16.162 0 131 VAL A CA    1 ? 
ATOM   1043 C C     . VAL A 1 131 ? -5.115  -7.012  -2.372  1.000 16.116 0 131 VAL A C     1 ? 
ATOM   1044 O O     . VAL A 1 131 ? -3.894  -7.165  -2.507  1.000 16.043 0 131 VAL A O     1 ? 
ATOM   1045 C CB    . VAL A 1 131 ? -6.268  -7.561  -0.189  1.000 16.733 0 131 VAL A CB    1 ? 
ATOM   1046 C CG1   . VAL A 1 131 ? -5.301  -8.719  -0.019  1.000 15.502 0 131 VAL A CG1   1 ? 
ATOM   1047 C CG2   . VAL A 1 131 ? -6.675  -7.002  1.151   1.000 18.128 0 131 VAL A CG2   1 ? 
ATOM   1048 N N     . SER A 1 132 ? -6.007  -7.339  -3.314  1.000 14.917 0 132 SER A N     1 ? 
ATOM   1049 C CA    . SER A 1 132 ? -5.566  -7.891  -4.590  1.000 16.927 0 132 SER A CA    1 ? 
ATOM   1050 C C     . SER A 1 132 ? -4.959  -6.815  -5.482  1.000 16.119 0 132 SER A C     1 ? 
ATOM   1051 O O     . SER A 1 132 ? -4.032  -7.101  -6.248  1.000 15.814 0 132 SER A O     1 ? 
ATOM   1052 C CB    . SER A 1 132 ? -6.689  -8.643  -5.268  1.000 17.470 0 132 SER A CB    1 ? 
ATOM   1053 O OG    . SER A 1 132 ? -7.905  -7.934  -5.251  1.000 18.472 0 132 SER A OG    1 ? 
ATOM   1054 N N     . ALA A 1 133 ? -5.497  -5.584  -5.427  1.000 15.719 0 133 ALA A N     1 ? 
ATOM   1055 C CA    . ALA A 1 133 ? -4.874  -4.484  -6.165  1.000 16.883 0 133 ALA A CA    1 ? 
ATOM   1056 C C     . ALA A 1 133 ? -3.419  -4.274  -5.732  1.000 15.638 0 133 ALA A C     1 ? 
ATOM   1057 O O     . ALA A 1 133 ? -2.530  -4.103  -6.569  1.000 15.523 0 133 ALA A O     1 ? 
ATOM   1058 C CB    . ALA A 1 133 ? -5.692  -3.226  -6.022  1.000 16.855 0 133 ALA A CB    1 ? 
ATOM   1059 N N     . LEU A 1 134 ? -3.183  -4.245  -4.417  1.000 16.952 0 134 LEU A N     1 ? 
ATOM   1060 C CA    . LEU A 1 134 ? -1.848  -4.068  -3.880  1.000 16.029 0 134 LEU A CA    1 ? 
ATOM   1061 C C     . LEU A 1 134 ? -0.931  -5.219  -4.279  1.000 15.788 0 134 LEU A C     1 ? 
ATOM   1062 O O     . LEU A 1 134 ? 0.229   -4.974  -4.630  1.000 14.388 0 134 LEU A O     1 ? 
ATOM   1063 C CB    . LEU A 1 134 ? -1.922  -3.893  -2.357  1.000 15.565 0 134 LEU A CB    1 ? 
ATOM   1064 C CG    . LEU A 1 134 ? -0.572  -3.754  -1.657  1.000 15.262 0 134 LEU A CG    1 ? 
ATOM   1065 C CD1   . LEU A 1 134 ? 0.156   -2.501  -2.155  1.000 16.345 0 134 LEU A CD1   1 ? 
ATOM   1066 C CD2   . LEU A 1 134 ? -0.746  -3.697  -0.142  1.000 15.915 0 134 LEU A CD2   1 ? 
ATOM   1067 N N     . ALA A 1 135 ? -1.406  -6.469  -4.146  1.000 16.144 0 135 ALA A N     1 ? 
ATOM   1068 C CA    . ALA A 1 135 ? -0.557  -7.613  -4.457  1.000 16.327 0 135 ALA A CA    1 ? 
ATOM   1069 C C     . ALA A 1 135 ? -0.072  -7.511  -5.900  1.000 16.231 0 135 ALA A C     1 ? 
ATOM   1070 O O     . ALA A 1 135 ? 1.087   -7.776  -6.173  1.000 17.047 0 135 ALA A O     1 ? 
ATOM   1071 C CB    . ALA A 1 135 ? -1.284  -8.902  -4.236  1.000 16.725 0 135 ALA A CB    1 ? 
ATOM   1072 N N     . ILE A 1 136 ? -0.986  -7.171  -6.815  1.000 16.462 0 136 ILE A N     1 ? 
ATOM   1073 C CA    . ILE A 1 136 ? -0.627  -7.095  -8.224  1.000 17.651 0 136 ILE A CA    1 ? 
ATOM   1074 C C     . ILE A 1 136 ? 0.314   -5.910  -8.440  1.000 18.006 0 136 ILE A C     1 ? 
ATOM   1075 O O     . ILE A 1 136 ? 1.282   -6.045  -9.187  1.000 19.676 0 136 ILE A O     1 ? 
ATOM   1076 C CB    . ILE A 1 136 ? -1.875  -7.062  -9.144  1.000 18.618 0 136 ILE A CB    1 ? 
ATOM   1077 C CG1   . ILE A 1 136 ? -2.656  -8.379  -9.099  1.000 20.653 0 136 ILE A CG1   1 ? 
ATOM   1078 C CG2   . ILE A 1 136 ? -1.498  -6.728  -10.582 1.000 20.912 0 136 ILE A CG2   1 ? 
ATOM   1079 C CD1   . ILE A 1 136 ? -1.820  -9.578  -9.495  1.000 21.213 0 136 ILE A CD1   1 ? 
ATOM   1080 N N     . PHE A 1 137 ? 0.048   -4.766  -7.805  1.000 16.327 0 137 PHE A N     1 ? 
ATOM   1081 C CA    . PHE A 1 137 ? 0.911   -3.605  -7.957  1.000 17.695 0 137 PHE A CA    1 ? 
ATOM   1082 C C     . PHE A 1 137 ? 2.356   -3.923  -7.569  1.000 18.920 0 137 PHE A C     1 ? 
ATOM   1083 O O     . PHE A 1 137 ? 3.302   -3.626  -8.302  1.000 19.172 0 137 PHE A O     1 ? 
ATOM   1084 C CB    . PHE A 1 137 ? 0.424   -2.398  -7.163  1.000 16.995 0 137 PHE A CB    1 ? 
ATOM   1085 C CG    . PHE A 1 137 ? 1.317   -1.209  -7.414  1.000 20.088 0 137 PHE A CG    1 ? 
ATOM   1086 C CD1   . PHE A 1 137 ? 2.474   -1.003  -6.669  1.000 21.096 0 137 PHE A CD1   1 ? 
ATOM   1087 C CD2   . PHE A 1 137 ? 1.073   -0.360  -8.482  1.000 20.979 0 137 PHE A CD2   1 ? 
ATOM   1088 C CE1   . PHE A 1 137 ? 3.321   0.067   -6.934  1.000 21.935 0 137 PHE A CE1   1 ? 
ATOM   1089 C CE2   . PHE A 1 137 ? 1.910   0.720   -8.727  1.000 22.245 0 137 PHE A CE2   1 ? 
ATOM   1090 C CZ    . PHE A 1 137 ? 3.033   0.931   -7.960  1.000 20.865 0 137 PHE A CZ    1 ? 
ATOM   1091 N N     . LEU A 1 138 ? 2.532   -4.553  -6.416  1.000 17.227 0 138 LEU A N     1 ? 
ATOM   1092 C CA    . LEU A 1 138 ? 3.866   -4.914  -5.962  1.000 17.546 0 138 LEU A CA    1 ? 
ATOM   1093 C C     . LEU A 1 138 ? 4.521   -5.990  -6.829  1.000 17.740 0 138 LEU A C     1 ? 
ATOM   1094 O O     . LEU A 1 138 ? 5.719   -5.896  -7.130  1.000 17.361 0 138 LEU A O     1 ? 
ATOM   1095 C CB    . LEU A 1 138 ? 3.736   -5.344  -4.504  1.000 16.396 0 138 LEU A CB    1 ? 
ATOM   1096 C CG    . LEU A 1 138 ? 3.350   -4.233  -3.557  1.000 16.276 0 138 LEU A CG    1 ? 
ATOM   1097 C CD1   . LEU A 1 138 ? 3.148   -4.766  -2.133  1.000 17.557 0 138 LEU A CD1   1 ? 
ATOM   1098 C CD2   . LEU A 1 138 ? 4.395   -3.141  -3.565  1.000 18.264 0 138 LEU A CD2   1 ? 
ATOM   1099 N N     . ASP A 1 139 ? 3.749   -6.985  -7.268  1.000 19.295 0 139 ASP A N     1 ? 
ATOM   1100 C CA    . ASP A 1 139 ? 4.303   -8.026  -8.115  1.000 20.525 0 139 ASP A CA    1 ? 
ATOM   1101 C C     . ASP A 1 139 ? 4.865   -7.415  -9.402  1.000 22.383 0 139 ASP A C     1 ? 
ATOM   1102 O O     . ASP A 1 139 ? 5.951   -7.806  -9.843  1.000 22.928 0 139 ASP A O     1 ? 
ATOM   1103 C CB    . ASP A 1 139 ? 3.240   -9.091  -8.429  1.000 22.138 0 139 ASP A CB    1 ? 
ATOM   1104 C CG    . ASP A 1 139 ? 3.745   -10.184 -9.369  1.000 24.443 0 139 ASP A CG    1 ? 
ATOM   1105 O OD1   . ASP A 1 139 ? 4.629   -11.004 -8.952  1.000 24.848 0 139 ASP A OD1   1 ? 
ATOM   1106 O OD2   . ASP A 1 139 ? 3.278   -10.180 -10.504 1.000 25.120 0 139 ASP A OD2   1 ? 
ATOM   1107 N N     . ARG A 1 140 ? 4.110   -6.491  -10.011 1.000 19.598 0 140 ARG A N     1 ? 
ATOM   1108 C CA    . ARG A 1 140 ? 4.495   -5.852  -11.255 1.000 22.858 0 140 ARG A CA    1 ? 
ATOM   1109 C C     . ARG A 1 140 ? 5.693   -4.936  -11.029 1.000 25.744 0 140 ARG A C     1 ? 
ATOM   1110 O O     . ARG A 1 140 ? 6.643   -4.938  -11.820 1.000 27.269 0 140 ARG A O     1 ? 
ATOM   1111 C CB    . ARG A 1 140 ? 3.316   -5.075  -11.850 1.000 23.017 0 140 ARG A CB    1 ? 
ATOM   1112 C CG    . ARG A 1 140 ? 2.223   -5.994  -12.355 1.000 26.471 0 140 ARG A CG    1 ? 
ATOM   1113 C CD    . ARG A 1 140 ? 2.765   -6.915  -13.429 1.000 29.543 0 140 ARG A CD    1 ? 
ATOM   1114 N NE    . ARG A 1 140 ? 1.660   -7.496  -14.174 1.000 33.044 0 140 ARG A NE    1 ? 
ATOM   1115 C CZ    . ARG A 1 140 ? 0.943   -8.530  -13.777 1.000 32.929 0 140 ARG A CZ    1 ? 
ATOM   1116 N NH1   . ARG A 1 140 ? 1.357   -9.281  -12.770 1.000 35.571 0 140 ARG A NH1   1 ? 
ATOM   1117 N NH2   . ARG A 1 140 ? -0.169  -8.829  -14.430 1.000 36.671 0 140 ARG A NH2   1 ? 
ATOM   1118 N N     . TYR A 1 141 ? 5.662   -4.195  -9.915  1.000 21.386 0 141 TYR A N     1 ? 
ATOM   1119 C CA    . TYR A 1 141 ? 6.792   -3.359  -9.552  1.000 22.517 0 141 TYR A CA    1 ? 
ATOM   1120 C C     . TYR A 1 141 ? 8.090   -4.164  -9.455  1.000 23.512 0 141 TYR A C     1 ? 
ATOM   1121 O O     . TYR A 1 141 ? 9.147   -3.730  -9.938  1.000 23.211 0 141 TYR A O     1 ? 
ATOM   1122 C CB    . TYR A 1 141 ? 6.571   -2.671  -8.214  1.000 20.731 0 141 TYR A CB    1 ? 
ATOM   1123 C CG    . TYR A 1 141 ? 7.650   -1.682  -7.885  1.000 22.351 0 141 TYR A CG    1 ? 
ATOM   1124 C CD1   . TYR A 1 141 ? 7.702   -0.448  -8.519  1.000 22.159 0 141 TYR A CD1   1 ? 
ATOM   1125 C CD2   . TYR A 1 141 ? 8.679   -2.017  -7.024  1.000 23.541 0 141 TYR A CD2   1 ? 
ATOM   1126 C CE1   . TYR A 1 141 ? 8.699   0.466   -8.225  1.000 24.616 0 141 TYR A CE1   1 ? 
ATOM   1127 C CE2   . TYR A 1 141 ? 9.704   -1.127  -6.754  1.000 25.171 0 141 TYR A CE2   1 ? 
ATOM   1128 C CZ    . TYR A 1 141 ? 9.707   0.117   -7.350  1.000 24.063 0 141 TYR A CZ    1 ? 
ATOM   1129 O OH    . TYR A 1 141 ? 10.730  0.988   -7.079  1.000 27.292 0 141 TYR A OH    1 ? 
ATOM   1130 N N     . PHE A 1 142 ? 8.019   -5.312  -8.779  1.000 22.161 0 142 PHE A N     1 ? 
ATOM   1131 C CA    . PHE A 1 142 ? 9.207   -6.124  -8.547  1.000 23.564 0 142 PHE A CA    1 ? 
ATOM   1132 C C     . PHE A 1 142 ? 9.436   -7.145  -9.667  1.000 22.944 0 142 PHE A C     1 ? 
ATOM   1133 O O     . PHE A 1 142 ? 10.310  -7.997  -9.560  1.000 25.584 0 142 PHE A O     1 ? 
ATOM   1134 C CB    . PHE A 1 142 ? 9.099   -6.757  -7.161  1.000 20.469 0 142 PHE A CB    1 ? 
ATOM   1135 C CG    . PHE A 1 142 ? 9.334   -5.783  -6.044  1.000 20.660 0 142 PHE A CG    1 ? 
ATOM   1136 C CD1   . PHE A 1 142 ? 10.557  -5.157  -5.910  1.000 21.887 0 142 PHE A CD1   1 ? 
ATOM   1137 C CD2   . PHE A 1 142 ? 8.354   -5.540  -5.087  1.000 20.834 0 142 PHE A CD2   1 ? 
ATOM   1138 C CE1   . PHE A 1 142 ? 10.785  -4.249  -4.876  1.000 21.940 0 142 PHE A CE1   1 ? 
ATOM   1139 C CE2   . PHE A 1 142 ? 8.587   -4.662  -4.047  1.000 20.866 0 142 PHE A CE2   1 ? 
ATOM   1140 C CZ    . PHE A 1 142 ? 9.815   -4.045  -3.922  1.000 22.451 0 142 PHE A CZ    1 ? 
ATOM   1141 N N     . GLN A 1 143 ? 8.599   -7.119  -10.710 1.000 28.336 0 143 GLN A N     1 ? 
ATOM   1142 C CA    . GLN A 1 143 ? 8.710   -8.059  -11.820 1.000 31.235 0 143 GLN A CA    1 ? 
ATOM   1143 C C     . GLN A 1 143 ? 8.716   -9.498  -11.315 1.000 33.537 0 143 GLN A C     1 ? 
ATOM   1144 O O     . GLN A 1 143 ? 9.438   -10.355 -11.830 1.000 27.728 0 143 GLN A O     1 ? 
ATOM   1145 C CB    . GLN A 1 143 ? 9.988   -7.750  -12.619 1.000 33.039 0 143 GLN A CB    1 ? 
ATOM   1146 C CG    . GLN A 1 143 ? 10.069  -6.289  -13.036 1.000 33.964 0 143 GLN A CG    1 ? 
ATOM   1147 C CD    . GLN A 1 143 ? 11.309  -5.964  -13.830 1.000 39.240 0 143 GLN A CD    1 ? 
ATOM   1148 O OE1   . GLN A 1 143 ? 12.382  -5.726  -13.277 1.000 39.445 0 143 GLN A OE1   1 ? 
ATOM   1149 N NE2   . GLN A 1 143 ? 11.143  -5.902  -15.137 1.000 38.155 0 143 GLN A NE2   1 ? 
ATOM   1150 N N     . GLY A 1 144 ? 7.919   -9.780  -10.286 1.000 30.194 0 144 GLY A N     1 ? 
ATOM   1151 C CA    . GLY A 1 144 ? 7.739   -11.162 -9.864  1.000 29.870 0 144 GLY A CA    1 ? 
ATOM   1152 C C     . GLY A 1 144 ? 8.884   -11.701 -9.013  1.000 28.135 0 144 GLY A C     1 ? 
ATOM   1153 O O     . GLY A 1 144 ? 8.831   -12.852 -8.600  1.000 34.440 0 144 GLY A O     1 ? 
ATOM   1154 N N     . LYS A 1 145 ? 9.883   -10.869 -8.712  1.000 30.926 0 145 LYS A N     1 ? 
ATOM   1155 C CA    . LYS A 1 145 ? 11.103  -11.295 -8.031  1.000 39.066 0 145 LYS A CA    1 ? 
ATOM   1156 C C     . LYS A 1 145 ? 10.897  -11.339 -6.528  1.000 38.906 0 145 LYS A C     1 ? 
ATOM   1157 O O     . LYS A 1 145 ? 11.738  -11.866 -5.808  1.000 39.203 0 145 LYS A O     1 ? 
ATOM   1158 C CB    . LYS A 1 145 ? 12.263  -10.310 -8.230  1.000 39.950 0 145 LYS A CB    1 ? 
ATOM   1159 C CG    . LYS A 1 145 ? 12.764  -10.149 -9.656  1.000 45.961 0 145 LYS A CG    1 ? 
ATOM   1160 C CD    . LYS A 1 145 ? 13.742  -9.003  -9.777  1.000 50.949 0 145 LYS A CD    1 ? 
ATOM   1161 C CE    . LYS A 1 145 ? 13.958  -8.550  -11.206 1.000 56.459 0 145 LYS A CE    1 ? 
ATOM   1162 N NZ    . LYS A 1 145 ? 14.308  -9.684  -12.095 1.000 55.013 0 145 LYS A NZ    1 ? 
ATOM   1163 N N     . GLU A 1 146 ? 9.801   -10.729 -6.060  1.000 40.568 0 146 GLU A N     1 ? 
ATOM   1164 C CA    . GLU A 1 146 ? 9.560   -10.598 -4.637  1.000 39.915 0 146 GLU A CA    1 ? 
ATOM   1165 C C     . GLU A 1 146 ? 9.396   -11.999 -4.051  1.000 38.687 0 146 GLU A C     1 ? 
ATOM   1166 O O     . GLU A 1 146 ? 9.554   -12.172 -2.851  1.000 43.594 0 146 GLU A O     1 ? 
ATOM   1167 C CB    . GLU A 1 146 ? 8.375   -9.654  -4.361  1.000 37.273 0 146 GLU A CB    1 ? 
ATOM   1168 C CG    . GLU A 1 146 ? 7.007   -10.249 -4.647  1.000 36.961 0 146 GLU A CG    1 ? 
ATOM   1169 C CD    . GLU A 1 146 ? 6.525   -10.320 -6.090  1.000 36.190 0 146 GLU A CD    1 ? 
ATOM   1170 O OE1   . GLU A 1 146 ? 7.279   -9.888  -7.010  1.000 31.459 0 146 GLU A OE1   1 ? 
ATOM   1171 O OE2   . GLU A 1 146 ? 5.398   -10.838 -6.300  1.000 32.219 0 146 GLU A OE2   1 ? 
ATOM   1172 N N     . PHE A 1 147 ? 9.168   -12.997 -4.921  1.000 42.830 0 147 PHE A N     1 ? 
ATOM   1173 C CA    . PHE A 1 147 ? 9.219   -14.411 -4.564  1.000 47.150 0 147 PHE A CA    1 ? 
ATOM   1174 C C     . PHE A 1 147 ? 10.623  -14.923 -4.225  1.000 50.370 0 147 PHE A C     1 ? 
ATOM   1175 O O     . PHE A 1 147 ? 10.774  -16.071 -3.809  1.000 50.924 0 147 PHE A O     1 ? 
ATOM   1176 C CB    . PHE A 1 147 ? 8.711   -15.270 -5.724  1.000 51.085 0 147 PHE A CB    1 ? 
ATOM   1177 C CG    . PHE A 1 147 ? 7.217   -15.219 -5.914  1.000 55.573 0 147 PHE A CG    1 ? 
ATOM   1178 C CD1   . PHE A 1 147 ? 6.609   -14.143 -6.550  1.000 56.495 0 147 PHE A CD1   1 ? 
ATOM   1179 C CD2   . PHE A 1 147 ? 6.415   -16.229 -5.411  1.000 53.031 0 147 PHE A CD2   1 ? 
ATOM   1180 C CE1   . PHE A 1 147 ? 5.230   -14.099 -6.701  1.000 55.841 0 147 PHE A CE1   1 ? 
ATOM   1181 C CE2   . PHE A 1 147 ? 5.039   -16.180 -5.571  1.000 56.377 0 147 PHE A CE2   1 ? 
ATOM   1182 C CZ    . PHE A 1 147 ? 4.452   -15.114 -6.207  1.000 49.618 0 147 PHE A CZ    1 ? 
ATOM   1183 N N     . GLU A 1 148 ? 11.662  -14.117 -4.445  1.000 48.306 0 148 GLU A N     1 ? 
ATOM   1184 C CA    . GLU A 1 148 ? 13.019  -14.559 -4.162  1.000 49.671 0 148 GLU A CA    1 ? 
ATOM   1185 C C     . GLU A 1 148 ? 13.512  -13.847 -2.902  1.000 44.927 0 148 GLU A C     1 ? 
ATOM   1186 O O     . GLU A 1 148 ? 14.616  -14.096 -2.432  1.000 43.041 0 148 GLU A O     1 ? 
ATOM   1187 C CB    . GLU A 1 148 ? 13.890  -14.296 -5.393  1.000 55.593 0 148 GLU A CB    1 ? 
ATOM   1188 C CG    . GLU A 1 148 ? 13.286  -14.858 -6.679  1.000 58.199 0 148 GLU A CG    1 ? 
ATOM   1189 C CD    . GLU A 1 148 ? 13.742  -14.204 -7.971  1.000 58.106 0 148 GLU A CD    1 ? 
ATOM   1190 O OE1   . GLU A 1 148 ? 14.868  -13.668 -8.004  1.000 61.397 0 148 GLU A OE1   1 ? 
ATOM   1191 O OE2   . GLU A 1 148 ? 12.945  -14.194 -8.937  1.000 61.897 0 148 GLU A OE2   1 ? 
ATOM   1192 N N     . PHE A 1 149 ? 12.680  -12.958 -2.353  1.000 40.673 0 149 PHE A N     1 ? 
ATOM   1193 C CA    . PHE A 1 149 ? 13.066  -12.160 -1.207  1.000 40.562 0 149 PHE A CA    1 ? 
ATOM   1194 C C     . PHE A 1 149 ? 13.081  -13.076 0.020   1.000 44.661 0 149 PHE A C     1 ? 
ATOM   1195 O O     . PHE A 1 149 ? 12.286  -14.016 0.112   1.000 44.962 0 149 PHE A O     1 ? 
ATOM   1196 C CB    . PHE A 1 149 ? 12.124  -10.957 -1.068  1.000 41.790 0 149 PHE A CB    1 ? 
ATOM   1197 C CG    . PHE A 1 149 ? 12.144  -9.929  -2.184  1.000 40.673 0 149 PHE A CG    1 ? 
ATOM   1198 C CD1   . PHE A 1 149 ? 13.073  -9.981  -3.220  1.000 41.637 0 149 PHE A CD1   1 ? 
ATOM   1199 C CD2   . PHE A 1 149 ? 11.206  -8.894  -2.199  1.000 39.430 0 149 PHE A CD2   1 ? 
ATOM   1200 C CE1   . PHE A 1 149 ? 13.074  -9.022  -4.227  1.000 41.836 0 149 PHE A CE1   1 ? 
ATOM   1201 C CE2   . PHE A 1 149 ? 11.199  -7.945  -3.205  1.000 40.593 0 149 PHE A CE2   1 ? 
ATOM   1202 C CZ    . PHE A 1 149 ? 12.138  -8.007  -4.220  1.000 42.963 0 149 PHE A CZ    1 ? 
ATOM   1203 N N     . GLU A 1 150 ? 14.027  -12.837 0.931   1.000 43.545 0 150 GLU A N     1 ? 
ATOM   1204 C CA    . GLU A 1 150 ? 14.152  -13.635 2.143   1.000 48.974 0 150 GLU A CA    1 ? 
ATOM   1205 C C     . GLU A 1 150 ? 13.988  -12.701 3.333   1.000 44.837 0 150 GLU A C     1 ? 
ATOM   1206 O O     . GLU A 1 150 ? 14.428  -11.559 3.272   1.000 49.161 0 150 GLU A O     1 ? 
ATOM   1207 C CB    . GLU A 1 150 ? 15.512  -14.328 2.211   1.000 55.163 0 150 GLU A CB    1 ? 
ATOM   1208 C CG    . GLU A 1 150 ? 15.878  -15.063 0.935   1.000 60.259 0 150 GLU A CG    1 ? 
ATOM   1209 C CD    . GLU A 1 150 ? 17.327  -14.874 0.526   1.000 64.505 0 150 GLU A CD    1 ? 
ATOM   1210 O OE1   . GLU A 1 150 ? 17.759  -13.708 0.405   1.000 64.138 0 150 GLU A OE1   1 ? 
ATOM   1211 O OE2   . GLU A 1 150 ? 18.011  -15.886 0.320   1.000 69.175 0 150 GLU A OE2   1 ? 
ATOM   1212 N N     . PHE A 1 151 ? 13.348  -13.177 4.401   1.000 41.831 0 151 PHE A N     1 ? 
ATOM   1213 C CA    . PHE A 1 151 ? 12.961  -12.279 5.482   1.000 43.668 0 151 PHE A CA    1 ? 
ATOM   1214 C C     . PHE A 1 151 ? 13.944  -12.412 6.651   1.000 39.625 0 151 PHE A C     1 ? 
ATOM   1215 O O     . PHE A 1 151 ? 13.802  -13.443 7.301   1.000 44.950 0 151 PHE A O     1 ? 
ATOM   1216 C CB    . PHE A 1 151 ? 11.483  -12.521 5.814   1.000 39.372 0 151 PHE A CB    1 ? 
ATOM   1217 C CG    . PHE A 1 151 ? 10.567  -12.069 4.694   1.000 34.137 0 151 PHE A CG    1 ? 
ATOM   1218 C CD1   . PHE A 1 151 ? 10.518  -12.763 3.491   1.000 33.453 0 151 PHE A CD1   1 ? 
ATOM   1219 C CD2   . PHE A 1 151 ? 9.822   -10.906 4.803   1.000 33.892 0 151 PHE A CD2   1 ? 
ATOM   1220 C CE1   . PHE A 1 151 ? 9.704   -12.343 2.447   1.000 33.081 0 151 PHE A CE1   1 ? 
ATOM   1221 C CE2   . PHE A 1 151 ? 9.005   -10.487 3.759   1.000 28.369 0 151 PHE A CE2   1 ? 
ATOM   1222 C CZ    . PHE A 1 151 ? 8.971   -11.185 2.577   1.000 29.361 0 151 PHE A CZ    1 ? 
HETATM 1223 C CS    . MTA B 2 .   ? -13.063 -1.933  -0.711  1.000 53.619 0 201 MTA A CS    1 ? 
HETATM 1224 S "S5'" . MTA B 2 .   ? -12.293 -1.959  -2.340  1.000 71.157 0 201 MTA A "S5'" 1 ? 
HETATM 1225 C "C5'" . MTA B 2 .   ? -11.811 -0.234  -2.752  1.000 42.410 0 201 MTA A "C5'" 1 ? 
HETATM 1226 C "C4'" . MTA B 2 .   ? -10.306 0.080   -2.796  1.000 37.076 0 201 MTA A "C4'" 1 ? 
HETATM 1227 O "O4'" . MTA B 2 .   ? -9.608  -0.991  -3.471  1.000 32.915 0 201 MTA A "O4'" 1 ? 
HETATM 1228 C "C2'" . MTA B 2 .   ? -8.596  1.001   -4.262  1.000 32.213 0 201 MTA A "C2'" 1 ? 
HETATM 1229 O "O2'" . MTA B 2 .   ? -7.476  1.414   -3.507  1.000 27.912 0 201 MTA A "O2'" 1 ? 
HETATM 1230 C "C3'" . MTA B 2 .   ? -9.913  1.354   -3.557  1.000 35.341 0 201 MTA A "C3'" 1 ? 
HETATM 1231 O "O3'" . MTA B 2 .   ? -9.677  2.511   -2.760  1.000 33.777 0 201 MTA A "O3'" 1 ? 
HETATM 1232 C "C1'" . MTA B 2 .   ? -8.710  -0.513  -4.453  1.000 30.509 0 201 MTA A "C1'" 1 ? 
HETATM 1233 N N9    . MTA B 2 .   ? -9.214  -0.941  -5.760  1.000 27.051 0 201 MTA A N9    1 ? 
HETATM 1234 C C8    . MTA B 2 .   ? -10.424 -1.553  -6.004  1.000 28.835 0 201 MTA A C8    1 ? 
HETATM 1235 N N7    . MTA B 2 .   ? -10.617 -1.860  -7.272  1.000 26.436 0 201 MTA A N7    1 ? 
HETATM 1236 C C5    . MTA B 2 .   ? -9.436  -1.474  -7.903  1.000 26.140 0 201 MTA A C5    1 ? 
HETATM 1237 C C6    . MTA B 2 .   ? -9.020  -1.532  -9.259  1.000 26.273 0 201 MTA A C6    1 ? 
HETATM 1238 N N6    . MTA B 2 .   ? -9.748  -2.069  -10.256 1.000 21.539 0 201 MTA A N6    1 ? 
HETATM 1239 N N1    . MTA B 2 .   ? -7.779  -1.069  -9.536  1.000 23.693 0 201 MTA A N1    1 ? 
HETATM 1240 C C2    . MTA B 2 .   ? -7.051  -0.521  -8.546  1.000 23.523 0 201 MTA A C2    1 ? 
HETATM 1241 N N3    . MTA B 2 .   ? -7.354  -0.379  -7.258  1.000 26.034 0 201 MTA A N3    1 ? 
HETATM 1242 C C4    . MTA B 2 .   ? -8.578  -0.877  -6.986  1.000 27.237 0 201 MTA A C4    1 ? 
HETATM 1243 O O     . HOH C 3 .   ? 0.377   -2.067  19.813  1.000 43.287 0 301 HOH A O     1 ? 
HETATM 1244 O O     . HOH C 3 .   ? 11.044  3.130   -8.196  1.000 25.105 0 302 HOH A O     1 ? 
HETATM 1245 O O     . HOH C 3 .   ? -16.231 4.973   12.432  1.000 47.299 0 303 HOH A O     1 ? 
HETATM 1246 O O     . HOH C 3 .   ? -3.243  13.214  -9.485  1.000 39.171 0 304 HOH A O     1 ? 
HETATM 1247 O O     . HOH C 3 .   ? 2.972   -2.941  19.140  1.000 35.696 0 305 HOH A O     1 ? 
HETATM 1248 O O     . HOH C 3 .   ? 10.174  -16.246 7.140   1.000 35.148 0 306 HOH A O     1 ? 
HETATM 1249 O O     . HOH C 3 .   ? 5.843   15.042  -1.883  1.000 28.901 0 307 HOH A O     1 ? 
HETATM 1250 O O     . HOH C 3 .   ? 8.679   -6.638  3.011   1.000 17.950 0 308 HOH A O     1 ? 
HETATM 1251 O O     . HOH C 3 .   ? 10.142  -4.186  12.233  1.000 38.344 0 309 HOH A O     1 ? 
HETATM 1252 O O     . HOH C 3 .   ? 1.255   11.396  10.196  1.000 25.399 0 310 HOH A O     1 ? 
HETATM 1253 O O     . HOH C 3 .   ? 2.114   3.481   15.351  1.000 26.157 0 311 HOH A O     1 ? 
HETATM 1254 O O     . HOH C 3 .   ? 0.678   16.340  -6.057  1.000 36.089 0 312 HOH A O     1 ? 
HETATM 1255 O O     . HOH C 3 .   ? -5.267  9.724   11.517  1.000 39.666 0 313 HOH A O     1 ? 
HETATM 1256 O O     . HOH C 3 .   ? 5.225   10.838  4.051   1.000 38.567 0 314 HOH A O     1 ? 
HETATM 1257 O O     . HOH C 3 .   ? 0.395   -11.993 15.106  1.000 23.853 0 315 HOH A O     1 ? 
HETATM 1258 O O     . HOH C 3 .   ? 4.759   0.392   -18.161 1.000 38.494 0 316 HOH A O     1 ? 
HETATM 1259 O O     . HOH C 3 .   ? -10.533 5.585   8.644   1.000 30.733 0 317 HOH A O     1 ? 
HETATM 1260 O O     . HOH C 3 .   ? 10.201  -1.857  -0.426  1.000 21.358 0 318 HOH A O     1 ? 
HETATM 1261 O O     . HOH C 3 .   ? 9.210   -8.273  7.976   1.000 22.360 0 319 HOH A O     1 ? 
HETATM 1262 O O     . HOH C 3 .   ? -9.122  4.375   -4.635  1.000 24.178 0 320 HOH A O     1 ? 
HETATM 1263 O O     . HOH C 3 .   ? -14.970 -8.008  -9.931  1.000 13.700 0 321 HOH A O     1 ? 
HETATM 1264 O O     . HOH C 3 .   ? 9.185   4.195   0.732   1.000 31.109 0 322 HOH A O     1 ? 
HETATM 1265 O O     . HOH C 3 .   ? -5.516  10.695  8.579   1.000 33.169 0 323 HOH A O     1 ? 
HETATM 1266 O O     . HOH C 3 .   ? -14.137 -2.426  -5.442  1.000 31.568 0 324 HOH A O     1 ? 
HETATM 1267 O O     . HOH C 3 .   ? -6.821  -1.555  19.324  1.000 39.381 0 325 HOH A O     1 ? 
HETATM 1268 O O     . HOH C 3 .   ? -11.199 1.744   -7.025  1.000 23.151 0 326 HOH A O     1 ? 
HETATM 1269 O O     . HOH C 3 .   ? -13.927 1.753   13.628  1.000 29.151 0 327 HOH A O     1 ? 
HETATM 1270 O O     . HOH C 3 .   ? 5.781   2.808   -18.098 1.000 29.978 0 328 HOH A O     1 ? 
HETATM 1271 O O     . HOH C 3 .   ? -5.643  1.643   19.461  1.000 33.983 0 329 HOH A O     1 ? 
HETATM 1272 O O     . HOH C 3 .   ? -9.267  -0.819  18.168  1.000 39.498 0 330 HOH A O     1 ? 
HETATM 1273 O O     . HOH C 3 .   ? -3.339  -8.084  18.658  1.000 33.590 0 331 HOH A O     1 ? 
HETATM 1274 O O     . HOH C 3 .   ? 12.528  9.049   -3.768  1.000 28.279 0 332 HOH A O     1 ? 
HETATM 1275 O O     . HOH C 3 .   ? -12.466 -6.999  7.705   1.000 34.244 0 333 HOH A O     1 ? 
HETATM 1276 O O     . HOH C 3 .   ? -6.354  7.842   14.865  1.000 35.058 0 334 HOH A O     1 ? 
HETATM 1277 O O     . HOH C 3 .   ? -5.661  13.413  6.724   1.000 33.255 0 335 HOH A O     1 ? 
HETATM 1278 O O     . HOH C 3 .   ? -5.050  -2.489  -15.460 1.000 31.042 0 336 HOH A O     1 ? 
HETATM 1279 O O     . HOH C 3 .   ? -4.817  3.549   -19.217 1.000 26.270 0 337 HOH A O     1 ? 
HETATM 1280 O O     . HOH C 3 .   ? 9.139   10.615  2.629   1.000 21.280 0 338 HOH A O     1 ? 
HETATM 1281 O O     . HOH C 3 .   ? -2.759  9.544   -13.162 1.000 22.375 0 339 HOH A O     1 ? 
HETATM 1282 O O     . HOH C 3 .   ? 6.513   -2.087  13.317  1.000 26.273 0 340 HOH A O     1 ? 
HETATM 1283 O O     . HOH C 3 .   ? -2.819  -2.898  -17.073 1.000 21.247 0 341 HOH A O     1 ? 
HETATM 1284 O O     . HOH C 3 .   ? 15.046  -11.734 9.838   1.000 40.831 0 342 HOH A O     1 ? 
HETATM 1285 O O     . HOH C 3 .   ? 13.090  -16.167 3.846   1.000 49.314 0 343 HOH A O     1 ? 
HETATM 1286 O O     . HOH C 3 .   ? 12.021  -6.224  12.856  1.000 29.054 0 344 HOH A O     1 ? 
HETATM 1287 O O     . HOH C 3 .   ? -14.635 -3.297  -3.033  1.000 49.758 0 345 HOH A O     1 ? 
HETATM 1288 O O     . HOH C 3 .   ? 2.790   18.244  8.424   1.000 32.546 0 346 HOH A O     1 ? 
HETATM 1289 O O     . HOH C 3 .   ? 9.982   -7.479  5.597   1.000 30.054 0 347 HOH A O     1 ? 
HETATM 1290 O O     . HOH C 3 .   ? -13.608 -0.089  -6.618  1.000 33.968 0 348 HOH A O     1 ? 
HETATM 1291 O O     . HOH C 3 .   ? 5.121   -5.156  -15.847 1.000 49.123 0 349 HOH A O     1 ? 
HETATM 1292 O O     . HOH C 3 .   ? 7.463   -19.580 11.798  1.000 50.796 0 350 HOH A O     1 ? 
HETATM 1293 O O     . HOH C 3 .   ? -5.469  9.167   -14.177 1.000 39.075 0 351 HOH A O     1 ? 
HETATM 1294 O O     . HOH C 3 .   ? 1.682   14.285  9.873   1.000 36.480 0 352 HOH A O     1 ? 
HETATM 1295 O O     . HOH C 3 .   ? -17.049 -1.066  -16.824 1.000 39.834 0 353 HOH A O     1 ? 
# 
